data_2R6H
#
_entry.id   2R6H
#
_cell.length_a   175.681
_cell.length_b   175.681
_cell.length_c   244.292
_cell.angle_alpha   90.00
_cell.angle_beta   90.00
_cell.angle_gamma   90.00
#
_symmetry.space_group_name_H-M   'I 41 2 2'
#
loop_
_entity.id
_entity.type
_entity.pdbx_description
1 polymer 'NADH:ubiquinone oxidoreductase, Na translocating, F subunit'
2 non-polymer 'SULFATE ION'
3 non-polymer 'FLAVIN-ADENINE DINUCLEOTIDE'
4 water water
#
_entity_poly.entity_id   1
_entity_poly.type   'polypeptide(L)'
_entity_poly.pdbx_seq_one_letter_code
;SNAVFGVKEWECEVLSNKNVSTFIKEFVVKLPEGET(MSE)NFKSGSYAQIKIPKYNIRYADYDIQDRFRGDWDK(MSE)
DAWSLTCKNEEETVRAYS(MSE)ANYPAEGNIITLNVRIATPPFDRAANKWKAGIKPGISSSYIFSLKPGDKV(MSE)
(MSE)SGPYGDFHIQDTDAE(MSE)LYIGGGAG(MSE)APLRAQILHLFRTLKTGRKVSYWYGARSKNEIFYEEDFREIE
REFPNFKFHIALSDPQPEDNWTGYVGFIHQVIYDNYLKDHDAPEDIEYY(MSE)CGPGP(MSE)ANAVKG(MSE)LENLG
VPRN(MSE)LFFDDFG
;
_entity_poly.pdbx_strand_id   A,B,C,D
#
loop_
_chem_comp.id
_chem_comp.type
_chem_comp.name
_chem_comp.formula
FAD non-polymer 'FLAVIN-ADENINE DINUCLEOTIDE' 'C27 H33 N9 O15 P2'
SO4 non-polymer 'SULFATE ION' 'O4 S -2'
#
# COMPACT_ATOMS: atom_id res chain seq x y z
N GLY A 6 -32.84 4.37 -37.49
CA GLY A 6 -33.70 5.29 -36.75
C GLY A 6 -34.39 4.61 -35.58
N VAL A 7 -33.92 4.87 -34.35
CA VAL A 7 -34.37 4.16 -33.15
C VAL A 7 -34.71 5.08 -31.95
N LYS A 8 -35.32 4.48 -30.92
CA LYS A 8 -35.76 5.18 -29.69
C LYS A 8 -34.66 5.98 -29.00
N GLU A 9 -34.99 7.23 -28.63
CA GLU A 9 -34.01 8.15 -28.07
C GLU A 9 -34.55 9.11 -27.00
N TRP A 10 -33.94 9.08 -25.81
CA TRP A 10 -34.27 9.99 -24.72
C TRP A 10 -33.18 11.00 -24.48
N GLU A 11 -33.53 12.10 -23.81
CA GLU A 11 -32.50 12.94 -23.25
C GLU A 11 -32.45 12.67 -21.76
N CYS A 12 -31.27 12.37 -21.26
CA CYS A 12 -31.13 11.92 -19.89
C CYS A 12 -30.31 12.89 -19.06
N GLU A 13 -30.63 12.94 -17.78
CA GLU A 13 -29.83 13.68 -16.82
C GLU A 13 -28.75 12.79 -16.18
N VAL A 14 -27.53 13.30 -16.12
CA VAL A 14 -26.44 12.61 -15.47
C VAL A 14 -26.56 12.68 -13.95
N LEU A 15 -26.73 11.52 -13.32
CA LEU A 15 -26.76 11.44 -11.86
C LEU A 15 -25.36 11.45 -11.27
N SER A 16 -24.52 10.54 -11.77
CA SER A 16 -23.22 10.29 -11.15
C SER A 16 -22.17 9.95 -12.20
N ASN A 17 -21.07 10.71 -12.20
CA ASN A 17 -19.89 10.36 -12.98
C ASN A 17 -18.62 10.37 -12.13
N LYS A 18 -18.50 9.37 -11.24
CA LYS A 18 -17.32 9.24 -10.41
C LYS A 18 -16.43 8.09 -10.88
N ASN A 19 -15.13 8.25 -10.71
CA ASN A 19 -14.18 7.20 -11.03
C ASN A 19 -14.42 5.93 -10.20
N VAL A 20 -14.37 4.78 -10.87
CA VAL A 20 -14.61 3.51 -10.20
C VAL A 20 -13.31 2.65 -10.23
N SER A 21 -12.42 2.99 -11.16
CA SER A 21 -11.04 2.51 -11.14
C SER A 21 -10.23 3.65 -11.69
N THR A 22 -9.00 3.39 -12.11
CA THR A 22 -8.18 4.48 -12.61
C THR A 22 -8.63 5.06 -13.97
N PHE A 23 -9.12 4.18 -14.84
CA PHE A 23 -9.53 4.63 -16.15
C PHE A 23 -10.98 4.26 -16.50
N ILE A 24 -11.76 3.87 -15.51
CA ILE A 24 -13.17 3.60 -15.75
C ILE A 24 -14.06 4.41 -14.81
N LYS A 25 -14.83 5.33 -15.38
CA LYS A 25 -15.85 6.05 -14.65
C LYS A 25 -17.15 5.25 -14.67
N GLU A 26 -17.86 5.27 -13.55
CA GLU A 26 -19.19 4.72 -13.51
C GLU A 26 -20.15 5.84 -13.86
N PHE A 27 -20.64 5.81 -15.10
CA PHE A 27 -21.43 6.89 -15.67
C PHE A 27 -22.91 6.55 -15.57
N VAL A 28 -23.63 7.26 -14.73
CA VAL A 28 -25.00 6.91 -14.38
C VAL A 28 -26.00 7.98 -14.81
N VAL A 29 -26.90 7.62 -15.72
CA VAL A 29 -27.85 8.58 -16.27
C VAL A 29 -29.30 8.19 -15.96
N LYS A 30 -30.19 9.18 -15.89
CA LYS A 30 -31.60 8.91 -15.58
C LYS A 30 -32.52 9.33 -16.72
N LEU A 31 -33.51 8.50 -17.04
CA LEU A 31 -34.46 8.84 -18.10
C LEU A 31 -35.50 9.81 -17.58
N PRO A 32 -36.19 10.53 -18.50
CA PRO A 32 -37.27 11.45 -18.12
C PRO A 32 -38.28 10.73 -17.21
N GLU A 33 -38.95 11.43 -16.30
CA GLU A 33 -39.90 10.76 -15.41
C GLU A 33 -40.87 9.83 -16.13
N GLY A 34 -41.14 8.69 -15.52
CA GLY A 34 -42.04 7.70 -16.08
C GLY A 34 -41.61 7.16 -17.43
N GLU A 35 -40.37 7.41 -17.81
CA GLU A 35 -39.82 6.80 -19.01
C GLU A 35 -39.02 5.58 -18.58
N THR A 36 -38.86 4.64 -19.49
CA THR A 36 -38.17 3.38 -19.19
C THR A 36 -37.61 2.71 -20.45
N MSE A 37 -36.41 2.13 -20.32
CA MSE A 37 -35.82 1.34 -21.39
C MSE A 37 -35.91 -0.16 -21.11
O MSE A 37 -35.29 -0.67 -20.16
CB MSE A 37 -34.37 1.76 -21.65
CG MSE A 37 -33.79 1.18 -22.93
SE MSE A 37 -31.84 1.23 -22.94
CE MSE A 37 -31.56 3.17 -23.05
N ASN A 38 -36.71 -0.85 -21.91
CA ASN A 38 -36.80 -2.30 -21.88
C ASN A 38 -35.60 -2.86 -22.60
N PHE A 39 -34.77 -3.63 -21.91
CA PHE A 39 -33.64 -4.25 -22.59
C PHE A 39 -33.33 -5.63 -22.06
N LYS A 40 -32.67 -6.45 -22.86
CA LYS A 40 -32.17 -7.73 -22.37
C LYS A 40 -30.72 -7.56 -21.91
N SER A 41 -30.31 -8.29 -20.87
CA SER A 41 -29.00 -8.06 -20.23
C SER A 41 -27.83 -8.33 -21.13
N GLY A 42 -26.98 -7.33 -21.32
CA GLY A 42 -25.88 -7.48 -22.24
C GLY A 42 -26.09 -6.68 -23.51
N SER A 43 -27.25 -6.06 -23.64
CA SER A 43 -27.49 -5.13 -24.74
C SER A 43 -26.79 -3.82 -24.47
N TYR A 44 -26.64 -2.99 -25.50
CA TYR A 44 -25.95 -1.72 -25.32
C TYR A 44 -26.78 -0.56 -25.80
N ALA A 45 -26.38 0.63 -25.38
CA ALA A 45 -27.05 1.86 -25.79
C ALA A 45 -26.07 2.74 -26.57
N GLN A 46 -26.54 3.89 -27.03
CA GLN A 46 -25.68 4.77 -27.79
C GLN A 46 -25.79 6.21 -27.34
N ILE A 47 -24.65 6.84 -27.13
CA ILE A 47 -24.61 8.24 -26.74
C ILE A 47 -24.36 9.11 -27.95
N LYS A 48 -25.06 10.24 -28.02
CA LYS A 48 -24.72 11.26 -28.99
C LYS A 48 -23.59 12.08 -28.40
N ILE A 49 -22.47 12.10 -29.09
CA ILE A 49 -21.36 12.97 -28.75
C ILE A 49 -21.38 14.15 -29.73
N PRO A 50 -21.48 15.38 -29.21
CA PRO A 50 -21.61 16.58 -30.03
C PRO A 50 -20.24 17.14 -30.43
N LYS A 51 -20.25 18.22 -31.21
CA LYS A 51 -19.01 18.96 -31.43
C LYS A 51 -18.58 19.52 -30.09
N TYR A 52 -17.28 19.54 -29.83
CA TYR A 52 -16.80 19.98 -28.53
C TYR A 52 -15.29 20.07 -28.41
N ASN A 53 -14.85 20.57 -27.27
CA ASN A 53 -13.47 20.84 -27.00
C ASN A 53 -13.23 20.55 -25.53
N ILE A 54 -12.23 19.76 -25.17
CA ILE A 54 -11.91 19.66 -23.75
C ILE A 54 -10.50 19.31 -23.26
N ARG A 55 -10.05 20.06 -22.26
N ARG A 55 -10.05 20.09 -22.29
CA ARG A 55 -8.78 19.77 -21.58
CA ARG A 55 -8.89 19.77 -21.47
C ARG A 55 -8.97 18.73 -20.47
C ARG A 55 -9.12 18.54 -20.61
N TYR A 56 -8.09 17.72 -20.45
CA TYR A 56 -8.12 16.68 -19.42
C TYR A 56 -7.87 17.24 -18.00
N ALA A 57 -7.37 18.46 -17.90
CA ALA A 57 -7.09 19.03 -16.61
C ALA A 57 -8.39 19.40 -15.91
N ASP A 58 -9.49 19.22 -16.62
CA ASP A 58 -10.80 19.61 -16.13
C ASP A 58 -11.52 18.43 -15.50
N TYR A 59 -10.87 17.27 -15.49
CA TYR A 59 -11.54 16.05 -15.08
C TYR A 59 -11.61 15.92 -13.57
N ASP A 60 -12.63 15.25 -13.06
CA ASP A 60 -12.74 15.02 -11.63
C ASP A 60 -12.31 13.60 -11.30
N ILE A 61 -11.15 13.47 -10.67
CA ILE A 61 -10.60 12.17 -10.28
C ILE A 61 -10.28 12.11 -8.78
N GLN A 62 -10.76 11.08 -8.09
CA GLN A 62 -10.48 10.95 -6.65
C GLN A 62 -9.00 10.67 -6.29
N ASP A 63 -8.63 11.02 -5.07
CA ASP A 63 -7.24 10.93 -4.58
C ASP A 63 -6.52 9.66 -4.99
N ARG A 64 -7.21 8.53 -4.92
CA ARG A 64 -6.59 7.23 -5.10
C ARG A 64 -6.46 6.78 -6.55
N PHE A 65 -7.06 7.51 -7.47
CA PHE A 65 -6.95 7.18 -8.88
C PHE A 65 -6.05 8.16 -9.60
N ARG A 66 -5.85 9.32 -9.01
CA ARG A 66 -5.17 10.33 -9.79
C ARG A 66 -3.67 10.02 -9.97
N GLY A 67 -3.15 9.11 -9.13
CA GLY A 67 -1.75 8.74 -9.13
C GLY A 67 -1.13 8.37 -10.48
N ASP A 68 -1.81 7.51 -11.25
CA ASP A 68 -1.29 7.12 -12.56
C ASP A 68 -1.37 8.23 -13.59
N TRP A 69 -2.40 9.08 -13.46
CA TRP A 69 -2.58 10.24 -14.32
C TRP A 69 -1.45 11.22 -14.13
N ASP A 70 -0.93 11.33 -12.91
CA ASP A 70 0.23 12.19 -12.67
C ASP A 70 1.45 11.57 -13.35
N LYS A 71 1.62 10.27 -13.17
CA LYS A 71 2.76 9.57 -13.74
C LYS A 71 2.81 9.72 -15.24
N MSE A 72 1.72 9.40 -15.91
CA MSE A 72 1.71 9.42 -17.37
C MSE A 72 1.50 10.80 -17.98
O MSE A 72 1.49 10.95 -19.21
CB MSE A 72 0.66 8.46 -17.89
CG MSE A 72 0.81 7.05 -17.38
SE MSE A 72 -0.45 5.83 -18.25
CE MSE A 72 -0.36 4.34 -16.96
N ASP A 73 1.35 11.82 -17.13
CA ASP A 73 1.00 13.17 -17.58
C ASP A 73 -0.24 13.15 -18.48
N ALA A 74 -1.31 12.58 -17.96
CA ALA A 74 -2.55 12.48 -18.70
C ALA A 74 -3.29 13.80 -18.61
N TRP A 75 -2.96 14.60 -17.59
CA TRP A 75 -3.62 15.87 -17.38
C TRP A 75 -3.25 16.85 -18.47
N SER A 76 -2.25 16.51 -19.26
CA SER A 76 -1.82 17.39 -20.33
C SER A 76 -2.54 17.13 -21.64
N LEU A 77 -3.28 16.03 -21.72
CA LEU A 77 -4.06 15.71 -22.92
C LEU A 77 -5.18 16.74 -23.18
N THR A 78 -5.51 16.95 -24.46
CA THR A 78 -6.73 17.69 -24.84
C THR A 78 -7.41 16.96 -25.99
N CYS A 79 -8.69 17.22 -26.21
CA CYS A 79 -9.42 16.54 -27.29
C CYS A 79 -10.48 17.42 -27.96
N LYS A 80 -10.35 17.58 -29.28
CA LYS A 80 -11.29 18.36 -30.09
C LYS A 80 -12.12 17.44 -31.00
N ASN A 81 -13.43 17.51 -30.90
CA ASN A 81 -14.27 16.77 -31.84
C ASN A 81 -14.98 17.73 -32.77
N GLU A 82 -14.80 17.56 -34.07
CA GLU A 82 -15.35 18.53 -35.01
C GLU A 82 -16.53 18.02 -35.82
N GLU A 83 -17.09 16.88 -35.41
CA GLU A 83 -18.27 16.37 -36.08
C GLU A 83 -19.10 15.46 -35.18
N GLU A 84 -20.39 15.78 -35.07
CA GLU A 84 -21.30 14.99 -34.25
C GLU A 84 -21.20 13.52 -34.57
N THR A 85 -21.28 12.69 -33.54
CA THR A 85 -21.14 11.24 -33.69
C THR A 85 -21.87 10.45 -32.62
N VAL A 86 -21.84 9.14 -32.75
CA VAL A 86 -22.60 8.27 -31.87
C VAL A 86 -21.70 7.13 -31.40
N ARG A 87 -21.88 6.68 -30.16
CA ARG A 87 -20.97 5.65 -29.65
C ARG A 87 -21.67 4.64 -28.76
N ALA A 88 -21.15 3.41 -28.78
CA ALA A 88 -21.78 2.29 -28.07
C ALA A 88 -21.29 2.10 -26.63
N TYR A 89 -22.23 1.99 -25.69
CA TYR A 89 -21.88 1.60 -24.33
C TYR A 89 -22.88 0.58 -23.78
N SER A 90 -22.34 -0.48 -23.15
CA SER A 90 -23.13 -1.59 -22.64
C SER A 90 -23.80 -1.24 -21.32
N MSE A 91 -25.06 -1.66 -21.12
CA MSE A 91 -25.73 -1.49 -19.83
C MSE A 91 -25.14 -2.40 -18.77
O MSE A 91 -24.96 -3.59 -18.98
CB MSE A 91 -27.22 -1.78 -19.91
CG MSE A 91 -28.09 -0.58 -20.21
SE MSE A 91 -28.15 -0.21 -22.12
CE MSE A 91 -29.08 -1.81 -22.72
N ALA A 92 -24.91 -1.82 -17.60
CA ALA A 92 -24.20 -2.51 -16.55
C ALA A 92 -25.09 -2.84 -15.35
N ASN A 93 -26.32 -2.31 -15.39
CA ASN A 93 -27.30 -2.70 -14.40
C ASN A 93 -28.26 -3.67 -15.04
N TYR A 94 -28.98 -4.40 -14.22
CA TYR A 94 -29.92 -5.39 -14.72
C TYR A 94 -31.22 -4.73 -15.15
N PRO A 95 -31.96 -5.41 -16.03
CA PRO A 95 -33.13 -4.83 -16.71
C PRO A 95 -34.24 -4.45 -15.76
N ALA A 96 -34.14 -4.88 -14.51
CA ALA A 96 -35.17 -4.58 -13.51
C ALA A 96 -35.18 -3.09 -13.13
N GLU A 97 -34.09 -2.39 -13.43
CA GLU A 97 -34.10 -0.93 -13.27
C GLU A 97 -34.18 -0.26 -14.64
N GLY A 98 -35.31 0.39 -14.89
CA GLY A 98 -35.65 0.89 -16.20
C GLY A 98 -35.14 2.27 -16.56
N ASN A 99 -35.16 3.22 -15.63
CA ASN A 99 -34.76 4.58 -16.03
C ASN A 99 -33.54 5.18 -15.35
N ILE A 100 -32.86 4.37 -14.55
CA ILE A 100 -31.51 4.72 -14.12
C ILE A 100 -30.57 3.75 -14.82
N ILE A 101 -29.96 4.22 -15.91
CA ILE A 101 -29.05 3.39 -16.67
C ILE A 101 -27.62 3.60 -16.19
N THR A 102 -26.93 2.52 -15.87
CA THR A 102 -25.54 2.62 -15.43
C THR A 102 -24.59 2.20 -16.55
N LEU A 103 -23.54 2.98 -16.79
CA LEU A 103 -22.51 2.56 -17.74
C LEU A 103 -21.10 2.51 -17.13
N ASN A 104 -20.19 1.79 -17.78
CA ASN A 104 -18.79 1.78 -17.40
C ASN A 104 -17.96 2.26 -18.56
N VAL A 105 -17.33 3.42 -18.42
CA VAL A 105 -16.59 4.00 -19.53
C VAL A 105 -15.10 4.05 -19.31
N ARG A 106 -14.35 3.35 -20.16
CA ARG A 106 -12.90 3.42 -20.19
C ARG A 106 -12.46 4.63 -21.00
N ILE A 107 -11.73 5.54 -20.38
CA ILE A 107 -11.19 6.70 -21.10
C ILE A 107 -10.12 6.27 -22.10
N ALA A 108 -10.36 6.51 -23.38
CA ALA A 108 -9.47 6.01 -24.42
C ALA A 108 -8.29 6.93 -24.60
N THR A 109 -7.31 6.83 -23.70
CA THR A 109 -6.05 7.56 -23.84
C THR A 109 -5.35 7.08 -25.09
N PRO A 110 -4.53 7.94 -25.71
CA PRO A 110 -3.76 7.53 -26.88
C PRO A 110 -2.71 6.49 -26.54
N PRO A 111 -1.97 6.02 -27.55
CA PRO A 111 -0.86 5.07 -27.32
C PRO A 111 0.35 5.76 -26.65
N PHE A 112 1.05 5.05 -25.76
CA PHE A 112 2.21 5.65 -25.11
C PHE A 112 3.54 5.29 -25.77
N ASP A 113 4.10 6.25 -26.49
CA ASP A 113 5.36 6.09 -27.23
C ASP A 113 6.58 6.03 -26.30
N ARG A 114 6.99 4.83 -25.93
N ARG A 114 6.99 4.82 -25.93
CA ARG A 114 8.12 4.65 -25.01
CA ARG A 114 8.14 4.63 -25.03
C ARG A 114 9.42 5.32 -25.51
C ARG A 114 9.38 5.39 -25.50
N ALA A 115 9.48 5.63 -26.80
CA ALA A 115 10.68 6.22 -27.43
C ALA A 115 10.97 7.69 -27.07
N ALA A 116 9.92 8.46 -26.75
CA ALA A 116 10.09 9.84 -26.29
C ALA A 116 9.52 10.01 -24.87
N ASN A 117 9.12 8.90 -24.26
CA ASN A 117 8.36 8.83 -23.01
C ASN A 117 7.14 9.76 -22.87
N LYS A 118 6.48 10.02 -23.99
CA LYS A 118 5.27 10.81 -24.05
C LYS A 118 4.19 9.95 -24.68
N TRP A 119 3.04 10.53 -25.00
CA TRP A 119 2.03 9.82 -25.76
C TRP A 119 2.46 9.96 -27.21
N LYS A 120 2.16 8.99 -28.06
CA LYS A 120 2.55 9.13 -29.47
C LYS A 120 2.04 10.44 -30.01
N ALA A 121 2.95 11.23 -30.54
CA ALA A 121 2.71 12.64 -30.82
C ALA A 121 1.67 12.86 -31.90
N GLY A 122 0.79 13.83 -31.64
CA GLY A 122 -0.22 14.25 -32.61
C GLY A 122 -1.34 13.24 -32.82
N ILE A 123 -1.46 12.29 -31.91
CA ILE A 123 -2.54 11.32 -31.94
C ILE A 123 -3.63 11.69 -30.94
N LYS A 124 -4.86 11.83 -31.45
CA LYS A 124 -6.00 12.24 -30.64
C LYS A 124 -6.45 11.14 -29.69
N PRO A 125 -6.88 11.54 -28.47
CA PRO A 125 -7.57 10.62 -27.57
C PRO A 125 -8.95 10.31 -28.12
N GLY A 126 -9.67 9.42 -27.44
CA GLY A 126 -10.98 9.00 -27.88
C GLY A 126 -12.03 10.08 -27.79
N ILE A 127 -12.60 10.48 -28.93
CA ILE A 127 -13.50 11.63 -28.95
C ILE A 127 -14.76 11.40 -28.12
N SER A 128 -15.14 10.15 -27.94
CA SER A 128 -16.32 9.86 -27.16
C SER A 128 -16.02 9.71 -25.68
N SER A 129 -15.19 8.75 -25.34
CA SER A 129 -14.82 8.57 -23.95
C SER A 129 -14.39 9.90 -23.32
N SER A 130 -13.64 10.71 -24.08
CA SER A 130 -13.13 11.98 -23.55
C SER A 130 -14.24 12.95 -23.21
N TYR A 131 -15.35 12.90 -23.96
CA TYR A 131 -16.47 13.81 -23.69
C TYR A 131 -17.21 13.32 -22.47
N ILE A 132 -17.52 12.02 -22.43
CA ILE A 132 -18.22 11.47 -21.29
C ILE A 132 -17.47 11.78 -20.00
N PHE A 133 -16.16 11.59 -20.01
CA PHE A 133 -15.36 11.87 -18.83
C PHE A 133 -15.47 13.31 -18.35
N SER A 134 -15.89 14.22 -19.22
CA SER A 134 -15.98 15.59 -18.79
C SER A 134 -17.33 15.88 -18.15
N LEU A 135 -18.23 14.89 -18.20
CA LEU A 135 -19.61 15.11 -17.77
C LEU A 135 -19.83 15.11 -16.27
N LYS A 136 -20.80 15.87 -15.83
CA LYS A 136 -20.95 16.14 -14.41
C LYS A 136 -22.41 16.05 -14.04
N PRO A 137 -22.69 15.76 -12.75
CA PRO A 137 -24.09 15.66 -12.31
C PRO A 137 -24.84 16.91 -12.71
N GLY A 138 -25.99 16.72 -13.38
CA GLY A 138 -26.81 17.83 -13.81
C GLY A 138 -26.82 18.00 -15.31
N ASP A 139 -25.85 17.38 -15.97
CA ASP A 139 -25.73 17.52 -17.42
C ASP A 139 -26.70 16.65 -18.20
N LYS A 140 -26.86 16.94 -19.48
CA LYS A 140 -27.80 16.22 -20.33
C LYS A 140 -27.08 15.46 -21.44
N VAL A 141 -27.55 14.25 -21.71
CA VAL A 141 -27.03 13.47 -22.82
C VAL A 141 -28.17 12.89 -23.62
N MSE A 142 -27.95 12.75 -24.93
CA MSE A 142 -28.91 12.06 -25.79
C MSE A 142 -28.52 10.61 -25.87
O MSE A 142 -27.37 10.28 -26.13
CB MSE A 142 -28.90 12.65 -27.19
CG MSE A 142 -29.26 14.12 -27.23
SE MSE A 142 -31.10 14.50 -26.71
CE MSE A 142 -30.83 16.27 -25.91
N MSE A 143 -29.48 9.72 -25.64
CA MSE A 143 -29.18 8.31 -25.56
C MSE A 143 -30.25 7.46 -26.20
O MSE A 143 -31.42 7.67 -26.00
CB MSE A 143 -29.00 7.90 -24.11
CG MSE A 143 -28.33 6.57 -23.96
SE MSE A 143 -28.03 6.05 -22.12
CE MSE A 143 -29.89 5.73 -21.59
N SER A 144 -29.82 6.49 -27.00
CA SER A 144 -30.77 5.57 -27.63
C SER A 144 -30.46 4.13 -27.27
N GLY A 145 -31.47 3.28 -27.35
CA GLY A 145 -31.29 1.86 -27.11
C GLY A 145 -32.63 1.16 -27.00
N PRO A 146 -32.62 -0.16 -26.76
CA PRO A 146 -31.41 -0.97 -26.59
C PRO A 146 -30.92 -1.50 -27.94
N TYR A 147 -29.68 -1.94 -28.02
CA TYR A 147 -29.21 -2.63 -29.21
C TYR A 147 -28.53 -3.91 -28.81
N GLY A 148 -28.28 -4.79 -29.78
CA GLY A 148 -27.26 -5.81 -29.66
C GLY A 148 -27.85 -7.18 -29.41
N ASP A 149 -27.02 -8.20 -29.56
CA ASP A 149 -27.51 -9.58 -29.60
C ASP A 149 -26.92 -10.42 -28.46
N PHE A 150 -26.03 -9.80 -27.69
CA PHE A 150 -25.23 -10.53 -26.72
C PHE A 150 -26.05 -10.93 -25.50
N HIS A 151 -26.63 -12.16 -25.43
N HIS A 151 -26.61 -12.15 -25.43
CA HIS A 151 -27.60 -12.50 -24.38
CA HIS A 151 -27.50 -12.51 -24.33
C HIS A 151 -27.39 -13.92 -23.83
C HIS A 151 -27.22 -13.88 -23.74
N ILE A 152 -27.84 -14.12 -22.59
CA ILE A 152 -27.80 -15.42 -21.95
C ILE A 152 -28.54 -16.48 -22.77
N GLN A 153 -27.97 -17.67 -22.84
CA GLN A 153 -28.63 -18.79 -23.50
C GLN A 153 -29.60 -19.50 -22.58
N ASP A 154 -30.75 -19.89 -23.12
CA ASP A 154 -31.68 -20.75 -22.40
C ASP A 154 -31.15 -22.18 -22.32
N THR A 155 -30.27 -22.43 -21.34
CA THR A 155 -29.80 -23.77 -21.05
C THR A 155 -29.81 -24.02 -19.55
N ASP A 156 -29.54 -25.27 -19.15
CA ASP A 156 -29.16 -25.57 -17.77
C ASP A 156 -27.65 -25.64 -17.61
N ALA A 157 -26.95 -25.32 -18.69
CA ALA A 157 -25.49 -25.50 -18.75
C ALA A 157 -24.71 -24.72 -17.68
N GLU A 158 -23.50 -25.17 -17.35
CA GLU A 158 -22.66 -24.35 -16.49
C GLU A 158 -22.25 -23.09 -17.22
N MSE A 159 -22.19 -21.98 -16.50
CA MSE A 159 -21.70 -20.75 -17.08
C MSE A 159 -20.36 -20.36 -16.45
O MSE A 159 -20.17 -20.47 -15.23
CB MSE A 159 -22.69 -19.62 -16.87
CG MSE A 159 -24.15 -20.03 -16.98
SE MSE A 159 -25.39 -18.51 -17.20
CE MSE A 159 -26.80 -19.07 -15.96
N LEU A 160 -19.44 -19.92 -17.30
CA LEU A 160 -18.18 -19.34 -16.84
C LEU A 160 -18.00 -17.96 -17.47
N TYR A 161 -18.04 -16.92 -16.65
CA TYR A 161 -17.86 -15.55 -17.11
C TYR A 161 -16.40 -15.11 -17.00
N ILE A 162 -15.90 -14.49 -18.05
CA ILE A 162 -14.52 -14.02 -18.07
C ILE A 162 -14.51 -12.54 -18.40
N GLY A 163 -14.26 -11.67 -17.44
CA GLY A 163 -14.25 -10.26 -17.73
C GLY A 163 -12.89 -9.61 -17.61
N GLY A 164 -12.69 -8.53 -18.35
CA GLY A 164 -11.51 -7.68 -18.20
C GLY A 164 -11.84 -6.23 -18.50
N GLY A 165 -11.25 -5.29 -17.75
CA GLY A 165 -11.47 -3.87 -18.02
C GLY A 165 -12.94 -3.50 -17.99
N ALA A 166 -13.33 -2.54 -18.83
CA ALA A 166 -14.69 -2.04 -18.84
C ALA A 166 -15.68 -3.09 -19.33
N GLY A 167 -15.16 -4.27 -19.66
CA GLY A 167 -15.98 -5.40 -20.00
C GLY A 167 -16.77 -5.92 -18.81
N MSE A 168 -16.63 -5.25 -17.67
CA MSE A 168 -17.45 -5.55 -16.51
C MSE A 168 -18.93 -5.35 -16.81
O MSE A 168 -19.79 -5.98 -16.20
CB MSE A 168 -17.03 -4.67 -15.32
CG MSE A 168 -16.47 -5.45 -14.15
SE MSE A 168 -17.85 -6.31 -13.08
CE MSE A 168 -16.73 -7.11 -11.70
N ALA A 169 -19.23 -4.46 -17.75
CA ALA A 169 -20.56 -3.87 -17.86
C ALA A 169 -21.60 -4.93 -18.24
N PRO A 170 -21.35 -5.62 -19.35
CA PRO A 170 -22.31 -6.59 -19.88
C PRO A 170 -22.45 -7.79 -18.95
N LEU A 171 -21.32 -8.33 -18.48
CA LEU A 171 -21.34 -9.47 -17.58
C LEU A 171 -22.16 -9.17 -16.33
N ARG A 172 -21.85 -8.04 -15.69
CA ARG A 172 -22.51 -7.67 -14.43
C ARG A 172 -24.02 -7.56 -14.62
N ALA A 173 -24.43 -7.01 -15.76
CA ALA A 173 -25.84 -6.92 -16.11
C ALA A 173 -26.47 -8.31 -16.22
N GLN A 174 -25.79 -9.21 -16.90
CA GLN A 174 -26.25 -10.59 -17.03
C GLN A 174 -26.24 -11.33 -15.68
N ILE A 175 -25.14 -11.20 -14.93
CA ILE A 175 -25.04 -11.86 -13.63
C ILE A 175 -26.05 -11.33 -12.62
N LEU A 176 -26.23 -10.02 -12.60
CA LEU A 176 -27.26 -9.43 -11.75
C LEU A 176 -28.64 -9.93 -12.17
N HIS A 177 -28.87 -10.08 -13.46
CA HIS A 177 -30.16 -10.52 -13.89
C HIS A 177 -30.37 -11.96 -13.46
N LEU A 178 -29.35 -12.78 -13.71
CA LEU A 178 -29.38 -14.19 -13.37
C LEU A 178 -29.69 -14.45 -11.90
N PHE A 179 -29.23 -13.59 -11.00
CA PHE A 179 -29.33 -13.87 -9.57
C PHE A 179 -30.26 -12.95 -8.78
N ARG A 180 -30.35 -11.68 -9.17
CA ARG A 180 -31.26 -10.77 -8.46
C ARG A 180 -32.72 -10.92 -8.90
N THR A 181 -32.95 -11.13 -10.20
CA THR A 181 -34.31 -11.30 -10.66
C THR A 181 -34.71 -12.74 -10.98
N LEU A 182 -33.92 -13.45 -11.75
CA LEU A 182 -34.28 -14.83 -12.04
C LEU A 182 -34.10 -15.74 -10.82
N LYS A 183 -33.10 -15.46 -9.98
CA LYS A 183 -32.76 -16.32 -8.86
C LYS A 183 -32.48 -17.73 -9.37
N THR A 184 -31.51 -17.82 -10.27
CA THR A 184 -31.23 -19.06 -11.00
C THR A 184 -30.60 -20.15 -10.17
N GLY A 185 -30.71 -21.37 -10.67
CA GLY A 185 -30.14 -22.51 -10.00
C GLY A 185 -29.00 -23.06 -10.82
N ARG A 186 -28.69 -22.38 -11.92
CA ARG A 186 -27.54 -22.72 -12.73
C ARG A 186 -26.25 -22.51 -11.93
N LYS A 187 -25.19 -23.23 -12.30
CA LYS A 187 -23.88 -23.02 -11.72
C LYS A 187 -23.11 -21.96 -12.51
N VAL A 188 -22.60 -20.96 -11.82
CA VAL A 188 -22.10 -19.77 -12.48
C VAL A 188 -20.85 -19.24 -11.80
N SER A 189 -19.74 -19.18 -12.53
CA SER A 189 -18.56 -18.53 -12.00
C SER A 189 -18.23 -17.28 -12.83
N TYR A 190 -17.70 -16.26 -12.19
CA TYR A 190 -17.24 -15.06 -12.89
C TYR A 190 -15.78 -14.82 -12.53
N TRP A 191 -14.91 -14.85 -13.53
CA TRP A 191 -13.49 -14.61 -13.32
C TRP A 191 -13.10 -13.28 -13.93
N TYR A 192 -12.87 -12.27 -13.11
CA TYR A 192 -12.53 -10.95 -13.64
C TYR A 192 -11.05 -10.62 -13.44
N GLY A 193 -10.38 -10.20 -14.50
CA GLY A 193 -8.97 -9.86 -14.39
C GLY A 193 -8.70 -8.36 -14.36
N ALA A 194 -7.95 -7.92 -13.36
CA ALA A 194 -7.58 -6.53 -13.26
C ALA A 194 -6.07 -6.43 -13.08
N ARG A 195 -5.47 -5.30 -13.45
CA ARG A 195 -4.02 -5.22 -13.33
C ARG A 195 -3.56 -5.27 -11.87
N SER A 196 -4.19 -4.50 -10.98
CA SER A 196 -3.85 -4.53 -9.55
C SER A 196 -5.05 -4.35 -8.61
N LYS A 197 -4.83 -4.48 -7.31
CA LYS A 197 -5.93 -4.37 -6.36
C LYS A 197 -6.75 -3.09 -6.48
N ASN A 198 -6.09 -1.97 -6.77
CA ASN A 198 -6.76 -0.67 -6.82
C ASN A 198 -7.79 -0.59 -7.94
N GLU A 199 -7.65 -1.46 -8.93
CA GLU A 199 -8.46 -1.41 -10.13
C GLU A 199 -9.71 -2.28 -10.11
N ILE A 200 -9.98 -2.91 -8.97
CA ILE A 200 -11.17 -3.73 -8.85
C ILE A 200 -12.37 -2.86 -8.51
N PHE A 201 -13.52 -3.19 -9.05
CA PHE A 201 -14.76 -2.54 -8.64
C PHE A 201 -15.95 -3.49 -8.74
N TYR A 202 -17.01 -3.17 -8.01
CA TYR A 202 -18.23 -3.99 -7.92
C TYR A 202 -18.03 -5.26 -7.12
N GLU A 203 -16.94 -5.36 -6.37
CA GLU A 203 -16.65 -6.62 -5.69
C GLU A 203 -17.72 -7.02 -4.69
N GLU A 204 -18.14 -6.09 -3.85
CA GLU A 204 -19.09 -6.45 -2.80
C GLU A 204 -20.41 -6.94 -3.39
N ASP A 205 -20.88 -6.29 -4.44
CA ASP A 205 -22.06 -6.76 -5.20
C ASP A 205 -22.02 -8.27 -5.36
N PHE A 206 -20.88 -8.78 -5.77
CA PHE A 206 -20.70 -10.21 -6.02
C PHE A 206 -20.50 -11.05 -4.73
N ARG A 207 -19.76 -10.52 -3.75
CA ARG A 207 -19.63 -11.21 -2.46
C ARG A 207 -21.01 -11.46 -1.84
N GLU A 208 -21.89 -10.48 -1.99
CA GLU A 208 -23.28 -10.63 -1.56
C GLU A 208 -23.94 -11.83 -2.23
N ILE A 209 -23.92 -11.81 -3.55
CA ILE A 209 -24.54 -12.89 -4.30
C ILE A 209 -24.00 -14.25 -3.89
N GLU A 210 -22.68 -14.40 -3.85
CA GLU A 210 -22.15 -15.72 -3.53
C GLU A 210 -22.52 -16.17 -2.10
N ARG A 211 -22.83 -15.23 -1.22
CA ARG A 211 -23.32 -15.56 0.11
C ARG A 211 -24.75 -16.12 0.12
N GLU A 212 -25.53 -15.75 -0.89
CA GLU A 212 -26.91 -16.19 -1.01
C GLU A 212 -27.06 -17.40 -1.91
N PHE A 213 -26.15 -17.56 -2.87
CA PHE A 213 -26.22 -18.67 -3.82
C PHE A 213 -24.93 -19.47 -3.84
N PRO A 214 -24.98 -20.68 -3.30
CA PRO A 214 -23.87 -21.63 -3.38
C PRO A 214 -23.40 -21.84 -4.81
N ASN A 215 -24.29 -21.62 -5.78
CA ASN A 215 -24.00 -21.94 -7.17
C ASN A 215 -23.27 -20.83 -7.94
N PHE A 216 -22.90 -19.77 -7.23
CA PHE A 216 -22.14 -18.70 -7.86
C PHE A 216 -20.81 -18.46 -7.17
N LYS A 217 -19.74 -18.35 -7.96
CA LYS A 217 -18.43 -18.00 -7.42
C LYS A 217 -17.81 -16.86 -8.22
N PHE A 218 -17.09 -16.00 -7.51
CA PHE A 218 -16.46 -14.85 -8.12
C PHE A 218 -15.00 -14.87 -7.74
N HIS A 219 -14.12 -14.80 -8.74
CA HIS A 219 -12.69 -14.77 -8.48
C HIS A 219 -12.06 -13.58 -9.16
N ILE A 220 -11.20 -12.88 -8.44
CA ILE A 220 -10.39 -11.81 -9.01
C ILE A 220 -8.97 -12.31 -9.27
N ALA A 221 -8.37 -11.90 -10.38
CA ALA A 221 -6.98 -12.26 -10.67
C ALA A 221 -6.23 -11.03 -11.10
N LEU A 222 -5.12 -10.75 -10.42
CA LEU A 222 -4.39 -9.54 -10.72
C LEU A 222 -3.20 -9.87 -11.61
N SER A 223 -3.02 -9.11 -12.69
CA SER A 223 -1.92 -9.38 -13.60
C SER A 223 -0.58 -8.75 -13.16
N ASP A 224 -0.62 -7.52 -12.64
CA ASP A 224 0.58 -6.86 -12.15
C ASP A 224 0.35 -6.33 -10.73
N PRO A 225 0.15 -7.23 -9.75
CA PRO A 225 -0.16 -6.77 -8.39
C PRO A 225 0.91 -5.83 -7.86
N GLN A 226 0.51 -4.80 -7.12
CA GLN A 226 1.44 -3.85 -6.53
C GLN A 226 1.68 -4.19 -5.06
N PRO A 227 2.93 -3.99 -4.59
CA PRO A 227 3.34 -4.26 -3.21
C PRO A 227 2.31 -3.84 -2.16
N GLU A 228 1.63 -2.74 -2.38
CA GLU A 228 0.65 -2.25 -1.41
C GLU A 228 -0.62 -3.08 -1.35
N ASP A 229 -0.75 -4.05 -2.24
CA ASP A 229 -2.02 -4.78 -2.34
C ASP A 229 -2.14 -5.84 -1.26
N ASN A 230 -0.98 -6.28 -0.74
CA ASN A 230 -0.95 -7.35 0.24
C ASN A 230 -1.75 -8.51 -0.28
N TRP A 231 -1.44 -8.89 -1.52
CA TRP A 231 -2.33 -9.73 -2.31
C TRP A 231 -2.05 -11.22 -2.21
N THR A 232 -3.03 -11.92 -1.64
CA THR A 232 -2.94 -13.33 -1.30
C THR A 232 -3.59 -14.22 -2.37
N GLY A 233 -4.37 -13.61 -3.26
CA GLY A 233 -5.17 -14.35 -4.22
C GLY A 233 -4.54 -14.60 -5.57
N TYR A 234 -5.33 -15.10 -6.52
CA TYR A 234 -4.80 -15.49 -7.83
C TYR A 234 -4.03 -14.37 -8.49
N VAL A 235 -3.04 -14.75 -9.28
CA VAL A 235 -2.20 -13.77 -9.94
C VAL A 235 -1.76 -14.22 -11.32
N GLY A 236 -1.92 -13.37 -12.32
CA GLY A 236 -1.45 -13.66 -13.66
C GLY A 236 -2.44 -13.32 -14.75
N PHE A 237 -2.27 -13.92 -15.92
CA PHE A 237 -3.26 -13.73 -16.99
C PHE A 237 -4.58 -14.43 -16.67
N ILE A 238 -5.71 -13.82 -17.05
CA ILE A 238 -6.99 -14.40 -16.69
C ILE A 238 -7.15 -15.84 -17.20
N HIS A 239 -6.81 -16.09 -18.46
CA HIS A 239 -6.94 -17.42 -19.04
C HIS A 239 -6.02 -18.44 -18.32
N GLN A 240 -4.82 -17.97 -17.97
CA GLN A 240 -3.89 -18.80 -17.24
C GLN A 240 -4.49 -19.15 -15.88
N VAL A 241 -4.96 -18.13 -15.16
CA VAL A 241 -5.59 -18.33 -13.87
C VAL A 241 -6.77 -19.29 -13.97
N ILE A 242 -7.63 -19.07 -14.95
CA ILE A 242 -8.83 -19.86 -15.12
C ILE A 242 -8.50 -21.32 -15.42
N TYR A 243 -7.53 -21.53 -16.30
CA TYR A 243 -7.14 -22.87 -16.70
C TYR A 243 -6.40 -23.59 -15.58
N ASP A 244 -5.45 -22.90 -14.94
CA ASP A 244 -4.61 -23.50 -13.93
C ASP A 244 -5.44 -24.11 -12.80
N ASN A 245 -6.47 -23.38 -12.38
CA ASN A 245 -7.16 -23.68 -11.13
C ASN A 245 -8.42 -24.51 -11.35
N TYR A 246 -9.23 -24.09 -12.31
CA TYR A 246 -10.59 -24.62 -12.46
C TYR A 246 -10.65 -25.62 -13.61
N LEU A 247 -10.30 -25.15 -14.81
CA LEU A 247 -10.56 -25.92 -16.03
C LEU A 247 -9.70 -27.18 -16.08
N LYS A 248 -8.40 -27.01 -15.95
CA LYS A 248 -7.47 -28.13 -16.02
C LYS A 248 -8.05 -29.37 -15.36
N ASP A 249 -8.53 -29.22 -14.13
CA ASP A 249 -9.05 -30.34 -13.36
C ASP A 249 -10.55 -30.61 -13.57
N HIS A 250 -11.18 -29.92 -14.51
CA HIS A 250 -12.62 -30.05 -14.69
C HIS A 250 -12.94 -31.26 -15.56
N ASP A 251 -14.04 -31.94 -15.24
N ASP A 251 -14.05 -31.91 -15.22
CA ASP A 251 -14.35 -33.19 -15.94
CA ASP A 251 -14.44 -33.18 -15.86
C ASP A 251 -14.71 -32.98 -17.40
C ASP A 251 -14.83 -33.04 -17.34
N ALA A 252 -15.41 -31.89 -17.70
CA ALA A 252 -15.83 -31.62 -19.08
C ALA A 252 -15.94 -30.14 -19.42
N PRO A 253 -14.82 -29.52 -19.79
CA PRO A 253 -14.80 -28.08 -20.10
C PRO A 253 -15.67 -27.75 -21.30
N GLU A 254 -16.06 -28.75 -22.07
CA GLU A 254 -16.74 -28.51 -23.34
C GLU A 254 -18.26 -28.40 -23.21
N ASP A 255 -18.74 -28.55 -21.98
CA ASP A 255 -20.16 -28.48 -21.68
C ASP A 255 -20.50 -27.15 -21.06
N ILE A 256 -19.50 -26.27 -21.04
CA ILE A 256 -19.66 -25.00 -20.39
C ILE A 256 -19.98 -23.96 -21.45
N GLU A 257 -20.80 -22.98 -21.08
CA GLU A 257 -20.98 -21.80 -21.91
C GLU A 257 -20.06 -20.76 -21.34
N TYR A 258 -19.31 -20.12 -22.22
CA TYR A 258 -18.32 -19.10 -21.85
C TYR A 258 -18.82 -17.72 -22.25
N TYR A 259 -19.12 -16.88 -21.28
CA TYR A 259 -19.47 -15.51 -21.60
C TYR A 259 -18.30 -14.62 -21.25
N MSE A 260 -17.65 -14.04 -22.23
CA MSE A 260 -16.56 -13.13 -21.92
C MSE A 260 -16.74 -11.78 -22.58
O MSE A 260 -17.34 -11.66 -23.63
CB MSE A 260 -15.22 -13.73 -22.29
CG MSE A 260 -14.69 -13.32 -23.65
SE MSE A 260 -12.94 -14.12 -23.98
CE MSE A 260 -12.14 -13.78 -22.25
N CYS A 261 -16.23 -10.75 -21.90
CA CYS A 261 -16.08 -9.44 -22.51
C CYS A 261 -14.85 -8.77 -21.94
N GLY A 262 -13.99 -8.30 -22.84
CA GLY A 262 -12.77 -7.64 -22.45
C GLY A 262 -11.94 -7.35 -23.70
N PRO A 263 -10.72 -6.84 -23.51
CA PRO A 263 -9.87 -6.32 -24.57
C PRO A 263 -9.32 -7.41 -25.50
N GLY A 264 -8.85 -7.02 -26.68
CA GLY A 264 -8.43 -7.97 -27.70
C GLY A 264 -7.41 -9.00 -27.28
N PRO A 265 -6.34 -8.55 -26.59
CA PRO A 265 -5.36 -9.53 -26.11
C PRO A 265 -5.98 -10.56 -25.15
N MSE A 266 -6.71 -10.09 -24.16
CA MSE A 266 -7.33 -10.99 -23.18
C MSE A 266 -8.25 -12.02 -23.86
O MSE A 266 -8.16 -13.22 -23.59
CB MSE A 266 -8.08 -10.19 -22.12
CG MSE A 266 -8.56 -11.02 -20.95
SE MSE A 266 -10.34 -10.49 -20.38
CE MSE A 266 -11.24 -10.65 -22.09
N ALA A 267 -9.12 -11.55 -24.74
CA ALA A 267 -9.98 -12.43 -25.52
C ALA A 267 -9.18 -13.42 -26.39
N ASN A 268 -8.26 -12.92 -27.21
CA ASN A 268 -7.52 -13.83 -28.07
C ASN A 268 -6.78 -14.92 -27.29
N ALA A 269 -6.09 -14.54 -26.22
CA ALA A 269 -5.41 -15.51 -25.38
C ALA A 269 -6.35 -16.55 -24.77
N VAL A 270 -7.57 -16.15 -24.43
CA VAL A 270 -8.60 -17.12 -24.02
C VAL A 270 -9.02 -18.06 -25.17
N LYS A 271 -9.22 -17.47 -26.34
CA LYS A 271 -9.60 -18.24 -27.52
C LYS A 271 -8.57 -19.32 -27.79
N GLY A 272 -7.31 -18.91 -27.91
CA GLY A 272 -6.22 -19.85 -28.12
C GLY A 272 -6.16 -20.93 -27.06
N MSE A 273 -6.47 -20.57 -25.82
CA MSE A 273 -6.43 -21.52 -24.72
C MSE A 273 -7.54 -22.56 -24.89
O MSE A 273 -7.27 -23.75 -24.96
CB MSE A 273 -6.55 -20.80 -23.38
CG MSE A 273 -6.28 -21.64 -22.15
SE MSE A 273 -7.87 -22.01 -21.06
CE MSE A 273 -8.81 -20.28 -21.08
N LEU A 274 -8.78 -22.09 -24.98
CA LEU A 274 -9.91 -22.97 -25.26
C LEU A 274 -9.67 -23.92 -26.44
N GLU A 275 -9.12 -23.38 -27.52
CA GLU A 275 -8.85 -24.15 -28.74
C GLU A 275 -8.02 -25.41 -28.51
N ASN A 276 -6.89 -25.22 -27.83
CA ASN A 276 -6.02 -26.33 -27.43
C ASN A 276 -6.77 -27.26 -26.51
N LEU A 277 -7.57 -26.67 -25.61
CA LEU A 277 -8.33 -27.44 -24.63
C LEU A 277 -9.45 -28.29 -25.29
N GLY A 278 -9.67 -28.08 -26.58
CA GLY A 278 -10.66 -28.85 -27.30
C GLY A 278 -12.11 -28.41 -27.06
N VAL A 279 -12.29 -27.17 -26.59
CA VAL A 279 -13.62 -26.58 -26.46
C VAL A 279 -14.00 -25.99 -27.81
N PRO A 280 -15.17 -26.39 -28.31
CA PRO A 280 -15.71 -26.05 -29.64
C PRO A 280 -16.12 -24.58 -29.67
N ARG A 281 -15.94 -23.92 -30.81
CA ARG A 281 -16.12 -22.48 -30.90
C ARG A 281 -17.50 -21.99 -30.45
N ASN A 282 -18.53 -22.79 -30.73
CA ASN A 282 -19.90 -22.38 -30.43
C ASN A 282 -20.28 -22.42 -28.94
N MSE A 283 -19.30 -22.58 -28.07
CA MSE A 283 -19.56 -22.64 -26.65
C MSE A 283 -19.01 -21.38 -26.01
O MSE A 283 -19.06 -21.19 -24.79
CB MSE A 283 -18.90 -23.88 -26.06
CG MSE A 283 -19.61 -25.17 -26.40
SE MSE A 283 -21.49 -25.15 -25.86
CE MSE A 283 -21.85 -27.09 -25.66
N LEU A 284 -18.50 -20.51 -26.85
CA LEU A 284 -17.90 -19.25 -26.44
C LEU A 284 -18.77 -18.10 -26.93
N PHE A 285 -19.18 -17.22 -26.04
CA PHE A 285 -19.99 -16.06 -26.41
C PHE A 285 -19.24 -14.77 -26.09
N PHE A 286 -18.71 -14.13 -27.14
CA PHE A 286 -17.86 -12.96 -26.96
C PHE A 286 -18.51 -11.64 -27.41
N ASP A 287 -18.57 -10.67 -26.50
CA ASP A 287 -18.99 -9.31 -26.82
C ASP A 287 -17.75 -8.47 -27.12
N ASP A 288 -17.63 -8.09 -28.40
CA ASP A 288 -16.48 -7.40 -28.92
C ASP A 288 -16.64 -5.88 -28.83
N PHE A 289 -15.81 -5.24 -28.03
CA PHE A 289 -15.87 -3.78 -27.91
C PHE A 289 -15.21 -3.10 -29.12
N GLY A 290 -14.74 -3.91 -30.07
CA GLY A 290 -14.14 -3.39 -31.29
C GLY A 290 -12.64 -3.16 -31.22
N VAL B 4 5.65 -55.24 26.42
CA VAL B 4 4.25 -55.50 26.07
C VAL B 4 3.31 -54.67 26.95
N PHE B 5 3.18 -53.39 26.62
CA PHE B 5 2.60 -52.42 27.55
C PHE B 5 1.76 -51.39 26.81
N GLY B 6 0.70 -51.86 26.14
CA GLY B 6 -0.08 -51.02 25.27
C GLY B 6 -1.26 -51.74 24.65
N VAL B 7 -1.72 -51.25 23.51
CA VAL B 7 -3.00 -51.70 22.95
C VAL B 7 -2.85 -53.03 22.23
N LYS B 8 -2.03 -53.06 21.19
CA LYS B 8 -1.60 -54.31 20.58
C LYS B 8 -0.53 -54.06 19.52
N GLU B 9 0.50 -54.90 19.52
CA GLU B 9 1.67 -54.68 18.68
C GLU B 9 1.60 -55.51 17.40
N TRP B 10 2.54 -55.26 16.49
CA TRP B 10 2.66 -56.06 15.29
C TRP B 10 4.10 -56.08 14.77
N GLU B 11 4.52 -57.21 14.23
CA GLU B 11 5.68 -57.26 13.35
C GLU B 11 5.31 -56.84 11.93
N CYS B 12 5.81 -55.68 11.51
CA CYS B 12 5.36 -55.05 10.27
C CYS B 12 6.45 -55.05 9.23
N GLU B 13 6.05 -54.96 7.96
CA GLU B 13 7.00 -54.99 6.85
C GLU B 13 6.92 -53.70 6.03
N VAL B 14 8.06 -53.07 5.81
CA VAL B 14 8.12 -51.84 5.02
C VAL B 14 7.85 -52.11 3.56
N LEU B 15 6.84 -51.45 3.01
CA LEU B 15 6.47 -51.61 1.61
C LEU B 15 7.19 -50.59 0.73
N SER B 16 7.16 -49.33 1.15
CA SER B 16 7.78 -48.25 0.37
C SER B 16 8.16 -47.09 1.28
N ASN B 17 9.42 -46.67 1.21
CA ASN B 17 9.89 -45.51 1.94
C ASN B 17 10.39 -44.40 1.02
N LYS B 18 9.50 -43.90 0.17
CA LYS B 18 9.90 -42.97 -0.88
C LYS B 18 9.54 -41.53 -0.49
N ASN B 19 10.40 -40.59 -0.88
CA ASN B 19 10.14 -39.18 -0.64
C ASN B 19 8.90 -38.68 -1.37
N VAL B 20 8.07 -37.91 -0.67
CA VAL B 20 6.85 -37.37 -1.26
C VAL B 20 6.90 -35.85 -1.33
N SER B 21 7.59 -35.24 -0.38
CA SER B 21 8.19 -33.92 -0.59
C SER B 21 9.70 -33.95 -0.32
N THR B 22 10.30 -32.77 -0.25
CA THR B 22 11.74 -32.65 -0.04
C THR B 22 12.16 -33.34 1.26
N PHE B 23 11.38 -33.10 2.32
CA PHE B 23 11.71 -33.63 3.63
C PHE B 23 10.64 -34.52 4.24
N ILE B 24 9.63 -34.91 3.47
CA ILE B 24 8.62 -35.84 4.01
C ILE B 24 8.61 -37.15 3.26
N LYS B 25 8.62 -38.27 3.99
CA LYS B 25 8.52 -39.55 3.32
C LYS B 25 7.15 -40.18 3.49
N GLU B 26 6.71 -40.92 2.49
CA GLU B 26 5.51 -41.74 2.62
C GLU B 26 5.97 -43.12 3.07
N PHE B 27 5.87 -43.36 4.38
CA PHE B 27 6.35 -44.57 5.01
C PHE B 27 5.20 -45.54 5.08
N VAL B 28 5.19 -46.49 4.15
CA VAL B 28 4.09 -47.45 4.06
C VAL B 28 4.48 -48.81 4.60
N VAL B 29 3.71 -49.27 5.59
CA VAL B 29 4.01 -50.53 6.25
C VAL B 29 2.83 -51.51 6.14
N LYS B 30 3.10 -52.81 6.28
CA LYS B 30 2.05 -53.82 6.20
C LYS B 30 1.99 -54.66 7.48
N LEU B 31 0.80 -55.11 7.86
CA LEU B 31 0.65 -56.00 9.02
C LEU B 31 0.73 -57.47 8.59
N PRO B 32 0.94 -58.39 9.56
CA PRO B 32 0.93 -59.81 9.17
C PRO B 32 -0.34 -60.15 8.40
N GLU B 33 -0.29 -61.17 7.53
CA GLU B 33 -1.46 -61.50 6.72
C GLU B 33 -2.67 -61.85 7.57
N GLY B 34 -3.84 -61.42 7.11
CA GLY B 34 -5.07 -61.67 7.82
C GLY B 34 -5.12 -60.83 9.08
N GLU B 35 -4.49 -59.67 9.02
CA GLU B 35 -4.47 -58.75 10.15
C GLU B 35 -5.10 -57.41 9.81
N THR B 36 -5.82 -56.85 10.77
CA THR B 36 -6.45 -55.57 10.58
C THR B 36 -6.25 -54.77 11.84
N MSE B 37 -5.88 -53.49 11.69
CA MSE B 37 -5.97 -52.55 12.78
C MSE B 37 -7.23 -51.72 12.58
O MSE B 37 -7.48 -51.21 11.49
CB MSE B 37 -4.75 -51.63 12.84
CG MSE B 37 -4.78 -50.70 14.03
SE MSE B 37 -3.70 -49.07 13.81
CE MSE B 37 -1.91 -49.82 13.97
N ASN B 38 -8.01 -51.60 13.65
CA ASN B 38 -9.26 -50.83 13.59
C ASN B 38 -9.14 -49.48 14.28
N PHE B 39 -9.03 -48.41 13.48
CA PHE B 39 -8.90 -47.07 14.02
C PHE B 39 -9.97 -46.15 13.46
N LYS B 40 -10.17 -45.01 14.13
CA LYS B 40 -10.93 -43.91 13.55
C LYS B 40 -10.01 -42.87 12.91
N SER B 41 -10.49 -42.19 11.89
CA SER B 41 -9.68 -41.27 11.11
C SER B 41 -9.15 -40.13 11.97
N GLY B 42 -7.84 -40.09 12.15
CA GLY B 42 -7.21 -39.06 12.96
C GLY B 42 -6.54 -39.63 14.21
N SER B 43 -6.72 -40.94 14.43
CA SER B 43 -5.91 -41.66 15.38
C SER B 43 -4.49 -41.88 14.85
N TYR B 44 -3.60 -42.35 15.72
CA TYR B 44 -2.19 -42.45 15.39
C TYR B 44 -1.56 -43.69 16.02
N ALA B 45 -0.29 -43.92 15.69
CA ALA B 45 0.39 -45.15 16.10
C ALA B 45 1.76 -44.86 16.70
N GLN B 46 2.38 -45.88 17.27
CA GLN B 46 3.71 -45.74 17.82
C GLN B 46 4.66 -46.70 17.14
N ILE B 47 5.96 -46.45 17.30
CA ILE B 47 6.97 -47.26 16.65
C ILE B 47 8.19 -47.46 17.55
N LYS B 48 8.67 -48.70 17.65
CA LYS B 48 9.89 -48.98 18.36
C LYS B 48 11.05 -48.53 17.49
N ILE B 49 11.80 -47.55 17.97
CA ILE B 49 13.13 -47.26 17.42
C ILE B 49 14.16 -48.05 18.22
N PRO B 50 14.95 -48.90 17.55
CA PRO B 50 15.95 -49.68 18.28
C PRO B 50 17.25 -48.91 18.37
N LYS B 51 18.24 -49.46 19.07
CA LYS B 51 19.59 -48.94 18.94
C LYS B 51 19.88 -48.90 17.44
N TYR B 52 20.58 -47.89 16.97
CA TYR B 52 20.99 -47.86 15.57
C TYR B 52 22.12 -46.88 15.34
N ASN B 53 22.70 -46.98 14.16
CA ASN B 53 23.70 -46.03 13.71
C ASN B 53 23.55 -45.90 12.21
N ILE B 54 23.38 -44.67 11.73
CA ILE B 54 23.16 -44.46 10.30
C ILE B 54 23.83 -43.20 9.81
N ARG B 55 24.14 -43.15 8.52
CA ARG B 55 24.57 -41.92 7.88
C ARG B 55 23.48 -41.43 6.94
N TYR B 56 23.33 -40.11 6.84
CA TYR B 56 22.33 -39.54 5.97
C TYR B 56 22.73 -39.77 4.52
N ALA B 57 24.00 -40.08 4.33
CA ALA B 57 24.52 -40.35 3.00
C ALA B 57 23.91 -41.61 2.39
N ASP B 58 23.31 -42.45 3.22
CA ASP B 58 22.75 -43.72 2.77
C ASP B 58 21.26 -43.64 2.44
N TYR B 59 20.71 -42.44 2.55
CA TYR B 59 19.30 -42.21 2.27
C TYR B 59 18.93 -42.35 0.79
N ASP B 60 17.71 -42.79 0.53
CA ASP B 60 17.19 -42.88 -0.82
C ASP B 60 16.30 -41.69 -1.10
N ILE B 61 16.77 -40.78 -1.95
CA ILE B 61 16.03 -39.57 -2.28
C ILE B 61 16.04 -39.26 -3.80
N GLN B 62 14.86 -39.01 -4.36
CA GLN B 62 14.75 -38.92 -5.81
C GLN B 62 15.33 -37.61 -6.37
N ASP B 63 15.67 -37.64 -7.65
CA ASP B 63 16.26 -36.50 -8.37
C ASP B 63 15.72 -35.16 -7.87
N ARG B 64 14.41 -35.03 -7.86
CA ARG B 64 13.76 -33.73 -7.68
C ARG B 64 13.84 -33.14 -6.29
N PHE B 65 14.09 -33.95 -5.27
CA PHE B 65 14.24 -33.44 -3.93
C PHE B 65 15.70 -33.38 -3.49
N ARG B 66 16.57 -34.04 -4.25
CA ARG B 66 17.95 -34.14 -3.85
C ARG B 66 18.63 -32.75 -3.71
N GLY B 67 18.19 -31.80 -4.52
CA GLY B 67 18.81 -30.49 -4.62
C GLY B 67 18.99 -29.73 -3.31
N ASP B 68 17.96 -29.68 -2.48
CA ASP B 68 18.06 -28.93 -1.24
C ASP B 68 18.90 -29.65 -0.22
N TRP B 69 18.93 -30.97 -0.33
CA TRP B 69 19.73 -31.73 0.59
C TRP B 69 21.17 -31.35 0.42
N ASP B 70 21.57 -31.01 -0.80
CA ASP B 70 22.96 -30.61 -0.93
C ASP B 70 23.16 -29.11 -0.77
N LYS B 71 22.08 -28.33 -0.86
CA LYS B 71 22.20 -26.92 -0.53
C LYS B 71 22.43 -26.78 0.97
N MSE B 72 21.74 -27.59 1.76
CA MSE B 72 21.92 -27.54 3.20
C MSE B 72 23.02 -28.45 3.73
O MSE B 72 23.36 -28.38 4.91
CB MSE B 72 20.61 -27.84 3.90
CG MSE B 72 19.69 -26.65 4.00
SE MSE B 72 17.88 -27.27 4.30
CE MSE B 72 17.86 -27.29 6.25
N ASP B 73 23.60 -29.26 2.86
CA ASP B 73 24.57 -30.28 3.26
C ASP B 73 23.99 -31.27 4.26
N ALA B 74 22.78 -31.72 3.96
CA ALA B 74 22.13 -32.68 4.82
C ALA B 74 22.87 -34.02 4.76
N TRP B 75 23.59 -34.24 3.66
CA TRP B 75 24.25 -35.53 3.48
C TRP B 75 25.31 -35.82 4.56
N SER B 76 25.88 -34.77 5.12
CA SER B 76 26.96 -34.97 6.08
C SER B 76 26.43 -35.36 7.45
N LEU B 77 25.13 -35.32 7.64
CA LEU B 77 24.54 -35.61 8.94
C LEU B 77 24.60 -37.09 9.24
N THR B 78 24.78 -37.40 10.51
CA THR B 78 24.79 -38.77 10.98
C THR B 78 24.03 -38.82 12.29
N CYS B 79 23.37 -39.95 12.55
CA CYS B 79 22.67 -40.11 13.83
C CYS B 79 23.00 -41.43 14.49
N LYS B 80 23.04 -41.40 15.80
CA LYS B 80 23.31 -42.58 16.60
C LYS B 80 22.37 -42.62 17.79
N ASN B 81 21.70 -43.76 17.96
CA ASN B 81 20.77 -43.98 19.08
C ASN B 81 21.14 -45.26 19.81
N GLU B 82 21.34 -45.18 21.12
CA GLU B 82 21.54 -46.39 21.93
C GLU B 82 20.33 -46.65 22.81
N GLU B 83 19.76 -45.59 23.37
CA GLU B 83 18.51 -45.72 24.12
C GLU B 83 17.36 -46.13 23.18
N GLU B 84 16.86 -47.35 23.35
CA GLU B 84 15.68 -47.80 22.60
C GLU B 84 14.51 -46.90 23.01
N THR B 85 13.79 -46.37 22.02
CA THR B 85 12.65 -45.49 22.31
C THR B 85 11.40 -45.74 21.43
N VAL B 86 10.33 -45.00 21.69
CA VAL B 86 9.06 -45.17 20.97
C VAL B 86 8.51 -43.81 20.58
N ARG B 87 7.91 -43.70 19.39
CA ARG B 87 7.46 -42.40 18.92
C ARG B 87 6.11 -42.47 18.18
N ALA B 88 5.36 -41.37 18.20
CA ALA B 88 4.02 -41.32 17.61
C ALA B 88 3.98 -40.75 16.20
N TYR B 89 3.21 -41.39 15.32
CA TYR B 89 3.03 -40.91 13.95
C TYR B 89 1.61 -41.20 13.53
N SER B 90 0.91 -40.21 12.98
CA SER B 90 -0.50 -40.38 12.64
C SER B 90 -0.72 -41.07 11.29
N MSE B 91 -1.73 -41.94 11.22
CA MSE B 91 -2.05 -42.65 9.99
C MSE B 91 -2.73 -41.77 8.98
O MSE B 91 -3.46 -40.85 9.32
CB MSE B 91 -2.93 -43.88 10.26
CG MSE B 91 -3.52 -43.93 11.67
SE MSE B 91 -2.57 -45.19 12.81
CE MSE B 91 -3.05 -46.77 11.81
N ALA B 92 -2.47 -42.04 7.71
CA ALA B 92 -2.84 -41.15 6.63
C ALA B 92 -3.80 -41.84 5.69
N ASN B 93 -4.03 -43.13 5.88
CA ASN B 93 -5.01 -43.80 5.04
C ASN B 93 -6.30 -44.06 5.82
N TYR B 94 -7.43 -43.89 5.15
CA TYR B 94 -8.73 -44.04 5.80
C TYR B 94 -8.94 -45.45 6.34
N PRO B 95 -9.73 -45.56 7.42
CA PRO B 95 -9.82 -46.82 8.17
C PRO B 95 -10.13 -48.03 7.30
N ALA B 96 -10.80 -47.82 6.17
CA ALA B 96 -11.17 -48.90 5.26
C ALA B 96 -9.96 -49.73 4.79
N GLU B 97 -8.79 -49.10 4.70
CA GLU B 97 -7.54 -49.85 4.54
C GLU B 97 -6.85 -50.02 5.90
N GLY B 98 -6.93 -51.23 6.43
CA GLY B 98 -6.45 -51.50 7.77
C GLY B 98 -5.31 -52.50 7.82
N ASN B 99 -4.98 -53.12 6.70
CA ASN B 99 -3.85 -54.04 6.64
C ASN B 99 -2.55 -53.32 6.29
N ILE B 100 -2.66 -52.40 5.32
CA ILE B 100 -1.52 -51.61 4.86
C ILE B 100 -1.61 -50.18 5.36
N ILE B 101 -0.75 -49.85 6.32
CA ILE B 101 -0.75 -48.53 6.94
C ILE B 101 0.25 -47.55 6.31
N THR B 102 -0.22 -46.32 6.10
CA THR B 102 0.54 -45.29 5.45
C THR B 102 0.87 -44.19 6.42
N LEU B 103 2.15 -43.85 6.54
CA LEU B 103 2.58 -42.79 7.43
C LEU B 103 3.20 -41.62 6.67
N ASN B 104 3.08 -40.40 7.20
CA ASN B 104 3.80 -39.27 6.62
C ASN B 104 4.84 -38.74 7.58
N VAL B 105 6.11 -39.03 7.35
CA VAL B 105 7.16 -38.68 8.30
C VAL B 105 8.07 -37.57 7.79
N ARG B 106 8.20 -36.51 8.58
CA ARG B 106 9.18 -35.49 8.25
C ARG B 106 10.49 -35.81 8.96
N ILE B 107 11.60 -35.47 8.32
CA ILE B 107 12.91 -35.67 8.90
C ILE B 107 13.27 -34.52 9.82
N ALA B 108 13.41 -34.80 11.11
CA ALA B 108 13.70 -33.74 12.06
C ALA B 108 15.19 -33.40 12.01
N THR B 109 15.57 -32.52 11.10
CA THR B 109 16.97 -32.08 11.03
C THR B 109 17.28 -31.06 12.11
N PRO B 110 18.55 -30.98 12.54
CA PRO B 110 18.91 -30.02 13.59
C PRO B 110 18.59 -28.61 13.16
N PRO B 111 18.60 -27.66 14.10
CA PRO B 111 18.43 -26.24 13.79
C PRO B 111 19.55 -25.72 12.90
N PHE B 112 19.22 -24.87 11.92
CA PHE B 112 20.29 -24.27 11.11
C PHE B 112 20.88 -23.04 11.81
N ASP B 113 22.11 -22.70 11.44
CA ASP B 113 22.88 -21.72 12.18
C ASP B 113 23.49 -20.67 11.27
N ARG B 114 22.78 -19.57 11.05
CA ARG B 114 23.25 -18.54 10.15
C ARG B 114 24.73 -18.14 10.31
N ALA B 115 25.21 -18.15 11.55
CA ALA B 115 26.47 -17.49 11.88
C ALA B 115 27.66 -18.32 11.40
N ALA B 116 27.59 -19.64 11.60
CA ALA B 116 28.59 -20.55 11.07
C ALA B 116 28.14 -21.18 9.76
N ASN B 117 26.83 -21.18 9.54
CA ASN B 117 26.29 -21.45 8.21
C ASN B 117 26.20 -22.94 7.92
N LYS B 118 26.45 -23.76 8.95
CA LYS B 118 26.05 -25.16 8.92
C LYS B 118 24.86 -25.41 9.85
N TRP B 119 24.54 -26.68 10.06
CA TRP B 119 23.75 -27.09 11.22
C TRP B 119 24.42 -26.63 12.52
N LYS B 120 23.64 -26.56 13.59
CA LYS B 120 24.12 -26.03 14.85
C LYS B 120 25.01 -27.05 15.57
N ALA B 121 26.26 -26.66 15.81
CA ALA B 121 27.28 -27.60 16.21
C ALA B 121 26.86 -28.46 17.40
N GLY B 122 27.13 -29.76 17.30
CA GLY B 122 26.97 -30.68 18.42
C GLY B 122 25.55 -31.11 18.68
N ILE B 123 24.61 -30.54 17.93
CA ILE B 123 23.22 -30.91 18.07
C ILE B 123 22.81 -32.03 17.12
N LYS B 124 22.46 -33.18 17.70
CA LYS B 124 22.15 -34.38 16.92
C LYS B 124 20.74 -34.34 16.36
N PRO B 125 20.54 -34.94 15.16
CA PRO B 125 19.28 -34.88 14.44
C PRO B 125 18.20 -35.68 15.16
N GLY B 126 16.95 -35.50 14.75
CA GLY B 126 15.85 -36.23 15.34
C GLY B 126 16.05 -37.74 15.29
N ILE B 127 15.98 -38.37 16.47
CA ILE B 127 16.24 -39.80 16.62
C ILE B 127 15.27 -40.71 15.86
N SER B 128 13.96 -40.58 16.10
CA SER B 128 12.99 -41.45 15.43
C SER B 128 12.94 -41.26 13.90
N SER B 129 12.89 -40.02 13.46
CA SER B 129 12.81 -39.73 12.02
C SER B 129 14.08 -40.15 11.26
N SER B 130 15.25 -39.91 11.84
CA SER B 130 16.49 -40.31 11.20
C SER B 130 16.46 -41.81 10.92
N TYR B 131 15.93 -42.58 11.88
CA TYR B 131 15.85 -44.03 11.73
C TYR B 131 14.89 -44.39 10.63
N ILE B 132 13.66 -43.92 10.75
CA ILE B 132 12.64 -44.17 9.73
C ILE B 132 13.19 -43.89 8.33
N PHE B 133 13.86 -42.76 8.15
CA PHE B 133 14.41 -42.42 6.86
C PHE B 133 15.40 -43.44 6.29
N SER B 134 16.06 -44.21 7.14
CA SER B 134 17.07 -45.15 6.66
C SER B 134 16.46 -46.46 6.17
N LEU B 135 15.26 -46.76 6.63
CA LEU B 135 14.63 -48.06 6.37
C LEU B 135 14.32 -48.27 4.89
N LYS B 136 14.45 -49.51 4.42
CA LYS B 136 14.23 -49.81 3.01
C LYS B 136 13.12 -50.82 2.86
N PRO B 137 12.46 -50.86 1.69
CA PRO B 137 11.36 -51.80 1.56
C PRO B 137 11.89 -53.18 1.86
N GLY B 138 11.21 -53.93 2.71
CA GLY B 138 11.70 -55.23 3.12
C GLY B 138 12.11 -55.25 4.58
N ASP B 139 12.61 -54.13 5.08
CA ASP B 139 12.94 -53.98 6.49
C ASP B 139 11.71 -54.26 7.35
N LYS B 140 11.95 -54.58 8.62
CA LYS B 140 10.88 -54.88 9.56
C LYS B 140 10.76 -53.81 10.64
N VAL B 141 9.55 -53.60 11.14
CA VAL B 141 9.38 -52.62 12.20
C VAL B 141 8.31 -52.99 13.22
N MSE B 142 8.53 -52.58 14.47
CA MSE B 142 7.59 -52.85 15.53
C MSE B 142 6.67 -51.66 15.75
O MSE B 142 7.13 -50.59 16.11
CB MSE B 142 8.34 -53.21 16.82
CG MSE B 142 8.84 -54.65 16.84
SE MSE B 142 7.42 -55.99 17.07
CE MSE B 142 7.77 -56.51 18.94
N MSE B 143 5.39 -51.88 15.52
CA MSE B 143 4.38 -50.82 15.60
C MSE B 143 3.21 -51.18 16.53
O MSE B 143 2.88 -52.35 16.70
CB MSE B 143 3.86 -50.50 14.21
CG MSE B 143 3.23 -49.14 14.11
SE MSE B 143 2.93 -48.61 12.28
CE MSE B 143 1.55 -49.94 11.88
N SER B 144 2.57 -50.19 17.13
CA SER B 144 1.37 -50.47 17.90
C SER B 144 0.36 -49.33 17.82
N GLY B 145 -0.91 -49.63 18.13
CA GLY B 145 -1.98 -48.65 18.03
C GLY B 145 -3.35 -49.30 17.99
N PRO B 146 -4.42 -48.49 17.83
CA PRO B 146 -4.41 -47.03 17.65
C PRO B 146 -4.43 -46.26 18.96
N TYR B 147 -4.04 -44.99 18.90
CA TYR B 147 -4.12 -44.09 20.03
C TYR B 147 -4.77 -42.80 19.56
N GLY B 148 -5.05 -41.88 20.47
CA GLY B 148 -5.43 -40.53 20.09
C GLY B 148 -6.91 -40.25 20.00
N ASP B 149 -7.25 -38.97 20.13
CA ASP B 149 -8.64 -38.57 20.31
C ASP B 149 -9.12 -37.56 19.29
N PHE B 150 -8.24 -37.18 18.37
CA PHE B 150 -8.56 -36.18 17.36
C PHE B 150 -9.52 -36.74 16.32
N HIS B 151 -10.82 -36.68 16.59
CA HIS B 151 -11.77 -37.31 15.67
C HIS B 151 -12.77 -36.34 15.06
N ILE B 152 -13.34 -36.74 13.94
CA ILE B 152 -14.42 -36.02 13.27
C ILE B 152 -15.58 -35.84 14.23
N GLN B 153 -16.06 -34.61 14.37
CA GLN B 153 -17.21 -34.35 15.25
C GLN B 153 -18.48 -34.78 14.55
N ASP B 154 -19.33 -35.52 15.24
CA ASP B 154 -20.62 -35.96 14.70
C ASP B 154 -21.64 -34.82 14.74
N THR B 155 -21.67 -34.00 13.69
CA THR B 155 -22.63 -32.91 13.54
C THR B 155 -22.85 -32.63 12.05
N ASP B 156 -23.44 -31.49 11.73
CA ASP B 156 -23.72 -31.17 10.33
C ASP B 156 -22.97 -29.92 9.88
N ALA B 157 -22.17 -29.35 10.78
CA ALA B 157 -21.50 -28.07 10.57
C ALA B 157 -20.53 -28.09 9.40
N GLU B 158 -20.27 -26.91 8.84
CA GLU B 158 -19.23 -26.77 7.83
C GLU B 158 -17.89 -27.13 8.41
N MSE B 159 -17.02 -27.68 7.57
CA MSE B 159 -15.72 -28.13 7.99
C MSE B 159 -14.61 -27.44 7.22
O MSE B 159 -14.65 -27.33 5.99
CB MSE B 159 -15.62 -29.62 7.79
CG MSE B 159 -16.28 -30.42 8.87
SE MSE B 159 -16.41 -32.29 8.36
CE MSE B 159 -15.55 -33.06 9.94
N LEU B 160 -13.60 -26.98 7.97
CA LEU B 160 -12.47 -26.27 7.41
C LEU B 160 -11.15 -26.88 7.90
N TYR B 161 -10.56 -27.76 7.08
CA TYR B 161 -9.28 -28.36 7.43
C TYR B 161 -8.14 -27.44 7.04
N ILE B 162 -7.19 -27.29 7.95
CA ILE B 162 -6.00 -26.49 7.70
C ILE B 162 -4.76 -27.33 7.98
N GLY B 163 -3.94 -27.56 6.96
CA GLY B 163 -2.74 -28.35 7.14
C GLY B 163 -1.45 -27.71 6.65
N GLY B 164 -0.34 -28.12 7.25
CA GLY B 164 0.98 -27.74 6.77
C GLY B 164 1.93 -28.90 7.06
N GLY B 165 2.90 -29.12 6.16
CA GLY B 165 3.90 -30.16 6.35
C GLY B 165 3.32 -31.55 6.58
N ALA B 166 3.92 -32.30 7.50
CA ALA B 166 3.47 -33.65 7.80
C ALA B 166 2.08 -33.64 8.43
N GLY B 167 1.59 -32.44 8.76
CA GLY B 167 0.22 -32.27 9.18
C GLY B 167 -0.76 -32.95 8.24
N MSE B 168 -0.35 -33.13 7.00
CA MSE B 168 -1.25 -33.63 5.95
C MSE B 168 -1.81 -34.99 6.31
O MSE B 168 -2.72 -35.50 5.66
CB MSE B 168 -0.52 -33.69 4.60
CG MSE B 168 -1.09 -34.72 3.65
SE MSE B 168 -2.52 -33.99 2.54
CE MSE B 168 -1.61 -32.39 1.88
N ALA B 169 -1.26 -35.60 7.36
CA ALA B 169 -1.40 -37.03 7.59
C ALA B 169 -2.79 -37.37 8.12
N PRO B 170 -3.11 -36.86 9.31
CA PRO B 170 -4.39 -37.18 9.96
C PRO B 170 -5.56 -36.48 9.28
N LEU B 171 -5.28 -35.35 8.64
CA LEU B 171 -6.31 -34.65 7.86
C LEU B 171 -6.76 -35.49 6.68
N ARG B 172 -5.81 -35.87 5.82
CA ARG B 172 -6.11 -36.74 4.69
C ARG B 172 -6.98 -37.92 5.10
N ALA B 173 -6.59 -38.62 6.15
CA ALA B 173 -7.37 -39.78 6.60
C ALA B 173 -8.82 -39.42 6.93
N GLN B 174 -9.01 -38.38 7.74
CA GLN B 174 -10.34 -37.90 8.05
C GLN B 174 -11.11 -37.51 6.79
N ILE B 175 -10.48 -36.69 5.95
CA ILE B 175 -11.14 -36.25 4.73
C ILE B 175 -11.51 -37.46 3.87
N LEU B 176 -10.58 -38.38 3.71
CA LEU B 176 -10.83 -39.58 2.92
C LEU B 176 -11.97 -40.40 3.51
N HIS B 177 -12.03 -40.50 4.84
CA HIS B 177 -13.08 -41.28 5.49
C HIS B 177 -14.43 -40.60 5.29
N LEU B 178 -14.41 -39.28 5.21
CA LEU B 178 -15.62 -38.50 5.04
C LEU B 178 -16.21 -38.73 3.68
N PHE B 179 -15.37 -38.70 2.66
CA PHE B 179 -15.90 -38.78 1.31
C PHE B 179 -15.88 -40.17 0.69
N ARG B 180 -14.74 -40.85 0.73
CA ARG B 180 -14.67 -42.18 0.16
C ARG B 180 -15.66 -43.11 0.87
N THR B 181 -15.67 -43.06 2.20
CA THR B 181 -16.46 -44.02 2.99
C THR B 181 -17.86 -43.48 3.37
N LEU B 182 -17.92 -42.34 4.03
CA LEU B 182 -19.20 -41.86 4.52
C LEU B 182 -20.04 -41.27 3.38
N LYS B 183 -19.39 -40.90 2.28
CA LYS B 183 -20.08 -40.26 1.17
C LYS B 183 -20.88 -39.09 1.73
N THR B 184 -20.18 -38.21 2.45
CA THR B 184 -20.82 -37.16 3.21
C THR B 184 -21.46 -36.09 2.34
N GLY B 185 -22.28 -35.28 2.99
CA GLY B 185 -22.98 -34.22 2.32
C GLY B 185 -22.64 -32.93 3.00
N ARG B 186 -21.89 -33.00 4.11
CA ARG B 186 -21.48 -31.79 4.82
C ARG B 186 -20.58 -30.94 3.95
N LYS B 187 -20.52 -29.65 4.25
CA LYS B 187 -19.63 -28.77 3.52
C LYS B 187 -18.22 -28.91 4.06
N VAL B 188 -17.26 -29.14 3.19
CA VAL B 188 -15.91 -29.44 3.61
C VAL B 188 -14.95 -28.69 2.73
N SER B 189 -14.02 -27.93 3.30
CA SER B 189 -12.94 -27.36 2.50
C SER B 189 -11.61 -27.64 3.14
N TYR B 190 -10.60 -27.85 2.32
CA TYR B 190 -9.29 -28.15 2.84
C TYR B 190 -8.25 -27.17 2.27
N TRP B 191 -7.62 -26.39 3.16
CA TRP B 191 -6.58 -25.45 2.76
C TRP B 191 -5.24 -25.94 3.26
N TYR B 192 -4.37 -26.32 2.35
CA TYR B 192 -3.06 -26.85 2.72
C TYR B 192 -1.96 -25.96 2.22
N GLY B 193 -1.15 -25.48 3.15
CA GLY B 193 -0.05 -24.60 2.81
C GLY B 193 1.27 -25.34 2.74
N ALA B 194 2.07 -24.98 1.75
CA ALA B 194 3.37 -25.60 1.57
C ALA B 194 4.34 -24.55 1.09
N ARG B 195 5.61 -24.91 1.05
CA ARG B 195 6.64 -23.96 0.68
C ARG B 195 6.48 -23.52 -0.77
N SER B 196 6.46 -24.48 -1.69
CA SER B 196 6.37 -24.21 -3.14
C SER B 196 5.86 -25.44 -3.88
N LYS B 197 5.64 -25.32 -5.19
CA LYS B 197 4.95 -26.37 -5.95
C LYS B 197 5.55 -27.75 -5.75
N ASN B 198 6.85 -27.80 -5.53
CA ASN B 198 7.57 -29.06 -5.39
C ASN B 198 7.28 -29.79 -4.06
N GLU B 199 6.69 -29.10 -3.11
CA GLU B 199 6.46 -29.69 -1.80
C GLU B 199 5.03 -30.18 -1.56
N ILE B 200 4.18 -30.08 -2.58
CA ILE B 200 2.82 -30.58 -2.44
C ILE B 200 2.73 -32.04 -2.90
N PHE B 201 1.94 -32.81 -2.17
CA PHE B 201 1.73 -34.23 -2.49
C PHE B 201 0.30 -34.66 -2.23
N TYR B 202 -0.16 -35.67 -2.97
CA TYR B 202 -1.51 -36.18 -2.83
C TYR B 202 -2.52 -35.31 -3.54
N GLU B 203 -2.05 -34.31 -4.26
CA GLU B 203 -2.97 -33.34 -4.82
C GLU B 203 -4.12 -33.97 -5.59
N GLU B 204 -3.82 -35.01 -6.35
CA GLU B 204 -4.81 -35.63 -7.22
C GLU B 204 -5.89 -36.32 -6.40
N ASP B 205 -5.49 -37.02 -5.33
CA ASP B 205 -6.45 -37.72 -4.49
C ASP B 205 -7.58 -36.77 -4.18
N PHE B 206 -7.26 -35.52 -3.92
CA PHE B 206 -8.23 -34.49 -3.61
C PHE B 206 -8.97 -33.91 -4.84
N ARG B 207 -8.30 -33.75 -5.96
CA ARG B 207 -9.00 -33.32 -7.16
C ARG B 207 -10.08 -34.34 -7.56
N GLU B 208 -9.79 -35.62 -7.39
CA GLU B 208 -10.73 -36.69 -7.70
C GLU B 208 -12.00 -36.51 -6.90
N ILE B 209 -11.84 -36.01 -5.68
CA ILE B 209 -12.98 -35.81 -4.79
C ILE B 209 -13.72 -34.54 -5.14
N GLU B 210 -13.01 -33.52 -5.59
CA GLU B 210 -13.66 -32.29 -6.00
C GLU B 210 -14.58 -32.55 -7.18
N ARG B 211 -14.16 -33.49 -8.03
CA ARG B 211 -14.86 -33.79 -9.26
C ARG B 211 -16.17 -34.51 -9.02
N GLU B 212 -16.26 -35.19 -7.87
CA GLU B 212 -17.41 -36.02 -7.59
C GLU B 212 -18.25 -35.55 -6.41
N PHE B 213 -17.65 -34.72 -5.57
CA PHE B 213 -18.37 -34.11 -4.45
C PHE B 213 -18.25 -32.60 -4.55
N PRO B 214 -19.33 -31.93 -4.96
CA PRO B 214 -19.34 -30.48 -5.04
C PRO B 214 -19.22 -29.81 -3.66
N ASN B 215 -19.59 -30.52 -2.61
CA ASN B 215 -19.47 -29.93 -1.29
C ASN B 215 -18.02 -29.89 -0.79
N PHE B 216 -17.11 -30.40 -1.61
CA PHE B 216 -15.67 -30.39 -1.30
C PHE B 216 -14.90 -29.42 -2.17
N LYS B 217 -14.00 -28.65 -1.56
CA LYS B 217 -13.02 -27.88 -2.29
C LYS B 217 -11.66 -28.06 -1.65
N PHE B 218 -10.62 -28.02 -2.47
CA PHE B 218 -9.27 -28.23 -1.99
C PHE B 218 -8.41 -27.08 -2.46
N HIS B 219 -7.75 -26.40 -1.52
CA HIS B 219 -6.95 -25.22 -1.87
C HIS B 219 -5.50 -25.39 -1.47
N ILE B 220 -4.59 -25.05 -2.37
CA ILE B 220 -3.16 -25.10 -2.04
C ILE B 220 -2.61 -23.70 -1.90
N ALA B 221 -1.88 -23.46 -0.81
CA ALA B 221 -1.28 -22.15 -0.57
C ALA B 221 0.24 -22.26 -0.48
N LEU B 222 0.93 -21.71 -1.48
CA LEU B 222 2.38 -21.67 -1.49
C LEU B 222 2.90 -20.43 -0.76
N SER B 223 3.86 -20.64 0.12
CA SER B 223 4.40 -19.56 0.94
C SER B 223 5.64 -18.94 0.29
N ASP B 224 6.46 -19.78 -0.33
CA ASP B 224 7.65 -19.31 -1.02
C ASP B 224 7.75 -19.91 -2.42
N PRO B 225 6.79 -19.55 -3.27
CA PRO B 225 6.71 -20.11 -4.63
C PRO B 225 7.98 -19.84 -5.43
N GLN B 226 8.46 -20.85 -6.15
CA GLN B 226 9.66 -20.70 -6.97
C GLN B 226 9.31 -20.33 -8.40
N PRO B 227 10.22 -19.60 -9.05
CA PRO B 227 10.11 -19.34 -10.49
C PRO B 227 9.61 -20.57 -11.24
N GLU B 228 10.27 -21.71 -11.02
CA GLU B 228 9.95 -22.93 -11.77
C GLU B 228 8.48 -23.34 -11.71
N ASP B 229 7.75 -22.82 -10.73
CA ASP B 229 6.38 -23.23 -10.50
C ASP B 229 5.34 -22.60 -11.46
N ASN B 230 5.62 -21.38 -11.94
CA ASN B 230 4.61 -20.58 -12.64
C ASN B 230 3.30 -20.64 -11.88
N TRP B 231 3.36 -20.28 -10.61
CA TRP B 231 2.23 -20.43 -9.74
C TRP B 231 1.24 -19.30 -9.96
N THR B 232 0.04 -19.63 -10.37
CA THR B 232 -0.97 -18.59 -10.46
C THR B 232 -1.95 -18.73 -9.30
N GLY B 233 -1.63 -19.63 -8.38
CA GLY B 233 -2.53 -19.96 -7.29
C GLY B 233 -2.33 -19.03 -6.10
N TYR B 234 -2.96 -19.36 -4.99
CA TYR B 234 -2.88 -18.56 -3.77
C TYR B 234 -1.48 -18.57 -3.20
N VAL B 235 -1.00 -17.41 -2.76
CA VAL B 235 0.35 -17.27 -2.21
C VAL B 235 0.37 -16.57 -0.85
N GLY B 236 1.05 -17.17 0.12
CA GLY B 236 1.20 -16.56 1.43
C GLY B 236 1.06 -17.54 2.58
N PHE B 237 1.09 -17.02 3.79
CA PHE B 237 0.81 -17.82 4.97
C PHE B 237 -0.60 -18.40 4.88
N ILE B 238 -0.72 -19.69 5.14
CA ILE B 238 -2.00 -20.36 4.94
C ILE B 238 -3.18 -19.66 5.63
N HIS B 239 -2.96 -19.10 6.81
CA HIS B 239 -4.08 -18.47 7.50
C HIS B 239 -4.51 -17.15 6.83
N GLN B 240 -3.58 -16.35 6.31
CA GLN B 240 -3.97 -15.14 5.60
C GLN B 240 -4.72 -15.47 4.34
N VAL B 241 -4.35 -16.60 3.73
CA VAL B 241 -4.94 -16.99 2.46
C VAL B 241 -6.38 -17.39 2.69
N ILE B 242 -6.61 -18.24 3.69
CA ILE B 242 -7.96 -18.59 4.10
C ILE B 242 -8.79 -17.33 4.38
N TYR B 243 -8.23 -16.43 5.19
CA TYR B 243 -8.97 -15.24 5.62
C TYR B 243 -9.36 -14.38 4.43
N ASP B 244 -8.37 -14.01 3.61
CA ASP B 244 -8.57 -13.03 2.56
C ASP B 244 -9.68 -13.46 1.60
N ASN B 245 -9.67 -14.74 1.23
CA ASN B 245 -10.60 -15.25 0.24
C ASN B 245 -11.92 -15.71 0.88
N TYR B 246 -11.81 -16.64 1.81
CA TYR B 246 -12.96 -17.34 2.28
C TYR B 246 -13.60 -16.70 3.48
N LEU B 247 -12.83 -16.43 4.51
CA LEU B 247 -13.35 -16.23 5.86
C LEU B 247 -13.82 -14.80 6.06
N LYS B 248 -13.10 -13.84 5.47
CA LYS B 248 -13.42 -12.44 5.63
C LYS B 248 -14.85 -12.23 5.18
N ASP B 249 -15.21 -12.85 4.06
CA ASP B 249 -16.54 -12.65 3.51
C ASP B 249 -17.54 -13.74 3.87
N HIS B 250 -17.18 -14.58 4.82
CA HIS B 250 -18.13 -15.57 5.33
C HIS B 250 -19.07 -14.82 6.24
N ASP B 251 -20.33 -15.25 6.25
N ASP B 251 -20.33 -15.27 6.27
CA ASP B 251 -21.34 -14.60 7.10
CA ASP B 251 -21.37 -14.63 7.06
C ASP B 251 -21.28 -15.13 8.53
C ASP B 251 -21.48 -15.24 8.46
N ALA B 252 -20.78 -16.35 8.67
CA ALA B 252 -20.78 -17.01 9.98
C ALA B 252 -19.54 -17.88 10.20
N PRO B 253 -18.39 -17.24 10.47
CA PRO B 253 -17.15 -17.97 10.69
C PRO B 253 -17.15 -18.67 12.04
N GLU B 254 -18.04 -18.24 12.93
CA GLU B 254 -18.14 -18.82 14.26
C GLU B 254 -18.81 -20.18 14.23
N ASP B 255 -19.61 -20.42 13.19
CA ASP B 255 -20.40 -21.64 13.07
C ASP B 255 -19.61 -22.81 12.50
N ILE B 256 -18.38 -22.54 12.05
CA ILE B 256 -17.56 -23.53 11.35
C ILE B 256 -16.70 -24.34 12.30
N GLU B 257 -16.53 -25.63 12.01
CA GLU B 257 -15.65 -26.49 12.78
C GLU B 257 -14.29 -26.60 12.11
N TYR B 258 -13.26 -26.08 12.77
CA TYR B 258 -11.93 -26.06 12.20
C TYR B 258 -11.16 -27.29 12.66
N TYR B 259 -10.58 -28.02 11.73
CA TYR B 259 -9.73 -29.15 12.09
C TYR B 259 -8.36 -28.94 11.50
N MSE B 260 -7.40 -28.53 12.33
CA MSE B 260 -6.10 -28.25 11.78
C MSE B 260 -5.01 -29.14 12.31
O MSE B 260 -5.10 -29.64 13.42
CB MSE B 260 -5.73 -26.78 11.98
CG MSE B 260 -5.53 -26.37 13.42
SE MSE B 260 -4.38 -24.78 13.47
CE MSE B 260 -4.63 -24.16 11.64
N CYS B 261 -3.98 -29.33 11.49
CA CYS B 261 -2.79 -30.01 11.91
C CYS B 261 -1.59 -29.49 11.13
N GLY B 262 -0.52 -29.17 11.85
CA GLY B 262 0.66 -28.57 11.27
C GLY B 262 1.61 -28.05 12.34
N PRO B 263 2.69 -27.42 11.90
CA PRO B 263 3.76 -26.98 12.80
C PRO B 263 3.29 -25.88 13.76
N GLY B 264 4.05 -25.69 14.83
CA GLY B 264 3.69 -24.74 15.86
C GLY B 264 3.38 -23.34 15.39
N PRO B 265 4.28 -22.76 14.58
CA PRO B 265 4.00 -21.37 14.20
C PRO B 265 2.74 -21.22 13.35
N MSE B 266 2.52 -22.08 12.38
CA MSE B 266 1.32 -21.93 11.56
C MSE B 266 0.10 -22.10 12.45
O MSE B 266 -0.88 -21.38 12.33
CB MSE B 266 1.30 -22.91 10.37
CG MSE B 266 0.65 -24.23 10.68
SE MSE B 266 -0.45 -24.97 9.22
CE MSE B 266 -1.69 -26.03 10.29
N ALA B 267 0.19 -23.06 13.36
CA ALA B 267 -0.92 -23.36 14.25
C ALA B 267 -1.28 -22.18 15.15
N ASN B 268 -0.29 -21.57 15.78
CA ASN B 268 -0.56 -20.43 16.64
C ASN B 268 -0.97 -19.19 15.86
N ALA B 269 -0.42 -19.00 14.66
CA ALA B 269 -0.81 -17.89 13.80
C ALA B 269 -2.29 -18.01 13.47
N VAL B 270 -2.77 -19.24 13.28
CA VAL B 270 -4.18 -19.44 13.01
C VAL B 270 -5.01 -19.18 14.24
N LYS B 271 -4.53 -19.62 15.39
CA LYS B 271 -5.22 -19.36 16.66
C LYS B 271 -5.42 -17.87 16.82
N GLY B 272 -4.36 -17.12 16.55
CA GLY B 272 -4.39 -15.67 16.66
C GLY B 272 -5.37 -15.01 15.70
N MSE B 273 -5.51 -15.59 14.53
CA MSE B 273 -6.36 -14.98 13.51
C MSE B 273 -7.81 -15.29 13.84
O MSE B 273 -8.68 -14.43 13.72
CB MSE B 273 -5.95 -15.48 12.13
CG MSE B 273 -6.79 -14.98 10.96
SE MSE B 273 -7.89 -16.40 10.17
CE MSE B 273 -9.54 -16.10 11.16
N LEU B 274 -8.07 -16.51 14.29
CA LEU B 274 -9.41 -16.90 14.67
C LEU B 274 -9.86 -16.15 15.92
N GLU B 275 -8.92 -15.84 16.82
CA GLU B 275 -9.29 -15.15 18.03
C GLU B 275 -9.91 -13.78 17.73
N ASN B 276 -9.33 -13.06 16.77
CA ASN B 276 -9.86 -11.76 16.39
C ASN B 276 -11.17 -11.88 15.63
N LEU B 277 -11.39 -13.03 15.00
CA LEU B 277 -12.67 -13.31 14.41
C LEU B 277 -13.72 -13.68 15.45
N GLY B 278 -13.30 -13.84 16.71
CA GLY B 278 -14.23 -14.26 17.74
C GLY B 278 -14.86 -15.60 17.43
N VAL B 279 -14.14 -16.43 16.67
CA VAL B 279 -14.46 -17.84 16.62
C VAL B 279 -14.07 -18.42 17.98
N PRO B 280 -15.05 -18.89 18.72
CA PRO B 280 -14.81 -19.45 20.06
C PRO B 280 -13.90 -20.67 20.01
N ARG B 281 -13.15 -20.90 21.09
CA ARG B 281 -12.02 -21.82 21.04
C ARG B 281 -12.48 -23.27 21.01
N ASN B 282 -13.70 -23.52 21.45
CA ASN B 282 -14.28 -24.86 21.43
C ASN B 282 -14.63 -25.30 20.02
N MSE B 283 -14.45 -24.41 19.05
CA MSE B 283 -14.79 -24.71 17.67
C MSE B 283 -13.56 -25.10 16.86
O MSE B 283 -13.66 -25.55 15.73
CB MSE B 283 -15.47 -23.50 17.02
CG MSE B 283 -16.65 -23.86 16.12
SE MSE B 283 -17.99 -24.95 17.03
CE MSE B 283 -18.99 -23.51 17.90
N LEU B 284 -12.39 -24.93 17.47
CA LEU B 284 -11.13 -25.31 16.83
C LEU B 284 -10.65 -26.67 17.32
N PHE B 285 -10.21 -27.51 16.38
CA PHE B 285 -9.83 -28.87 16.70
C PHE B 285 -8.41 -29.18 16.23
N PHE B 286 -7.48 -29.23 17.17
CA PHE B 286 -6.04 -29.18 16.84
C PHE B 286 -5.36 -30.48 17.23
N ASP B 287 -4.69 -31.13 16.28
CA ASP B 287 -3.84 -32.27 16.60
C ASP B 287 -2.41 -31.80 16.75
N ASP B 288 -1.88 -31.94 17.97
CA ASP B 288 -0.54 -31.46 18.31
C ASP B 288 0.57 -32.51 18.04
N PHE B 289 1.76 -32.04 17.71
CA PHE B 289 2.87 -32.92 17.34
C PHE B 289 4.07 -32.80 18.30
N ASN C 2 -5.72 48.69 -10.11
CA ASN C 2 -4.49 49.48 -10.03
C ASN C 2 -3.91 49.99 -11.40
N ALA C 3 -2.86 50.79 -11.35
CA ALA C 3 -2.29 51.37 -12.56
C ALA C 3 -1.46 50.40 -13.43
N VAL C 4 -1.71 50.41 -14.74
CA VAL C 4 -0.90 49.63 -15.69
C VAL C 4 0.26 50.50 -16.20
N PHE C 5 1.49 50.06 -15.93
CA PHE C 5 2.67 50.86 -16.26
C PHE C 5 3.02 50.92 -17.74
N GLY C 6 3.59 52.03 -18.19
CA GLY C 6 3.98 52.18 -19.59
C GLY C 6 5.30 51.50 -19.98
N VAL C 7 5.35 50.98 -21.20
CA VAL C 7 6.50 50.22 -21.64
C VAL C 7 7.64 51.10 -22.19
N LYS C 8 8.87 50.85 -21.72
CA LYS C 8 10.05 51.51 -22.28
C LYS C 8 11.08 50.47 -22.72
N GLU C 9 12.18 50.94 -23.30
CA GLU C 9 13.21 50.06 -23.82
C GLU C 9 14.57 50.58 -23.41
N TRP C 10 15.50 49.68 -23.10
CA TRP C 10 16.82 50.08 -22.65
C TRP C 10 17.95 49.30 -23.31
N GLU C 11 19.11 49.95 -23.48
CA GLU C 11 20.34 49.23 -23.76
C GLU C 11 20.88 48.78 -22.41
N CYS C 12 21.04 47.48 -22.23
CA CYS C 12 21.36 46.96 -20.92
C CYS C 12 22.65 46.20 -20.91
N GLU C 13 23.27 46.09 -19.74
CA GLU C 13 24.54 45.39 -19.60
C GLU C 13 24.35 44.07 -18.88
N VAL C 14 24.99 43.02 -19.40
CA VAL C 14 25.09 41.75 -18.69
C VAL C 14 26.00 41.89 -17.47
N LEU C 15 25.38 41.92 -16.29
CA LEU C 15 26.13 41.99 -15.04
C LEU C 15 26.65 40.61 -14.63
N SER C 16 25.74 39.67 -14.46
CA SER C 16 26.10 38.32 -14.04
C SER C 16 25.34 37.27 -14.84
N ASN C 17 26.04 36.23 -15.27
CA ASN C 17 25.42 35.11 -15.97
C ASN C 17 25.95 33.76 -15.48
N LYS C 18 25.62 33.41 -14.24
CA LYS C 18 26.06 32.14 -13.67
C LYS C 18 24.91 31.14 -13.62
N ASN C 19 25.26 29.85 -13.65
CA ASN C 19 24.27 28.79 -13.44
C ASN C 19 23.79 28.75 -12.00
N VAL C 20 22.48 28.65 -11.83
CA VAL C 20 21.88 28.64 -10.51
C VAL C 20 21.28 27.24 -10.32
N SER C 21 20.96 26.57 -11.42
CA SER C 21 20.71 25.11 -11.43
C SER C 21 21.41 24.47 -12.63
N THR C 22 21.27 23.16 -12.81
CA THR C 22 21.89 22.48 -13.95
C THR C 22 21.42 23.04 -15.30
N PHE C 23 20.17 23.50 -15.35
CA PHE C 23 19.61 23.95 -16.62
C PHE C 23 19.02 25.36 -16.64
N ILE C 24 19.14 26.09 -15.53
CA ILE C 24 18.68 27.48 -15.53
C ILE C 24 19.76 28.43 -15.00
N LYS C 25 19.95 29.54 -15.70
CA LYS C 25 20.90 30.56 -15.28
C LYS C 25 20.23 31.76 -14.61
N GLU C 26 20.91 32.33 -13.62
CA GLU C 26 20.54 33.64 -13.10
C GLU C 26 21.23 34.67 -13.99
N PHE C 27 20.44 35.30 -14.85
CA PHE C 27 20.93 36.19 -15.87
C PHE C 27 20.66 37.60 -15.43
N VAL C 28 21.69 38.32 -15.01
CA VAL C 28 21.55 39.66 -14.43
C VAL C 28 21.96 40.84 -15.35
N VAL C 29 21.17 41.90 -15.31
CA VAL C 29 21.32 42.98 -16.26
C VAL C 29 21.17 44.35 -15.56
N LYS C 30 22.11 45.27 -15.81
CA LYS C 30 22.02 46.67 -15.35
C LYS C 30 21.33 47.50 -16.39
N LEU C 31 20.47 48.43 -15.95
CA LEU C 31 19.90 49.40 -16.89
C LEU C 31 20.91 50.51 -16.96
N PRO C 32 20.76 51.42 -17.91
CA PRO C 32 21.68 52.56 -17.90
C PRO C 32 21.59 53.27 -16.56
N GLU C 33 22.54 54.14 -16.27
CA GLU C 33 22.58 54.79 -14.99
C GLU C 33 21.47 55.83 -14.83
N GLY C 34 20.75 55.76 -13.71
CA GLY C 34 19.69 56.69 -13.39
C GLY C 34 18.33 56.21 -13.87
N GLU C 35 18.35 55.22 -14.75
CA GLU C 35 17.13 54.63 -15.30
C GLU C 35 16.57 53.56 -14.36
N THR C 36 15.27 53.36 -14.43
CA THR C 36 14.57 52.47 -13.52
C THR C 36 13.30 51.96 -14.18
N MSE C 37 13.07 50.66 -14.08
CA MSE C 37 11.85 50.07 -14.61
C MSE C 37 10.76 49.98 -13.55
O MSE C 37 10.91 49.32 -12.54
CB MSE C 37 12.14 48.69 -15.18
CG MSE C 37 11.11 48.19 -16.16
SE MSE C 37 11.13 46.25 -16.35
CE MSE C 37 12.85 45.99 -17.22
N ASN C 38 9.65 50.67 -13.80
CA ASN C 38 8.49 50.56 -12.94
C ASN C 38 7.82 49.24 -13.21
N PHE C 39 7.61 48.43 -12.19
CA PHE C 39 6.85 47.22 -12.43
C PHE C 39 6.18 46.69 -11.20
N LYS C 40 5.08 45.97 -11.39
N LYS C 40 5.09 45.95 -11.39
CA LYS C 40 4.47 45.20 -10.31
CA LYS C 40 4.46 45.21 -10.32
C LYS C 40 5.03 43.79 -10.37
C LYS C 40 5.06 43.80 -10.37
N SER C 41 5.40 43.24 -9.21
CA SER C 41 5.97 41.90 -9.14
C SER C 41 5.15 40.88 -9.94
N GLY C 42 5.82 40.05 -10.72
CA GLY C 42 5.13 39.06 -11.53
C GLY C 42 5.02 39.44 -13.00
N SER C 43 5.36 40.68 -13.29
CA SER C 43 5.36 41.14 -14.67
C SER C 43 6.63 40.61 -15.29
N TYR C 44 6.70 40.68 -16.63
CA TYR C 44 7.85 40.21 -17.36
C TYR C 44 8.46 41.26 -18.26
N ALA C 45 9.58 40.92 -18.89
CA ALA C 45 10.26 41.83 -19.82
C ALA C 45 10.45 41.11 -21.14
N GLN C 46 10.92 41.85 -22.14
CA GLN C 46 11.20 41.24 -23.42
C GLN C 46 12.59 41.56 -23.92
N ILE C 47 13.38 40.50 -24.14
CA ILE C 47 14.75 40.62 -24.63
C ILE C 47 14.77 40.54 -26.14
N LYS C 48 15.57 41.41 -26.76
CA LYS C 48 15.77 41.35 -28.20
C LYS C 48 16.91 40.40 -28.50
N ILE C 49 16.57 39.35 -29.25
CA ILE C 49 17.52 38.34 -29.71
C ILE C 49 18.03 38.64 -31.13
N PRO C 50 19.32 38.98 -31.25
CA PRO C 50 19.84 39.27 -32.58
C PRO C 50 20.04 37.99 -33.37
N LYS C 51 20.43 38.09 -34.63
CA LYS C 51 20.87 36.89 -35.31
C LYS C 51 22.26 36.55 -34.80
N TYR C 52 22.61 35.27 -34.78
CA TYR C 52 23.85 34.84 -34.14
C TYR C 52 24.21 33.43 -34.52
N ASN C 53 25.43 33.04 -34.17
CA ASN C 53 25.92 31.69 -34.38
C ASN C 53 26.78 31.21 -33.20
N ILE C 54 26.20 30.40 -32.32
CA ILE C 54 26.88 29.96 -31.08
C ILE C 54 27.08 28.43 -30.92
N ARG C 55 28.08 28.06 -30.12
N ARG C 55 28.07 28.06 -30.09
CA ARG C 55 28.31 26.65 -29.79
CA ARG C 55 28.35 26.67 -29.77
C ARG C 55 28.08 26.40 -28.30
C ARG C 55 28.10 26.40 -28.28
N TYR C 56 27.31 25.36 -27.97
CA TYR C 56 27.09 24.99 -26.56
C TYR C 56 28.42 24.71 -25.87
N ALA C 57 29.40 24.28 -26.65
CA ALA C 57 30.71 23.95 -26.12
C ALA C 57 31.40 25.15 -25.49
N ASP C 58 30.78 26.32 -25.64
CA ASP C 58 31.38 27.58 -25.23
C ASP C 58 30.63 28.20 -24.05
N TYR C 59 29.66 27.48 -23.53
CA TYR C 59 28.90 27.97 -22.40
C TYR C 59 29.76 27.85 -21.15
N ASP C 60 29.57 28.75 -20.20
CA ASP C 60 30.26 28.67 -18.91
C ASP C 60 29.35 28.01 -17.88
N ILE C 61 29.71 26.79 -17.48
CA ILE C 61 28.93 26.05 -16.50
C ILE C 61 29.80 25.54 -15.36
N GLN C 62 29.29 25.64 -14.13
CA GLN C 62 30.04 25.21 -12.96
C GLN C 62 30.14 23.68 -12.85
N ASP C 63 31.21 23.23 -12.20
N ASP C 63 31.23 23.18 -12.26
CA ASP C 63 31.55 21.83 -12.12
CA ASP C 63 31.48 21.73 -12.20
C ASP C 63 30.37 20.98 -11.61
C ASP C 63 30.26 20.98 -11.68
N ARG C 64 29.67 21.48 -10.59
CA ARG C 64 28.56 20.76 -9.99
C ARG C 64 27.36 20.65 -10.92
N PHE C 65 27.27 21.54 -11.90
CA PHE C 65 26.21 21.42 -12.91
C PHE C 65 26.66 20.73 -14.19
N ARG C 66 27.97 20.64 -14.41
CA ARG C 66 28.46 20.06 -15.65
C ARG C 66 28.03 18.60 -15.82
N GLY C 67 27.66 17.97 -14.71
CA GLY C 67 27.29 16.57 -14.70
C GLY C 67 26.30 16.14 -15.78
N ASP C 68 25.13 16.76 -15.84
CA ASP C 68 24.05 16.29 -16.72
C ASP C 68 24.21 16.77 -18.15
N TRP C 69 25.03 17.78 -18.32
CA TRP C 69 25.49 18.21 -19.64
C TRP C 69 26.42 17.17 -20.24
N ASP C 70 27.30 16.62 -19.43
CA ASP C 70 28.14 15.53 -19.89
C ASP C 70 27.26 14.37 -20.35
N LYS C 71 26.37 13.92 -19.48
CA LYS C 71 25.65 12.68 -19.72
C LYS C 71 24.76 12.75 -20.95
N MSE C 72 24.18 13.91 -21.21
CA MSE C 72 23.27 14.06 -22.33
C MSE C 72 23.97 14.49 -23.61
O MSE C 72 23.38 14.44 -24.69
CB MSE C 72 22.17 15.07 -22.02
CG MSE C 72 21.56 14.86 -20.69
SE MSE C 72 19.96 15.94 -20.50
CE MSE C 72 18.79 14.92 -21.67
N ASP C 73 25.22 14.93 -23.50
CA ASP C 73 25.99 15.36 -24.65
C ASP C 73 25.47 16.69 -25.19
N ALA C 74 25.03 17.56 -24.28
CA ALA C 74 24.54 18.88 -24.65
C ALA C 74 25.67 19.75 -25.25
N TRP C 75 26.89 19.53 -24.78
CA TRP C 75 28.05 20.22 -25.31
C TRP C 75 28.15 20.14 -26.84
N SER C 76 27.65 19.06 -27.44
CA SER C 76 27.77 18.95 -28.88
C SER C 76 26.73 19.81 -29.63
N LEU C 77 25.76 20.36 -28.92
CA LEU C 77 24.75 21.18 -29.57
C LEU C 77 25.29 22.51 -30.11
N THR C 78 24.72 22.95 -31.23
CA THR C 78 25.02 24.25 -31.81
C THR C 78 23.69 24.95 -32.17
N CYS C 79 23.69 26.28 -32.22
CA CYS C 79 22.46 26.96 -32.62
C CYS C 79 22.68 28.20 -33.48
N LYS C 80 21.98 28.27 -34.61
CA LYS C 80 22.11 29.41 -35.50
C LYS C 80 20.80 30.16 -35.59
N ASN C 81 20.83 31.47 -35.46
CA ASN C 81 19.60 32.24 -35.68
C ASN C 81 19.75 33.26 -36.80
N GLU C 82 18.99 33.11 -37.89
CA GLU C 82 19.19 33.99 -39.04
C GLU C 82 18.21 35.15 -39.15
N GLU C 83 17.11 35.09 -38.40
CA GLU C 83 16.24 36.26 -38.29
C GLU C 83 15.95 36.61 -36.84
N GLU C 84 15.93 37.91 -36.55
CA GLU C 84 15.79 38.39 -35.17
C GLU C 84 14.44 38.08 -34.58
N THR C 85 14.34 38.30 -33.28
CA THR C 85 13.12 38.01 -32.55
C THR C 85 13.10 38.67 -31.19
N VAL C 86 12.05 38.38 -30.43
CA VAL C 86 11.85 38.98 -29.13
C VAL C 86 11.24 37.91 -28.24
N ARG C 87 11.69 37.78 -27.00
CA ARG C 87 11.17 36.72 -26.15
C ARG C 87 10.97 37.21 -24.73
N ALA C 88 9.99 36.67 -24.04
CA ALA C 88 9.59 37.16 -22.72
C ALA C 88 10.25 36.39 -21.58
N TYR C 89 10.64 37.13 -20.54
CA TYR C 89 11.22 36.56 -19.32
C TYR C 89 10.79 37.38 -18.12
N SER C 90 10.67 36.73 -16.97
CA SER C 90 10.04 37.36 -15.79
C SER C 90 11.05 37.94 -14.83
N MSE C 91 10.82 39.16 -14.38
CA MSE C 91 11.68 39.74 -13.35
C MSE C 91 11.60 38.87 -12.12
O MSE C 91 10.53 38.45 -11.72
CB MSE C 91 11.21 41.14 -12.97
CG MSE C 91 11.74 42.24 -13.85
SE MSE C 91 10.74 42.35 -15.52
CE MSE C 91 9.03 43.03 -14.84
N ALA C 92 12.75 38.62 -11.51
CA ALA C 92 12.81 37.66 -10.41
C ALA C 92 13.18 38.35 -9.12
N ASN C 93 13.50 39.64 -9.22
CA ASN C 93 13.72 40.45 -8.04
C ASN C 93 12.52 41.37 -7.89
N TYR C 94 12.35 41.94 -6.71
CA TYR C 94 11.23 42.83 -6.43
C TYR C 94 11.44 44.23 -7.01
N PRO C 95 10.36 45.01 -7.13
CA PRO C 95 10.41 46.33 -7.79
C PRO C 95 11.23 47.36 -7.04
N ALA C 96 11.60 47.06 -5.79
CA ALA C 96 12.43 47.95 -4.98
C ALA C 96 13.75 48.11 -5.67
N GLU C 97 14.16 47.05 -6.36
CA GLU C 97 15.34 47.09 -7.19
C GLU C 97 14.91 47.30 -8.64
N GLY C 98 15.05 48.52 -9.13
CA GLY C 98 14.54 48.83 -10.45
C GLY C 98 15.61 49.03 -11.50
N ASN C 99 16.87 49.09 -11.05
CA ASN C 99 18.00 49.29 -11.94
C ASN C 99 18.71 47.97 -12.30
N ILE C 100 18.54 46.96 -11.45
CA ILE C 100 19.15 45.67 -11.70
C ILE C 100 18.10 44.61 -11.87
N ILE C 101 17.73 44.37 -13.12
CA ILE C 101 16.76 43.35 -13.46
C ILE C 101 17.41 41.97 -13.38
N THR C 102 16.77 41.06 -12.64
CA THR C 102 17.26 39.69 -12.49
C THR C 102 16.29 38.73 -13.20
N LEU C 103 16.81 37.85 -14.06
CA LEU C 103 15.96 36.89 -14.79
C LEU C 103 16.38 35.45 -14.51
N ASN C 104 15.48 34.52 -14.74
CA ASN C 104 15.83 33.13 -14.57
C ASN C 104 15.59 32.41 -15.87
N VAL C 105 16.65 32.13 -16.63
CA VAL C 105 16.47 31.47 -17.93
C VAL C 105 16.80 29.99 -17.92
N ARG C 106 15.85 29.19 -18.38
CA ARG C 106 16.08 27.77 -18.58
C ARG C 106 16.49 27.57 -20.02
N ILE C 107 17.54 26.78 -20.23
CA ILE C 107 17.96 26.46 -21.58
C ILE C 107 16.94 25.50 -22.21
N ALA C 108 16.44 25.85 -23.38
CA ALA C 108 15.42 25.05 -24.03
C ALA C 108 16.07 24.15 -25.05
N THR C 109 16.68 23.07 -24.56
CA THR C 109 17.31 22.06 -25.41
C THR C 109 16.27 21.33 -26.26
N PRO C 110 16.71 20.64 -27.33
CA PRO C 110 15.75 19.91 -28.15
C PRO C 110 15.27 18.67 -27.43
N PRO C 111 14.19 18.07 -27.95
CA PRO C 111 13.70 16.80 -27.42
C PRO C 111 14.79 15.75 -27.40
N PHE C 112 14.74 14.82 -26.45
CA PHE C 112 15.75 13.76 -26.38
C PHE C 112 15.13 12.41 -26.78
N ASP C 113 15.63 11.84 -27.87
CA ASP C 113 15.10 10.59 -28.45
C ASP C 113 15.80 9.38 -27.85
N ARG C 114 15.02 8.49 -27.23
CA ARG C 114 15.59 7.38 -26.47
C ARG C 114 15.87 6.16 -27.34
N ALA C 115 15.47 6.25 -28.61
CA ALA C 115 15.66 5.18 -29.58
C ALA C 115 17.05 5.22 -30.21
N ALA C 116 17.56 6.44 -30.42
CA ALA C 116 18.94 6.65 -30.85
C ALA C 116 19.77 7.01 -29.63
N ASN C 117 19.07 7.45 -28.59
CA ASN C 117 19.70 7.87 -27.34
C ASN C 117 20.60 9.10 -27.50
N LYS C 118 20.09 10.05 -28.27
CA LYS C 118 20.71 11.35 -28.44
C LYS C 118 19.57 12.35 -28.62
N TRP C 119 19.91 13.59 -28.89
CA TRP C 119 18.89 14.57 -29.20
C TRP C 119 18.10 14.17 -30.45
N LYS C 120 16.83 14.52 -30.50
N LYS C 120 16.83 14.56 -30.51
CA LYS C 120 16.01 14.18 -31.65
CA LYS C 120 15.99 14.19 -31.63
C LYS C 120 16.65 14.76 -32.90
C LYS C 120 16.59 14.77 -32.92
N ALA C 121 16.81 13.91 -33.90
CA ALA C 121 17.49 14.29 -35.13
C ALA C 121 16.89 15.52 -35.84
N GLY C 122 17.73 16.53 -36.05
CA GLY C 122 17.40 17.68 -36.89
C GLY C 122 16.47 18.72 -36.30
N ILE C 123 16.66 19.01 -35.01
CA ILE C 123 15.86 20.03 -34.34
C ILE C 123 16.75 21.01 -33.61
N LYS C 124 16.63 22.29 -33.96
CA LYS C 124 17.33 23.38 -33.27
C LYS C 124 16.96 23.42 -31.79
N PRO C 125 17.94 23.75 -30.95
CA PRO C 125 17.62 24.15 -29.58
C PRO C 125 16.81 25.43 -29.59
N GLY C 126 16.23 25.80 -28.45
CA GLY C 126 15.55 27.06 -28.33
C GLY C 126 16.40 28.20 -28.84
N ILE C 127 15.80 29.09 -29.62
CA ILE C 127 16.51 30.21 -30.20
C ILE C 127 16.86 31.28 -29.16
N SER C 128 15.89 31.65 -28.33
CA SER C 128 16.13 32.70 -27.35
C SER C 128 17.11 32.22 -26.28
N SER C 129 16.72 31.17 -25.58
CA SER C 129 17.52 30.63 -24.50
C SER C 129 18.97 30.36 -24.91
N SER C 130 19.17 29.81 -26.11
CA SER C 130 20.52 29.46 -26.53
C SER C 130 21.37 30.68 -26.72
N TYR C 131 20.74 31.81 -27.01
CA TYR C 131 21.46 33.07 -27.08
C TYR C 131 21.81 33.58 -25.69
N ILE C 132 20.83 33.65 -24.80
CA ILE C 132 21.09 34.08 -23.42
C ILE C 132 22.27 33.30 -22.79
N PHE C 133 22.27 31.99 -22.94
CA PHE C 133 23.32 31.18 -22.33
C PHE C 133 24.71 31.52 -22.86
N SER C 134 24.76 32.05 -24.08
CA SER C 134 26.03 32.38 -24.69
C SER C 134 26.58 33.72 -24.24
N LEU C 135 25.89 34.39 -23.31
CA LEU C 135 26.28 35.74 -22.92
C LEU C 135 27.16 35.79 -21.69
N LYS C 136 28.01 36.80 -21.64
CA LYS C 136 29.00 36.95 -20.58
C LYS C 136 28.94 38.35 -20.01
N PRO C 137 29.35 38.50 -18.75
CA PRO C 137 29.37 39.85 -18.18
C PRO C 137 30.12 40.80 -19.12
N GLY C 138 29.57 42.00 -19.30
CA GLY C 138 30.13 42.95 -20.25
C GLY C 138 29.29 43.13 -21.50
N ASP C 139 28.58 42.05 -21.89
CA ASP C 139 27.74 42.05 -23.08
C ASP C 139 26.57 43.01 -22.96
N LYS C 140 25.95 43.32 -24.09
CA LYS C 140 24.80 44.23 -24.09
C LYS C 140 23.56 43.55 -24.67
N VAL C 141 22.39 43.92 -24.17
CA VAL C 141 21.12 43.41 -24.67
C VAL C 141 20.11 44.52 -24.68
N MSE C 142 19.19 44.47 -25.63
CA MSE C 142 18.06 45.41 -25.70
C MSE C 142 16.90 44.78 -24.99
O MSE C 142 16.48 43.69 -25.32
CB MSE C 142 17.65 45.71 -27.14
CG MSE C 142 18.66 46.54 -27.92
SE MSE C 142 19.13 48.25 -27.12
CE MSE C 142 21.04 48.15 -27.54
N MSE C 143 16.38 45.50 -24.01
CA MSE C 143 15.32 44.94 -23.22
C MSE C 143 14.21 45.97 -23.10
O MSE C 143 14.48 47.16 -22.95
CB MSE C 143 15.86 44.55 -21.86
CG MSE C 143 14.97 43.63 -21.10
SE MSE C 143 15.85 43.10 -19.46
CE MSE C 143 15.92 44.81 -18.55
N SER C 144 12.97 45.51 -23.20
CA SER C 144 11.84 46.38 -22.96
C SER C 144 10.98 45.82 -21.84
N GLY C 145 10.28 46.73 -21.14
CA GLY C 145 9.43 46.38 -20.02
C GLY C 145 8.68 47.56 -19.44
N PRO C 146 7.62 47.28 -18.68
CA PRO C 146 7.23 45.91 -18.33
C PRO C 146 5.97 45.48 -19.06
N TYR C 147 5.71 44.17 -19.04
CA TYR C 147 4.48 43.63 -19.57
C TYR C 147 3.87 42.70 -18.53
N GLY C 148 2.58 42.41 -18.68
CA GLY C 148 2.00 41.19 -18.15
C GLY C 148 1.03 41.45 -17.02
N ASP C 149 0.37 40.39 -16.56
CA ASP C 149 -0.89 40.53 -15.86
C ASP C 149 -0.86 39.85 -14.49
N PHE C 150 0.25 39.16 -14.21
CA PHE C 150 0.30 38.21 -13.12
C PHE C 150 0.61 38.90 -11.79
N HIS C 151 -0.43 39.41 -11.13
CA HIS C 151 -0.26 40.40 -10.08
C HIS C 151 -0.93 39.94 -8.78
N ILE C 152 -0.22 40.08 -7.67
CA ILE C 152 -0.81 39.91 -6.35
C ILE C 152 -2.20 40.56 -6.28
N GLN C 153 -3.18 39.80 -5.81
CA GLN C 153 -4.47 40.36 -5.43
C GLN C 153 -4.42 41.01 -4.06
N ASP C 154 -4.96 42.22 -3.95
CA ASP C 154 -4.88 43.00 -2.72
C ASP C 154 -5.98 42.58 -1.75
N THR C 155 -5.60 41.82 -0.73
CA THR C 155 -6.55 40.98 -0.01
C THR C 155 -6.04 40.61 1.38
N ASP C 156 -6.85 39.89 2.13
CA ASP C 156 -6.42 39.35 3.42
C ASP C 156 -6.11 37.86 3.30
N ALA C 157 -6.57 37.24 2.21
CA ALA C 157 -6.53 35.81 2.07
C ALA C 157 -5.16 35.18 2.33
N GLU C 158 -5.22 33.95 2.81
CA GLU C 158 -4.08 33.07 2.78
C GLU C 158 -3.67 32.93 1.32
N MSE C 159 -2.37 32.97 1.07
CA MSE C 159 -1.89 32.72 -0.27
C MSE C 159 -0.88 31.59 -0.31
O MSE C 159 0.01 31.50 0.52
CB MSE C 159 -1.36 34.00 -0.92
CG MSE C 159 -0.62 34.93 0.01
SE MSE C 159 -0.25 36.70 -0.75
CE MSE C 159 -1.64 36.73 -2.11
N LEU C 160 -1.04 30.70 -1.28
CA LEU C 160 -0.18 29.54 -1.39
C LEU C 160 0.52 29.56 -2.73
N TYR C 161 1.85 29.67 -2.72
CA TYR C 161 2.64 29.67 -3.95
C TYR C 161 3.08 28.26 -4.35
N ILE C 162 2.87 27.92 -5.62
CA ILE C 162 3.31 26.65 -6.16
C ILE C 162 4.23 26.92 -7.32
N GLY C 163 5.52 26.56 -7.20
CA GLY C 163 6.45 26.87 -8.27
C GLY C 163 7.26 25.69 -8.74
N GLY C 164 7.81 25.80 -9.94
CA GLY C 164 8.71 24.78 -10.45
C GLY C 164 9.59 25.32 -11.58
N GLY C 165 10.82 24.79 -11.69
CA GLY C 165 11.69 25.17 -12.77
C GLY C 165 11.97 26.66 -12.70
N ALA C 166 11.95 27.34 -13.84
CA ALA C 166 12.18 28.78 -13.86
C ALA C 166 10.96 29.57 -13.41
N GLY C 167 9.96 28.85 -12.90
CA GLY C 167 8.82 29.48 -12.27
C GLY C 167 9.23 30.26 -11.02
N MSE C 168 10.37 29.92 -10.44
CA MSE C 168 10.93 30.73 -9.37
C MSE C 168 10.67 32.20 -9.56
O MSE C 168 10.31 32.91 -8.62
CB MSE C 168 12.45 30.54 -9.28
CG MSE C 168 12.92 29.81 -8.03
SE MSE C 168 12.18 30.49 -6.35
CE MSE C 168 13.42 31.90 -5.93
N ALA C 169 10.87 32.68 -10.79
CA ALA C 169 11.04 34.10 -11.03
C ALA C 169 9.87 34.96 -10.55
N PRO C 170 8.72 34.81 -11.19
CA PRO C 170 7.60 35.65 -10.74
C PRO C 170 7.32 35.40 -9.25
N LEU C 171 7.12 34.14 -8.89
CA LEU C 171 6.85 33.78 -7.51
C LEU C 171 7.82 34.45 -6.53
N ARG C 172 9.10 34.43 -6.84
CA ARG C 172 10.06 35.04 -5.94
C ARG C 172 9.91 36.56 -5.86
N ALA C 173 9.74 37.20 -7.00
CA ALA C 173 9.54 38.65 -7.04
C ALA C 173 8.36 39.09 -6.17
N GLN C 174 7.23 38.41 -6.31
CA GLN C 174 6.09 38.68 -5.48
C GLN C 174 6.39 38.44 -3.98
N ILE C 175 7.02 37.31 -3.66
CA ILE C 175 7.25 36.96 -2.27
C ILE C 175 8.17 37.94 -1.56
N LEU C 176 9.20 38.41 -2.27
CA LEU C 176 10.08 39.43 -1.71
C LEU C 176 9.36 40.77 -1.62
N HIS C 177 8.57 41.11 -2.64
CA HIS C 177 7.78 42.33 -2.58
C HIS C 177 6.90 42.30 -1.34
N LEU C 178 6.15 41.21 -1.22
CA LEU C 178 5.28 41.03 -0.08
C LEU C 178 5.99 41.19 1.26
N PHE C 179 7.22 40.68 1.38
CA PHE C 179 7.87 40.67 2.69
C PHE C 179 8.96 41.71 2.96
N ARG C 180 9.86 41.90 1.99
N ARG C 180 9.84 41.90 1.99
CA ARG C 180 10.92 42.89 2.13
CA ARG C 180 10.91 42.88 2.12
C ARG C 180 10.39 44.32 1.98
C ARG C 180 10.33 44.29 2.04
N THR C 181 9.32 44.48 1.21
CA THR C 181 8.69 45.79 1.08
C THR C 181 7.37 45.98 1.86
N LEU C 182 6.31 45.31 1.45
CA LEU C 182 5.03 45.47 2.13
C LEU C 182 5.01 44.99 3.58
N LYS C 183 6.01 44.20 4.00
CA LYS C 183 6.08 43.65 5.37
C LYS C 183 4.78 42.98 5.85
N THR C 184 4.18 42.19 4.96
CA THR C 184 2.80 41.70 5.10
C THR C 184 2.49 40.87 6.34
N GLY C 185 1.21 40.83 6.69
CA GLY C 185 0.74 39.99 7.76
C GLY C 185 -0.05 38.81 7.23
N ARG C 186 -0.18 38.69 5.92
CA ARG C 186 -0.88 37.55 5.35
C ARG C 186 -0.19 36.21 5.62
N LYS C 187 -0.99 35.15 5.73
CA LYS C 187 -0.41 33.80 5.81
C LYS C 187 0.02 33.43 4.40
N VAL C 188 1.31 33.15 4.25
CA VAL C 188 1.85 32.83 2.94
C VAL C 188 2.73 31.57 3.01
N SER C 189 2.46 30.62 2.15
CA SER C 189 3.36 29.48 2.06
C SER C 189 3.86 29.33 0.61
N TYR C 190 5.12 28.95 0.45
CA TYR C 190 5.65 28.69 -0.88
C TYR C 190 6.10 27.24 -0.98
N TRP C 191 5.60 26.55 -2.00
CA TRP C 191 6.02 25.19 -2.31
C TRP C 191 6.71 25.18 -3.68
N TYR C 192 8.00 24.87 -3.69
CA TYR C 192 8.79 24.81 -4.94
C TYR C 192 9.26 23.37 -5.17
N GLY C 193 9.15 22.88 -6.39
CA GLY C 193 9.52 21.49 -6.64
C GLY C 193 10.62 21.28 -7.68
N ALA C 194 11.59 20.40 -7.37
CA ALA C 194 12.67 20.10 -8.30
C ALA C 194 13.16 18.65 -8.24
N ARG C 195 13.92 18.24 -9.26
CA ARG C 195 14.47 16.88 -9.31
C ARG C 195 15.10 16.50 -7.97
N SER C 196 16.17 17.20 -7.60
CA SER C 196 17.00 16.83 -6.46
C SER C 196 17.58 18.07 -5.79
N LYS C 197 18.30 17.88 -4.68
N LYS C 197 18.29 17.88 -4.68
CA LYS C 197 18.84 18.99 -3.89
CA LYS C 197 18.81 19.01 -3.92
C LYS C 197 19.64 19.96 -4.77
C LYS C 197 19.63 19.97 -4.80
N ASN C 198 20.48 19.41 -5.64
CA ASN C 198 21.34 20.22 -6.49
C ASN C 198 20.56 21.25 -7.35
N GLU C 199 19.26 21.03 -7.50
CA GLU C 199 18.44 21.88 -8.35
C GLU C 199 17.78 23.07 -7.65
N ILE C 200 17.98 23.17 -6.34
CA ILE C 200 17.34 24.20 -5.55
C ILE C 200 18.18 25.45 -5.48
N PHE C 201 17.56 26.61 -5.64
CA PHE C 201 18.27 27.88 -5.49
C PHE C 201 17.39 28.95 -4.84
N TYR C 202 18.05 30.00 -4.37
CA TYR C 202 17.40 31.05 -3.59
C TYR C 202 16.83 30.57 -2.25
N GLU C 203 17.28 29.41 -1.79
CA GLU C 203 16.73 28.85 -0.54
C GLU C 203 16.95 29.79 0.63
N GLU C 204 18.19 30.27 0.81
CA GLU C 204 18.48 31.09 1.98
C GLU C 204 17.71 32.39 1.97
N ASP C 205 17.37 32.89 0.78
CA ASP C 205 16.50 34.06 0.68
C ASP C 205 15.25 33.86 1.54
N PHE C 206 14.55 32.75 1.28
CA PHE C 206 13.30 32.42 1.99
C PHE C 206 13.52 32.00 3.45
N ARG C 207 14.55 31.21 3.70
CA ARG C 207 14.94 30.87 5.06
C ARG C 207 15.13 32.11 5.90
N GLU C 208 15.65 33.18 5.29
CA GLU C 208 15.76 34.46 5.97
C GLU C 208 14.38 35.01 6.32
N ILE C 209 13.52 35.11 5.32
CA ILE C 209 12.19 35.60 5.52
C ILE C 209 11.44 34.83 6.60
N GLU C 210 11.54 33.50 6.58
CA GLU C 210 10.71 32.75 7.51
C GLU C 210 11.16 32.94 8.95
N ARG C 211 12.35 33.48 9.14
CA ARG C 211 12.91 33.74 10.46
C ARG C 211 12.39 35.04 11.05
N GLU C 212 11.87 35.90 10.17
CA GLU C 212 11.43 37.23 10.56
C GLU C 212 9.91 37.33 10.57
N PHE C 213 9.28 36.41 9.86
CA PHE C 213 7.84 36.37 9.69
C PHE C 213 7.37 34.95 9.89
N PRO C 214 6.78 34.66 11.05
CA PRO C 214 6.17 33.35 11.34
C PRO C 214 5.08 33.01 10.36
N ASN C 215 4.49 34.04 9.75
CA ASN C 215 3.39 33.82 8.81
C ASN C 215 3.87 33.40 7.42
N PHE C 216 5.18 33.19 7.26
CA PHE C 216 5.72 32.69 6.01
C PHE C 216 6.35 31.33 6.16
N LYS C 217 5.98 30.39 5.30
CA LYS C 217 6.63 29.09 5.31
C LYS C 217 7.15 28.70 3.93
N PHE C 218 8.35 28.14 3.90
CA PHE C 218 8.95 27.72 2.65
C PHE C 218 9.21 26.22 2.60
N HIS C 219 8.67 25.56 1.58
CA HIS C 219 8.70 24.11 1.49
C HIS C 219 9.34 23.67 0.18
N ILE C 220 10.36 22.83 0.28
CA ILE C 220 10.94 22.22 -0.90
C ILE C 220 10.44 20.79 -1.00
N ALA C 221 10.05 20.37 -2.20
CA ALA C 221 9.77 18.97 -2.43
C ALA C 221 10.65 18.47 -3.59
N LEU C 222 11.24 17.29 -3.41
CA LEU C 222 12.11 16.69 -4.41
C LEU C 222 11.38 15.53 -5.11
N SER C 223 11.38 15.52 -6.43
CA SER C 223 10.68 14.47 -7.16
C SER C 223 11.53 13.25 -7.48
N ASP C 224 12.83 13.45 -7.71
CA ASP C 224 13.74 12.33 -7.84
C ASP C 224 14.97 12.56 -7.00
N PRO C 225 14.77 12.57 -5.67
CA PRO C 225 15.84 12.85 -4.73
C PRO C 225 17.01 11.91 -4.99
N GLN C 226 18.21 12.48 -5.08
CA GLN C 226 19.41 11.69 -5.29
C GLN C 226 19.98 11.18 -3.97
N PRO C 227 20.53 9.95 -3.99
CA PRO C 227 21.23 9.37 -2.84
C PRO C 227 22.21 10.32 -2.16
N GLU C 228 22.80 11.25 -2.90
CA GLU C 228 23.75 12.19 -2.31
C GLU C 228 23.13 13.41 -1.62
N ASP C 229 21.81 13.41 -1.48
CA ASP C 229 21.14 14.58 -0.92
C ASP C 229 20.89 14.38 0.57
N ASN C 230 20.99 13.13 1.02
CA ASN C 230 20.69 12.76 2.39
C ASN C 230 19.34 13.32 2.74
N TRP C 231 18.44 13.35 1.76
CA TRP C 231 17.20 14.12 1.83
C TRP C 231 16.23 13.62 2.87
N THR C 232 15.76 14.54 3.69
CA THR C 232 14.85 14.16 4.74
C THR C 232 13.48 14.82 4.56
N GLY C 233 13.37 15.70 3.56
CA GLY C 233 12.18 16.48 3.35
C GLY C 233 11.09 15.81 2.52
N TYR C 234 10.17 16.62 2.01
CA TYR C 234 9.05 16.12 1.21
C TYR C 234 9.50 15.57 -0.14
N VAL C 235 8.92 14.43 -0.51
CA VAL C 235 9.33 13.77 -1.72
C VAL C 235 8.11 13.40 -2.55
N GLY C 236 8.06 13.92 -3.77
CA GLY C 236 6.99 13.58 -4.71
C GLY C 236 6.76 14.71 -5.69
N PHE C 237 5.62 14.68 -6.39
CA PHE C 237 5.19 15.80 -7.19
C PHE C 237 4.74 16.86 -6.21
N ILE C 238 4.75 18.14 -6.57
CA ILE C 238 4.35 19.17 -5.62
C ILE C 238 2.87 19.09 -5.29
N HIS C 239 2.03 18.95 -6.30
CA HIS C 239 0.60 18.90 -6.01
C HIS C 239 0.31 17.81 -4.97
N GLN C 240 0.94 16.64 -5.13
CA GLN C 240 0.78 15.54 -4.19
C GLN C 240 1.38 15.89 -2.82
N VAL C 241 2.57 16.50 -2.82
CA VAL C 241 3.15 16.90 -1.56
C VAL C 241 2.27 17.93 -0.87
N ILE C 242 1.80 18.91 -1.62
CA ILE C 242 0.97 19.95 -1.02
C ILE C 242 -0.32 19.34 -0.50
N TYR C 243 -0.94 18.49 -1.29
CA TYR C 243 -2.21 17.87 -0.94
C TYR C 243 -2.07 17.03 0.33
N ASP C 244 -1.02 16.22 0.38
CA ASP C 244 -0.89 15.19 1.42
C ASP C 244 -0.68 15.81 2.79
N ASN C 245 0.08 16.89 2.84
CA ASN C 245 0.52 17.48 4.10
C ASN C 245 -0.39 18.63 4.53
N TYR C 246 -0.38 19.70 3.75
CA TYR C 246 -1.10 20.92 4.11
C TYR C 246 -2.59 20.79 3.79
N LEU C 247 -2.89 20.44 2.54
CA LEU C 247 -4.19 20.74 1.96
C LEU C 247 -5.25 19.75 2.44
N LYS C 248 -4.95 18.47 2.34
CA LYS C 248 -5.91 17.42 2.65
C LYS C 248 -6.51 17.62 4.04
N ASP C 249 -5.76 18.30 4.91
CA ASP C 249 -6.17 18.47 6.30
C ASP C 249 -6.45 19.94 6.61
N HIS C 250 -6.54 20.75 5.56
CA HIS C 250 -6.86 22.17 5.72
C HIS C 250 -8.34 22.38 5.99
N ASP C 251 -8.66 23.42 6.74
CA ASP C 251 -10.04 23.72 7.10
C ASP C 251 -10.84 24.16 5.88
N ALA C 252 -10.31 25.16 5.16
CA ALA C 252 -11.01 25.74 4.02
C ALA C 252 -10.04 26.05 2.89
N PRO C 253 -9.93 25.13 1.94
CA PRO C 253 -9.01 25.29 0.81
C PRO C 253 -9.62 26.15 -0.29
N GLU C 254 -10.92 26.41 -0.21
CA GLU C 254 -11.58 27.30 -1.14
C GLU C 254 -11.17 28.75 -0.92
N ASP C 255 -10.79 29.07 0.32
CA ASP C 255 -10.58 30.45 0.73
C ASP C 255 -9.19 30.95 0.32
N ILE C 256 -8.37 30.03 -0.17
CA ILE C 256 -6.94 30.31 -0.40
C ILE C 256 -6.69 30.81 -1.82
N GLU C 257 -5.93 31.89 -1.97
CA GLU C 257 -5.48 32.29 -3.31
C GLU C 257 -4.24 31.49 -3.74
N TYR C 258 -4.33 30.78 -4.86
CA TYR C 258 -3.20 29.98 -5.35
C TYR C 258 -2.40 30.69 -6.44
N TYR C 259 -1.16 31.03 -6.15
CA TYR C 259 -0.33 31.60 -7.19
C TYR C 259 0.62 30.54 -7.68
N MSE C 260 0.65 30.32 -8.99
CA MSE C 260 1.39 29.21 -9.54
C MSE C 260 2.14 29.53 -10.82
O MSE C 260 1.68 30.29 -11.66
CB MSE C 260 0.44 28.04 -9.80
CG MSE C 260 0.86 27.19 -10.98
SE MSE C 260 -0.07 25.47 -10.98
CE MSE C 260 1.10 24.59 -9.71
N CYS C 261 3.33 28.93 -10.94
CA CYS C 261 4.14 29.07 -12.13
C CYS C 261 5.13 27.91 -12.30
N GLY C 262 5.18 27.36 -13.50
CA GLY C 262 6.00 26.20 -13.76
C GLY C 262 5.49 25.46 -14.98
N PRO C 263 6.14 24.34 -15.31
CA PRO C 263 5.95 23.62 -16.57
C PRO C 263 4.56 23.02 -16.73
N GLY C 264 4.10 22.94 -17.97
CA GLY C 264 2.82 22.32 -18.28
C GLY C 264 2.38 21.12 -17.45
N PRO C 265 3.23 20.09 -17.33
CA PRO C 265 2.74 18.89 -16.63
C PRO C 265 2.52 19.15 -15.14
N MSE C 266 3.36 19.97 -14.52
CA MSE C 266 3.22 20.24 -13.10
C MSE C 266 1.94 21.03 -12.89
O MSE C 266 1.14 20.73 -12.01
CB MSE C 266 4.40 21.06 -12.60
CG MSE C 266 4.24 21.48 -11.18
SE MSE C 266 4.93 23.28 -10.81
CE MSE C 266 3.76 24.32 -11.97
N ALA C 267 1.79 22.03 -13.74
CA ALA C 267 0.63 22.91 -13.76
C ALA C 267 -0.68 22.17 -13.98
N ASN C 268 -0.66 21.14 -14.81
CA ASN C 268 -1.91 20.46 -15.08
C ASN C 268 -2.24 19.42 -14.02
N ALA C 269 -1.22 18.82 -13.41
CA ALA C 269 -1.45 17.92 -12.29
C ALA C 269 -2.08 18.73 -11.18
N VAL C 270 -1.63 19.97 -11.04
CA VAL C 270 -2.13 20.80 -9.95
C VAL C 270 -3.58 21.16 -10.11
N LYS C 271 -3.99 21.39 -11.36
CA LYS C 271 -5.37 21.77 -11.66
C LYS C 271 -6.27 20.58 -11.42
N GLY C 272 -5.79 19.41 -11.82
CA GLY C 272 -6.55 18.19 -11.64
C GLY C 272 -6.81 17.90 -10.19
N MSE C 273 -5.84 18.19 -9.35
CA MSE C 273 -5.98 17.98 -7.92
C MSE C 273 -6.95 19.00 -7.34
O MSE C 273 -7.90 18.63 -6.64
CB MSE C 273 -4.61 18.06 -7.26
CG MSE C 273 -4.56 17.81 -5.76
SE MSE C 273 -4.51 19.44 -4.68
CE MSE C 273 -2.91 20.29 -5.37
N LEU C 274 -6.74 20.28 -7.63
CA LEU C 274 -7.56 21.34 -7.08
C LEU C 274 -9.00 21.19 -7.56
N GLU C 275 -9.19 20.54 -8.70
CA GLU C 275 -10.53 20.34 -9.21
C GLU C 275 -11.30 19.38 -8.32
N ASN C 276 -10.75 18.17 -8.15
CA ASN C 276 -11.36 17.19 -7.26
C ASN C 276 -11.52 17.72 -5.84
N LEU C 277 -10.52 18.45 -5.37
CA LEU C 277 -10.52 19.01 -4.03
C LEU C 277 -11.68 19.99 -3.83
N GLY C 278 -12.09 20.63 -4.93
CA GLY C 278 -13.21 21.56 -4.89
C GLY C 278 -12.89 23.05 -4.83
N VAL C 279 -11.61 23.44 -4.90
CA VAL C 279 -11.35 24.87 -4.89
C VAL C 279 -11.83 25.42 -6.22
N PRO C 280 -12.50 26.57 -6.16
CA PRO C 280 -13.05 27.27 -7.33
C PRO C 280 -11.97 27.68 -8.32
N ARG C 281 -12.27 27.60 -9.61
CA ARG C 281 -11.29 27.90 -10.64
C ARG C 281 -10.74 29.31 -10.52
N ASN C 282 -11.54 30.21 -9.95
CA ASN C 282 -11.14 31.60 -9.85
C ASN C 282 -10.18 31.90 -8.71
N MSE C 283 -9.85 30.89 -7.91
CA MSE C 283 -8.93 31.06 -6.80
C MSE C 283 -7.54 30.77 -7.24
O MSE C 283 -6.60 30.84 -6.45
CB MSE C 283 -9.28 30.15 -5.62
CG MSE C 283 -10.62 30.46 -4.96
SE MSE C 283 -10.81 32.37 -4.54
CE MSE C 283 -9.61 32.50 -3.00
N LEU C 284 -7.39 30.43 -8.52
CA LEU C 284 -6.11 29.99 -9.06
C LEU C 284 -5.53 31.00 -10.05
N PHE C 285 -4.38 31.58 -9.72
CA PHE C 285 -3.72 32.52 -10.61
C PHE C 285 -2.48 31.90 -11.22
N PHE C 286 -2.53 31.70 -12.53
CA PHE C 286 -1.52 30.89 -13.21
C PHE C 286 -0.76 31.65 -14.28
N ASP C 287 0.55 31.86 -14.06
CA ASP C 287 1.44 32.45 -15.08
C ASP C 287 1.93 31.41 -16.09
N ASP C 288 1.34 31.46 -17.29
CA ASP C 288 1.63 30.49 -18.35
C ASP C 288 2.89 30.85 -19.16
N PHE C 289 3.93 30.06 -19.01
CA PHE C 289 5.14 30.30 -19.78
C PHE C 289 5.05 29.80 -21.22
N GLY C 290 4.06 28.94 -21.49
CA GLY C 290 3.98 28.29 -22.77
C GLY C 290 4.93 27.10 -22.83
N GLY D 6 0.79 10.64 48.93
CA GLY D 6 -0.23 11.44 48.28
C GLY D 6 -0.87 10.78 47.06
N VAL D 7 -1.34 9.54 47.26
CA VAL D 7 -1.70 8.66 46.16
C VAL D 7 -2.78 7.64 46.53
N LYS D 8 -3.88 7.63 45.79
CA LYS D 8 -4.99 6.69 46.03
C LYS D 8 -4.92 5.48 45.11
N GLU D 9 -5.63 4.40 45.46
CA GLU D 9 -5.59 3.17 44.66
C GLU D 9 -6.98 2.57 44.45
N TRP D 10 -7.56 2.77 43.27
CA TRP D 10 -8.87 2.20 42.96
C TRP D 10 -8.81 0.89 42.19
N GLU D 11 -9.93 0.20 42.14
CA GLU D 11 -10.09 -0.96 41.27
C GLU D 11 -10.87 -0.48 40.07
N CYS D 12 -10.22 -0.46 38.92
CA CYS D 12 -10.87 0.03 37.73
C CYS D 12 -11.24 -1.16 36.89
N GLU D 13 -12.08 -0.94 35.88
CA GLU D 13 -12.39 -2.02 34.97
C GLU D 13 -12.08 -1.64 33.52
N VAL D 14 -11.65 -2.62 32.74
CA VAL D 14 -11.20 -2.36 31.37
C VAL D 14 -12.38 -2.03 30.47
N LEU D 15 -12.22 -0.99 29.65
CA LEU D 15 -13.22 -0.64 28.65
C LEU D 15 -12.82 -1.15 27.27
N SER D 16 -11.63 -0.75 26.82
CA SER D 16 -11.16 -1.11 25.48
C SER D 16 -9.68 -1.47 25.48
N ASN D 17 -9.36 -2.67 25.04
CA ASN D 17 -7.98 -3.04 24.76
C ASN D 17 -7.75 -3.38 23.29
N LYS D 18 -7.84 -2.36 22.44
CA LYS D 18 -7.54 -2.52 21.02
C LYS D 18 -6.12 -2.05 20.71
N ASN D 19 -5.40 -2.85 19.93
CA ASN D 19 -4.18 -2.39 19.27
C ASN D 19 -4.38 -1.03 18.60
N VAL D 20 -3.41 -0.14 18.80
CA VAL D 20 -3.49 1.20 18.22
C VAL D 20 -2.34 1.33 17.19
N SER D 21 -1.27 0.57 17.42
CA SER D 21 -0.24 0.29 16.41
C SER D 21 0.03 -1.21 16.37
N THR D 22 1.06 -1.62 15.64
CA THR D 22 1.33 -3.04 15.53
C THR D 22 1.64 -3.60 16.90
N PHE D 23 2.28 -2.77 17.71
CA PHE D 23 2.81 -3.24 18.99
C PHE D 23 2.41 -2.42 20.20
N ILE D 24 1.52 -1.45 20.01
CA ILE D 24 0.99 -0.68 21.13
C ILE D 24 -0.54 -0.86 21.20
N LYS D 25 -1.02 -1.26 22.38
CA LYS D 25 -2.45 -1.32 22.67
C LYS D 25 -2.90 -0.04 23.38
N GLU D 26 -4.14 0.38 23.13
CA GLU D 26 -4.67 1.52 23.84
C GLU D 26 -5.51 1.01 24.99
N PHE D 27 -4.91 0.94 26.16
CA PHE D 27 -5.50 0.33 27.33
C PHE D 27 -6.38 1.35 28.07
N VAL D 28 -7.70 1.18 28.05
CA VAL D 28 -8.60 2.14 28.69
C VAL D 28 -9.36 1.57 29.88
N VAL D 29 -9.15 2.17 31.05
CA VAL D 29 -9.79 1.72 32.29
C VAL D 29 -10.65 2.82 32.88
N LYS D 30 -11.51 2.44 33.81
CA LYS D 30 -12.50 3.32 34.41
C LYS D 30 -12.61 3.09 35.91
N LEU D 31 -12.34 4.13 36.67
CA LEU D 31 -12.44 4.10 38.13
C LEU D 31 -13.90 3.95 38.56
N PRO D 32 -14.17 3.47 39.80
CA PRO D 32 -15.56 3.29 40.24
C PRO D 32 -16.38 4.57 40.10
N GLU D 33 -17.70 4.44 39.98
CA GLU D 33 -18.55 5.60 39.75
C GLU D 33 -18.31 6.70 40.78
N GLY D 34 -17.99 7.89 40.29
CA GLY D 34 -17.77 9.03 41.17
C GLY D 34 -16.39 9.07 41.82
N GLU D 35 -15.40 8.47 41.16
CA GLU D 35 -14.03 8.61 41.61
C GLU D 35 -13.28 9.47 40.62
N THR D 36 -12.27 10.19 41.08
CA THR D 36 -11.48 11.01 40.18
C THR D 36 -9.99 11.03 40.56
N MSE D 37 -9.16 10.79 39.55
CA MSE D 37 -7.72 10.97 39.72
C MSE D 37 -7.37 12.38 39.32
O MSE D 37 -7.60 12.80 38.19
CB MSE D 37 -6.96 9.97 38.87
CG MSE D 37 -5.51 10.36 38.62
SE MSE D 37 -4.36 8.83 38.22
CE MSE D 37 -4.42 8.00 39.98
N ASN D 38 -6.83 13.13 40.26
CA ASN D 38 -6.35 14.46 39.95
C ASN D 38 -4.87 14.45 39.67
N PHE D 39 -4.51 14.52 38.40
CA PHE D 39 -3.10 14.46 38.04
C PHE D 39 -2.69 15.66 37.20
N LYS D 40 -1.39 15.96 37.19
CA LYS D 40 -0.87 16.92 36.23
C LYS D 40 -0.54 16.15 34.96
N SER D 41 -0.99 16.63 33.81
CA SER D 41 -0.69 15.93 32.58
C SER D 41 0.82 15.76 32.44
N GLY D 42 1.24 14.51 32.27
CA GLY D 42 2.64 14.14 32.29
C GLY D 42 2.94 13.09 33.35
N SER D 43 2.07 13.03 34.35
CA SER D 43 2.19 12.06 35.42
C SER D 43 1.94 10.65 34.90
N TYR D 44 2.12 9.67 35.77
CA TYR D 44 1.94 8.28 35.40
C TYR D 44 1.25 7.55 36.53
N ALA D 45 0.74 6.36 36.24
CA ALA D 45 0.08 5.57 37.26
C ALA D 45 0.78 4.24 37.38
N GLN D 46 0.41 3.46 38.40
CA GLN D 46 1.00 2.15 38.58
C GLN D 46 -0.06 1.06 38.65
N ILE D 47 0.20 -0.03 37.93
CA ILE D 47 -0.74 -1.14 37.88
C ILE D 47 -0.19 -2.38 38.60
N LYS D 48 -1.07 -3.07 39.31
CA LYS D 48 -0.68 -4.30 39.99
C LYS D 48 -0.76 -5.46 39.03
N ILE D 49 0.37 -6.13 38.83
CA ILE D 49 0.45 -7.29 37.95
C ILE D 49 0.35 -8.61 38.72
N PRO D 50 -0.86 -9.21 38.76
CA PRO D 50 -1.12 -10.47 39.47
C PRO D 50 -0.25 -11.61 38.96
N LYS D 51 -0.19 -12.70 39.73
CA LYS D 51 0.40 -13.93 39.21
C LYS D 51 -0.44 -14.30 37.99
N TYR D 52 0.14 -15.02 37.05
CA TYR D 52 -0.60 -15.42 35.86
C TYR D 52 0.11 -16.42 34.93
N ASN D 53 -0.69 -17.02 34.07
CA ASN D 53 -0.18 -17.82 32.98
C ASN D 53 -1.03 -17.51 31.75
N ILE D 54 -0.37 -17.01 30.70
CA ILE D 54 -1.06 -16.63 29.48
C ILE D 54 -0.22 -16.99 28.26
N ARG D 55 -0.85 -17.07 27.09
CA ARG D 55 -0.12 -17.25 25.85
C ARG D 55 -0.54 -16.22 24.80
N TYR D 56 0.39 -15.82 23.93
CA TYR D 56 0.11 -14.78 22.95
C TYR D 56 -0.91 -15.21 21.92
N ALA D 57 -0.96 -16.50 21.62
CA ALA D 57 -2.00 -17.00 20.73
C ALA D 57 -3.38 -16.49 21.13
N ASP D 58 -3.58 -16.18 22.41
CA ASP D 58 -4.89 -15.74 22.89
C ASP D 58 -5.04 -14.22 22.93
N TYR D 59 -4.02 -13.47 22.50
CA TYR D 59 -4.15 -12.01 22.35
C TYR D 59 -5.14 -11.64 21.24
N ASP D 60 -5.55 -10.38 21.19
CA ASP D 60 -6.57 -9.98 20.23
C ASP D 60 -6.09 -8.83 19.34
N ILE D 61 -5.60 -9.19 18.14
CA ILE D 61 -5.06 -8.18 17.21
C ILE D 61 -5.84 -8.02 15.87
N GLN D 62 -6.17 -6.76 15.54
CA GLN D 62 -6.85 -6.43 14.29
C GLN D 62 -6.09 -6.91 13.05
N ASP D 63 -6.79 -7.05 11.93
N ASP D 63 -6.84 -7.02 11.95
CA ASP D 63 -6.16 -7.60 10.73
CA ASP D 63 -6.32 -7.50 10.68
C ASP D 63 -4.95 -6.80 10.29
C ASP D 63 -5.02 -6.80 10.29
N ARG D 64 -5.08 -5.47 10.22
CA ARG D 64 -3.98 -4.64 9.75
C ARG D 64 -2.71 -4.73 10.61
N PHE D 65 -2.77 -5.43 11.73
CA PHE D 65 -1.58 -5.55 12.55
C PHE D 65 -1.03 -6.96 12.60
N ARG D 66 -1.90 -7.95 12.50
CA ARG D 66 -1.49 -9.34 12.61
C ARG D 66 -0.27 -9.70 11.76
N GLY D 67 -0.22 -9.20 10.54
CA GLY D 67 0.88 -9.45 9.61
C GLY D 67 2.27 -9.50 10.25
N ASP D 68 2.64 -8.44 10.95
CA ASP D 68 3.97 -8.39 11.55
C ASP D 68 4.17 -9.39 12.69
N TRP D 69 3.07 -9.80 13.32
CA TRP D 69 3.13 -10.81 14.34
C TRP D 69 3.41 -12.16 13.71
N ASP D 70 2.97 -12.32 12.47
CA ASP D 70 3.18 -13.56 11.74
C ASP D 70 4.65 -13.72 11.35
N LYS D 71 5.23 -12.64 10.83
CA LYS D 71 6.64 -12.66 10.43
C LYS D 71 7.52 -13.02 11.62
N MSE D 72 7.39 -12.27 12.70
CA MSE D 72 8.22 -12.51 13.86
C MSE D 72 7.87 -13.83 14.58
O MSE D 72 8.63 -14.31 15.42
CB MSE D 72 8.11 -11.34 14.84
CG MSE D 72 7.90 -10.00 14.19
SE MSE D 72 8.77 -8.59 15.19
CE MSE D 72 10.59 -9.01 14.60
N ASP D 73 6.72 -14.41 14.24
CA ASP D 73 6.19 -15.54 14.97
C ASP D 73 6.02 -15.15 16.45
N ALA D 74 5.24 -14.10 16.68
CA ALA D 74 4.97 -13.63 18.03
C ALA D 74 3.92 -14.50 18.69
N TRP D 75 3.10 -15.15 17.87
CA TRP D 75 2.01 -15.97 18.37
C TRP D 75 2.51 -17.12 19.24
N SER D 76 3.74 -17.56 19.02
CA SER D 76 4.22 -18.74 19.72
C SER D 76 4.71 -18.41 21.14
N LEU D 77 4.91 -17.13 21.44
CA LEU D 77 5.39 -16.70 22.76
C LEU D 77 4.37 -16.94 23.89
N THR D 78 4.86 -17.23 25.08
CA THR D 78 3.98 -17.40 26.24
C THR D 78 4.61 -16.70 27.44
N CYS D 79 3.84 -16.51 28.51
CA CYS D 79 4.40 -15.89 29.71
C CYS D 79 3.78 -16.31 31.05
N LYS D 80 4.64 -16.67 31.99
CA LYS D 80 4.25 -17.05 33.35
C LYS D 80 4.76 -16.01 34.36
N ASN D 81 3.99 -15.72 35.39
CA ASN D 81 4.46 -14.80 36.42
C ASN D 81 4.32 -15.30 37.85
N GLU D 82 5.45 -15.58 38.48
CA GLU D 82 5.52 -16.16 39.82
C GLU D 82 5.21 -15.13 40.91
N GLU D 83 5.96 -14.04 40.91
CA GLU D 83 5.80 -12.95 41.88
C GLU D 83 4.91 -11.84 41.37
N GLU D 84 3.93 -11.42 42.17
CA GLU D 84 3.12 -10.27 41.81
C GLU D 84 3.93 -8.99 42.01
N THR D 85 3.55 -7.95 41.27
CA THR D 85 4.42 -6.79 41.10
C THR D 85 3.67 -5.54 40.62
N VAL D 86 4.42 -4.46 40.47
CA VAL D 86 3.86 -3.16 40.12
C VAL D 86 4.70 -2.56 38.99
N ARG D 87 4.02 -2.00 37.98
CA ARG D 87 4.73 -1.34 36.88
C ARG D 87 4.11 0.03 36.56
N ALA D 88 4.91 0.90 35.96
CA ALA D 88 4.50 2.27 35.71
C ALA D 88 4.04 2.53 34.27
N TYR D 89 2.89 3.17 34.12
CA TYR D 89 2.39 3.60 32.82
C TYR D 89 1.81 5.01 32.90
N SER D 90 2.03 5.79 31.85
CA SER D 90 1.70 7.21 31.85
C SER D 90 0.31 7.49 31.29
N MSE D 91 -0.41 8.39 31.94
CA MSE D 91 -1.71 8.82 31.45
C MSE D 91 -1.58 9.35 30.04
O MSE D 91 -0.65 10.09 29.75
CB MSE D 91 -2.27 9.95 32.31
CG MSE D 91 -3.17 9.48 33.45
SE MSE D 91 -2.14 8.60 34.86
CE MSE D 91 -1.46 10.19 35.78
N ALA D 92 -2.51 8.98 29.17
CA ALA D 92 -2.47 9.43 27.79
C ALA D 92 -3.52 10.47 27.55
N ASN D 93 -4.53 10.54 28.42
N ASN D 93 -4.48 10.53 28.46
CA ASN D 93 -5.57 11.56 28.24
CA ASN D 93 -5.56 11.51 28.41
C ASN D 93 -5.43 12.69 29.27
C ASN D 93 -5.13 12.79 29.13
N TYR D 94 -5.84 13.89 28.89
CA TYR D 94 -5.63 15.08 29.71
C TYR D 94 -6.44 15.04 31.01
N PRO D 95 -6.00 15.82 32.03
CA PRO D 95 -6.57 15.73 33.39
C PRO D 95 -8.02 16.16 33.46
N ALA D 96 -8.49 16.82 32.41
CA ALA D 96 -9.88 17.25 32.33
C ALA D 96 -10.84 16.05 32.37
N GLU D 97 -10.31 14.88 32.01
CA GLU D 97 -11.03 13.63 32.14
C GLU D 97 -10.34 12.70 33.16
N GLY D 98 -10.85 12.69 34.38
CA GLY D 98 -10.22 11.97 35.47
C GLY D 98 -10.96 10.72 35.95
N ASN D 99 -12.03 10.33 35.25
CA ASN D 99 -12.70 9.09 35.60
C ASN D 99 -12.38 7.96 34.63
N ILE D 100 -12.12 8.31 33.38
CA ILE D 100 -11.69 7.33 32.39
C ILE D 100 -10.22 7.57 32.09
N ILE D 101 -9.36 6.64 32.51
CA ILE D 101 -7.93 6.72 32.22
C ILE D 101 -7.56 5.93 30.95
N THR D 102 -6.64 6.48 30.17
CA THR D 102 -6.17 5.83 28.96
C THR D 102 -4.67 5.54 29.07
N LEU D 103 -4.23 4.35 28.67
CA LEU D 103 -2.80 4.06 28.61
C LEU D 103 -2.31 3.80 27.19
N ASN D 104 -0.99 3.89 27.01
CA ASN D 104 -0.39 3.40 25.78
C ASN D 104 0.67 2.37 26.14
N VAL D 105 0.36 1.10 25.90
CA VAL D 105 1.25 0.02 26.33
C VAL D 105 1.96 -0.69 25.18
N ARG D 106 3.28 -0.63 25.19
CA ARG D 106 4.12 -1.36 24.25
C ARG D 106 4.21 -2.77 24.76
N ILE D 107 4.11 -3.74 23.87
CA ILE D 107 4.32 -5.13 24.25
C ILE D 107 5.83 -5.38 24.23
N ALA D 108 6.38 -5.72 25.39
CA ALA D 108 7.83 -5.93 25.52
C ALA D 108 8.24 -7.35 25.12
N THR D 109 8.43 -7.57 23.83
CA THR D 109 8.81 -8.88 23.34
C THR D 109 10.29 -9.12 23.59
N PRO D 110 10.69 -10.39 23.75
CA PRO D 110 12.10 -10.73 23.92
C PRO D 110 12.94 -10.24 22.74
N PRO D 111 14.24 -10.06 22.94
CA PRO D 111 15.10 -9.65 21.83
C PRO D 111 15.04 -10.69 20.71
N PHE D 112 15.22 -10.25 19.46
CA PHE D 112 15.28 -11.17 18.33
C PHE D 112 16.73 -11.53 17.98
N ASP D 113 17.00 -12.82 17.84
CA ASP D 113 18.36 -13.36 17.68
C ASP D 113 18.58 -13.86 16.26
N ARG D 114 19.27 -13.08 15.44
CA ARG D 114 19.30 -13.33 14.01
C ARG D 114 20.18 -14.49 13.54
N ALA D 115 20.81 -15.18 14.46
CA ALA D 115 21.71 -16.28 14.09
C ALA D 115 20.97 -17.63 14.02
N ALA D 116 19.78 -17.67 14.61
CA ALA D 116 18.90 -18.84 14.49
C ALA D 116 17.53 -18.37 13.99
N ASN D 117 17.36 -17.05 13.94
CA ASN D 117 16.15 -16.42 13.41
C ASN D 117 14.89 -16.60 14.27
N LYS D 118 15.09 -16.70 15.58
CA LYS D 118 14.00 -16.86 16.53
C LYS D 118 14.10 -15.79 17.60
N TRP D 119 13.22 -15.85 18.58
CA TRP D 119 13.44 -15.04 19.77
C TRP D 119 14.67 -15.65 20.44
N LYS D 120 15.48 -14.82 21.09
CA LYS D 120 16.62 -15.33 21.86
C LYS D 120 16.16 -16.38 22.86
N ALA D 121 16.86 -17.52 22.84
CA ALA D 121 16.46 -18.71 23.59
C ALA D 121 16.31 -18.50 25.10
N GLY D 122 15.23 -19.03 25.65
CA GLY D 122 15.01 -19.02 27.09
C GLY D 122 14.94 -17.64 27.73
N ILE D 123 14.41 -16.67 26.99
CA ILE D 123 14.18 -15.34 27.56
C ILE D 123 12.69 -15.02 27.59
N LYS D 124 12.16 -14.75 28.79
CA LYS D 124 10.75 -14.42 28.98
C LYS D 124 10.37 -13.09 28.36
N PRO D 125 9.18 -13.01 27.76
CA PRO D 125 8.69 -11.70 27.34
C PRO D 125 8.45 -10.81 28.57
N GLY D 126 8.17 -9.55 28.36
CA GLY D 126 7.92 -8.62 29.45
C GLY D 126 6.74 -8.97 30.34
N ILE D 127 7.03 -9.07 31.64
CA ILE D 127 6.07 -9.56 32.62
C ILE D 127 4.80 -8.72 32.73
N SER D 128 4.93 -7.42 32.54
CA SER D 128 3.81 -6.50 32.70
C SER D 128 3.00 -6.37 31.40
N SER D 129 3.67 -5.89 30.34
CA SER D 129 3.09 -5.79 29.02
C SER D 129 2.34 -7.04 28.65
N SER D 130 3.00 -8.18 28.81
CA SER D 130 2.38 -9.47 28.51
C SER D 130 1.08 -9.64 29.25
N TYR D 131 0.97 -9.04 30.43
CA TYR D 131 -0.26 -9.18 31.20
C TYR D 131 -1.36 -8.30 30.62
N ILE D 132 -1.08 -7.02 30.42
CA ILE D 132 -2.15 -6.15 29.96
C ILE D 132 -2.66 -6.52 28.57
N PHE D 133 -1.80 -7.10 27.74
CA PHE D 133 -2.23 -7.49 26.40
C PHE D 133 -3.23 -8.63 26.44
N SER D 134 -3.32 -9.31 27.58
CA SER D 134 -4.22 -10.45 27.67
C SER D 134 -5.62 -10.00 28.11
N LEU D 135 -5.75 -8.76 28.55
CA LEU D 135 -7.01 -8.31 29.11
C LEU D 135 -8.08 -8.03 28.06
N LYS D 136 -9.30 -8.48 28.32
CA LYS D 136 -10.44 -8.16 27.47
C LYS D 136 -11.29 -7.24 28.29
N PRO D 137 -12.15 -6.45 27.65
CA PRO D 137 -13.02 -5.56 28.42
C PRO D 137 -13.84 -6.34 29.46
N GLY D 138 -14.25 -5.66 30.52
CA GLY D 138 -14.98 -6.29 31.61
C GLY D 138 -14.09 -6.72 32.75
N ASP D 139 -12.79 -6.87 32.47
CA ASP D 139 -11.81 -7.28 33.48
C ASP D 139 -11.44 -6.18 34.46
N LYS D 140 -10.66 -6.55 35.47
CA LYS D 140 -10.40 -5.67 36.61
C LYS D 140 -8.91 -5.54 36.92
N VAL D 141 -8.43 -4.31 37.03
CA VAL D 141 -7.05 -4.09 37.45
C VAL D 141 -6.97 -3.15 38.66
N MSE D 142 -6.01 -3.40 39.54
CA MSE D 142 -5.73 -2.53 40.69
C MSE D 142 -4.80 -1.41 40.25
O MSE D 142 -3.70 -1.68 39.77
CB MSE D 142 -5.09 -3.31 41.83
CG MSE D 142 -6.03 -4.22 42.64
SE MSE D 142 -7.69 -3.35 43.23
CE MSE D 142 -7.93 -4.26 44.96
N MSE D 143 -5.21 -0.17 40.40
CA MSE D 143 -4.42 0.91 39.86
C MSE D 143 -4.30 2.11 40.80
O MSE D 143 -5.30 2.58 41.34
CB MSE D 143 -4.99 1.36 38.53
CG MSE D 143 -3.99 2.04 37.66
SE MSE D 143 -4.79 2.81 36.07
CE MSE D 143 -6.01 4.08 36.94
N SER D 144 -3.09 2.62 40.96
CA SER D 144 -2.86 3.73 41.87
C SER D 144 -2.12 4.88 41.18
N GLY D 145 -2.23 6.07 41.78
CA GLY D 145 -1.54 7.24 41.28
C GLY D 145 -2.12 8.53 41.86
N PRO D 146 -1.61 9.69 41.42
CA PRO D 146 -0.56 9.82 40.41
C PRO D 146 0.83 9.99 40.99
N TYR D 147 1.83 9.61 40.21
CA TYR D 147 3.22 9.89 40.53
C TYR D 147 3.79 10.67 39.37
N GLY D 148 5.08 11.02 39.43
CA GLY D 148 5.75 11.67 38.33
C GLY D 148 5.93 13.18 38.40
N ASP D 149 7.03 13.68 37.82
CA ASP D 149 7.37 15.09 37.89
C ASP D 149 7.50 15.74 36.54
N PHE D 150 7.31 14.93 35.50
CA PHE D 150 7.41 15.37 34.12
C PHE D 150 6.25 16.29 33.74
N HIS D 151 6.42 17.58 33.97
CA HIS D 151 5.31 18.52 33.95
C HIS D 151 5.59 19.69 33.01
N ILE D 152 4.54 20.16 32.33
CA ILE D 152 4.60 21.43 31.61
C ILE D 152 5.27 22.52 32.46
N GLN D 153 6.28 23.17 31.89
CA GLN D 153 6.89 24.32 32.52
C GLN D 153 6.05 25.58 32.30
N ASP D 154 5.89 26.38 33.36
CA ASP D 154 5.05 27.56 33.29
C ASP D 154 5.84 28.76 32.80
N THR D 155 5.93 28.91 31.49
CA THR D 155 6.69 30.01 30.88
C THR D 155 6.10 30.40 29.53
N ASP D 156 6.88 31.12 28.74
CA ASP D 156 6.35 31.81 27.56
C ASP D 156 6.97 31.25 26.28
N ALA D 157 7.85 30.26 26.43
CA ALA D 157 8.79 29.90 25.37
C ALA D 157 8.14 28.95 24.37
N GLU D 158 8.69 28.89 23.17
CA GLU D 158 8.31 27.90 22.20
C GLU D 158 8.52 26.52 22.80
N MSE D 159 7.61 25.59 22.54
CA MSE D 159 7.79 24.22 23.00
C MSE D 159 7.90 23.30 21.80
O MSE D 159 7.14 23.42 20.84
CB MSE D 159 6.61 23.77 23.83
CG MSE D 159 6.28 24.68 24.99
SE MSE D 159 4.53 24.26 25.75
CE MSE D 159 5.09 22.90 27.04
N LEU D 160 8.85 22.39 21.84
CA LEU D 160 9.00 21.42 20.77
C LEU D 160 8.95 20.00 21.32
N TYR D 161 7.96 19.25 20.88
CA TYR D 161 7.69 17.92 21.42
C TYR D 161 8.25 16.83 20.53
N ILE D 162 8.99 15.91 21.13
CA ILE D 162 9.62 14.86 20.38
C ILE D 162 9.20 13.51 20.92
N GLY D 163 8.34 12.81 20.18
CA GLY D 163 7.79 11.55 20.65
C GLY D 163 8.16 10.36 19.80
N GLY D 164 8.13 9.18 20.40
CA GLY D 164 8.34 7.94 19.69
C GLY D 164 7.76 6.77 20.46
N GLY D 165 7.07 5.87 19.76
CA GLY D 165 6.49 4.71 20.41
C GLY D 165 5.46 5.06 21.47
N ALA D 166 5.50 4.35 22.60
CA ALA D 166 4.55 4.58 23.67
C ALA D 166 4.79 5.93 24.34
N GLY D 167 5.89 6.57 23.99
CA GLY D 167 6.16 7.93 24.43
C GLY D 167 5.01 8.88 24.12
N MSE D 168 4.15 8.48 23.19
CA MSE D 168 2.99 9.27 22.83
C MSE D 168 2.22 9.72 24.06
O MSE D 168 1.63 10.80 24.09
CB MSE D 168 2.06 8.47 21.90
CG MSE D 168 0.75 9.18 21.59
SE MSE D 168 0.97 10.70 20.40
CE MSE D 168 1.57 9.75 18.80
N ALA D 169 2.24 8.88 25.10
CA ALA D 169 1.17 8.87 26.10
C ALA D 169 1.18 10.16 26.92
N PRO D 170 2.31 10.44 27.57
CA PRO D 170 2.44 11.64 28.41
C PRO D 170 2.52 12.90 27.56
N LEU D 171 3.05 12.78 26.35
CA LEU D 171 3.27 13.93 25.49
C LEU D 171 1.96 14.47 24.93
N ARG D 172 0.99 13.57 24.75
CA ARG D 172 -0.32 13.96 24.26
C ARG D 172 -1.18 14.53 25.39
N ALA D 173 -1.12 13.91 26.56
CA ALA D 173 -1.85 14.43 27.70
C ALA D 173 -1.49 15.90 27.86
N GLN D 174 -0.20 16.21 27.79
CA GLN D 174 0.27 17.59 27.90
C GLN D 174 -0.30 18.44 26.77
N ILE D 175 -0.17 17.93 25.55
CA ILE D 175 -0.60 18.70 24.38
C ILE D 175 -2.12 18.96 24.38
N LEU D 176 -2.92 17.95 24.75
CA LEU D 176 -4.36 18.15 24.97
C LEU D 176 -4.62 19.10 26.12
N HIS D 177 -3.89 18.95 27.22
CA HIS D 177 -4.04 19.90 28.31
C HIS D 177 -3.69 21.31 27.82
N LEU D 178 -2.66 21.42 26.99
CA LEU D 178 -2.22 22.72 26.55
C LEU D 178 -3.23 23.37 25.66
N PHE D 179 -4.01 22.58 24.93
CA PHE D 179 -4.87 23.19 23.91
C PHE D 179 -6.35 23.11 24.15
N ARG D 180 -6.83 21.94 24.54
CA ARG D 180 -8.25 21.82 24.85
C ARG D 180 -8.57 22.55 26.16
N THR D 181 -7.73 22.39 27.17
CA THR D 181 -8.00 22.97 28.48
C THR D 181 -7.45 24.39 28.66
N LEU D 182 -6.19 24.62 28.34
CA LEU D 182 -5.59 25.94 28.56
C LEU D 182 -5.75 26.88 27.37
N LYS D 183 -5.97 26.32 26.19
CA LYS D 183 -6.04 27.11 24.95
C LYS D 183 -4.84 28.06 24.81
N THR D 184 -3.65 27.48 24.89
CA THR D 184 -2.41 28.27 24.91
C THR D 184 -2.19 29.14 23.68
N GLY D 185 -1.35 30.16 23.84
CA GLY D 185 -0.94 31.01 22.73
C GLY D 185 0.54 30.79 22.46
N ARG D 186 1.12 29.83 23.19
CA ARG D 186 2.50 29.46 22.98
C ARG D 186 2.65 28.84 21.59
N LYS D 187 3.87 28.92 21.04
CA LYS D 187 4.18 28.21 19.82
C LYS D 187 4.56 26.76 20.17
N VAL D 188 3.89 25.81 19.54
CA VAL D 188 4.10 24.40 19.86
C VAL D 188 4.17 23.52 18.62
N SER D 189 5.19 22.67 18.58
CA SER D 189 5.30 21.69 17.52
C SER D 189 5.45 20.33 18.17
N TYR D 190 4.78 19.33 17.60
CA TYR D 190 4.95 17.96 18.04
C TYR D 190 5.53 17.17 16.88
N TRP D 191 6.72 16.61 17.07
CA TRP D 191 7.36 15.79 16.05
C TRP D 191 7.39 14.34 16.52
N TYR D 192 6.59 13.50 15.89
CA TYR D 192 6.50 12.09 16.27
C TYR D 192 7.09 11.19 15.20
N GLY D 193 7.95 10.27 15.62
CA GLY D 193 8.59 9.35 14.69
C GLY D 193 8.13 7.91 14.88
N ALA D 194 7.89 7.23 13.77
CA ALA D 194 7.47 5.83 13.82
C ALA D 194 7.99 5.06 12.60
N ARG D 195 7.82 3.75 12.61
CA ARG D 195 8.42 2.88 11.61
C ARG D 195 7.85 3.16 10.23
N SER D 196 6.53 2.98 10.10
CA SER D 196 5.83 3.36 8.88
C SER D 196 4.48 4.00 9.20
N LYS D 197 3.67 4.18 8.16
CA LYS D 197 2.40 4.90 8.30
C LYS D 197 1.43 4.14 9.18
N ASN D 198 1.56 2.82 9.20
CA ASN D 198 0.58 1.95 9.85
C ASN D 198 0.69 1.99 11.37
N GLU D 199 1.77 2.60 11.86
CA GLU D 199 2.02 2.65 13.29
C GLU D 199 1.72 4.03 13.86
N ILE D 200 1.15 4.88 13.03
CA ILE D 200 0.74 6.21 13.48
C ILE D 200 -0.67 6.18 14.03
N PHE D 201 -0.83 6.76 15.22
CA PHE D 201 -2.13 6.79 15.85
C PHE D 201 -2.34 8.11 16.58
N TYR D 202 -3.61 8.49 16.72
CA TYR D 202 -3.97 9.77 17.30
C TYR D 202 -3.78 10.94 16.34
N GLU D 203 -3.44 10.66 15.07
CA GLU D 203 -3.18 11.76 14.13
C GLU D 203 -4.34 12.73 13.99
N GLU D 204 -5.55 12.23 13.77
CA GLU D 204 -6.66 13.12 13.52
C GLU D 204 -6.93 14.02 14.72
N ASP D 205 -6.39 13.63 15.89
CA ASP D 205 -6.54 14.43 17.11
C ASP D 205 -5.75 15.72 17.05
N PHE D 206 -4.56 15.64 16.47
CA PHE D 206 -3.71 16.80 16.37
C PHE D 206 -4.06 17.63 15.13
N ARG D 207 -4.60 16.99 14.10
CA ARG D 207 -5.09 17.73 12.95
C ARG D 207 -6.24 18.66 13.38
N GLU D 208 -7.02 18.22 14.36
CA GLU D 208 -8.11 19.06 14.86
C GLU D 208 -7.52 20.26 15.59
N ILE D 209 -6.66 19.97 16.56
CA ILE D 209 -5.95 21.01 17.29
C ILE D 209 -5.25 21.99 16.37
N GLU D 210 -4.59 21.48 15.34
CA GLU D 210 -3.77 22.35 14.52
C GLU D 210 -4.64 23.16 13.57
N ARG D 211 -5.83 22.62 13.29
CA ARG D 211 -6.77 23.26 12.37
C ARG D 211 -7.36 24.49 13.05
N GLU D 212 -7.48 24.44 14.36
CA GLU D 212 -8.05 25.53 15.15
C GLU D 212 -6.99 26.43 15.78
N PHE D 213 -5.79 25.92 15.95
CA PHE D 213 -4.68 26.71 16.47
C PHE D 213 -3.53 26.82 15.47
N PRO D 214 -3.35 28.02 14.90
CA PRO D 214 -2.27 28.28 13.96
C PRO D 214 -0.90 28.07 14.63
N ASN D 215 -0.84 28.22 15.94
CA ASN D 215 0.42 28.13 16.67
C ASN D 215 0.79 26.70 17.08
N PHE D 216 0.08 25.72 16.53
CA PHE D 216 0.43 24.32 16.72
C PHE D 216 0.68 23.68 15.38
N LYS D 217 1.70 22.83 15.34
CA LYS D 217 2.03 22.06 14.14
C LYS D 217 2.37 20.64 14.56
N PHE D 218 1.81 19.66 13.86
CA PHE D 218 2.09 18.26 14.16
C PHE D 218 2.79 17.59 12.99
N HIS D 219 4.01 17.09 13.21
CA HIS D 219 4.78 16.50 12.13
C HIS D 219 5.05 15.04 12.37
N ILE D 220 4.74 14.23 11.37
CA ILE D 220 5.10 12.82 11.38
C ILE D 220 6.40 12.56 10.60
N ALA D 221 7.28 11.77 11.19
CA ALA D 221 8.48 11.30 10.50
C ALA D 221 8.54 9.78 10.46
N LEU D 222 8.46 9.21 9.26
CA LEU D 222 8.53 7.77 9.08
C LEU D 222 9.95 7.31 8.79
N SER D 223 10.40 6.30 9.53
CA SER D 223 11.79 5.89 9.49
C SER D 223 12.03 4.77 8.49
N ASP D 224 11.06 3.86 8.40
CA ASP D 224 11.12 2.77 7.43
C ASP D 224 9.83 2.68 6.62
N PRO D 225 9.51 3.76 5.90
CA PRO D 225 8.19 3.91 5.29
C PRO D 225 7.92 2.82 4.26
N GLN D 226 6.65 2.51 4.04
CA GLN D 226 6.28 1.31 3.30
C GLN D 226 5.51 1.68 2.02
N PRO D 227 5.67 0.84 1.00
CA PRO D 227 5.02 1.08 -0.30
C PRO D 227 3.52 1.31 -0.13
N GLU D 228 2.90 0.59 0.80
CA GLU D 228 1.48 0.75 1.08
C GLU D 228 1.14 2.17 1.51
N ASP D 229 2.16 2.89 1.94
CA ASP D 229 1.98 4.19 2.59
C ASP D 229 1.87 5.32 1.58
N ASN D 230 2.52 5.18 0.44
CA ASN D 230 2.53 6.24 -0.57
C ASN D 230 2.98 7.56 0.04
N TRP D 231 4.03 7.46 0.82
CA TRP D 231 4.37 8.51 1.76
C TRP D 231 5.13 9.61 1.09
N THR D 232 4.68 10.83 1.33
CA THR D 232 5.20 12.03 0.72
C THR D 232 5.87 12.91 1.76
N GLY D 233 5.68 12.57 3.02
CA GLY D 233 6.15 13.40 4.12
C GLY D 233 7.58 13.12 4.57
N TYR D 234 7.94 13.65 5.73
CA TYR D 234 9.32 13.55 6.17
C TYR D 234 9.72 12.11 6.44
N VAL D 235 10.88 11.71 5.91
CA VAL D 235 11.38 10.36 6.15
C VAL D 235 12.74 10.44 6.79
N GLY D 236 12.98 9.59 7.79
CA GLY D 236 14.27 9.57 8.45
C GLY D 236 14.20 9.35 9.96
N PHE D 237 15.31 9.57 10.66
CA PHE D 237 15.30 9.52 12.11
C PHE D 237 14.64 10.78 12.62
N ILE D 238 13.92 10.68 13.73
CA ILE D 238 13.26 11.85 14.28
C ILE D 238 14.18 13.07 14.40
N HIS D 239 15.32 12.91 15.06
CA HIS D 239 16.19 14.03 15.37
C HIS D 239 16.71 14.65 14.09
N GLN D 240 16.99 13.80 13.10
CA GLN D 240 17.45 14.25 11.78
C GLN D 240 16.41 15.09 11.07
N VAL D 241 15.15 14.69 11.16
CA VAL D 241 14.09 15.38 10.47
C VAL D 241 13.90 16.72 11.11
N ILE D 242 14.00 16.75 12.42
CA ILE D 242 13.86 17.99 13.17
C ILE D 242 15.01 18.96 12.84
N TYR D 243 16.23 18.44 12.82
CA TYR D 243 17.39 19.23 12.45
C TYR D 243 17.29 19.74 11.02
N ASP D 244 17.05 18.82 10.09
CA ASP D 244 17.09 19.15 8.67
C ASP D 244 16.08 20.23 8.32
N ASN D 245 14.86 20.07 8.83
CA ASN D 245 13.72 20.87 8.35
C ASN D 245 13.53 22.14 9.16
N TYR D 246 13.57 22.01 10.48
CA TYR D 246 13.18 23.09 11.38
C TYR D 246 14.41 23.75 12.01
N LEU D 247 15.21 22.95 12.70
CA LEU D 247 16.10 23.47 13.74
C LEU D 247 17.35 24.09 13.11
N LYS D 248 17.81 23.53 12.01
CA LYS D 248 19.00 24.02 11.33
C LYS D 248 18.82 25.47 10.88
N ASP D 249 17.58 25.83 10.56
CA ASP D 249 17.30 27.14 9.99
C ASP D 249 16.56 28.03 11.01
N HIS D 250 16.57 27.60 12.26
CA HIS D 250 15.92 28.35 13.33
C HIS D 250 16.83 29.46 13.84
N ASP D 251 16.23 30.54 14.33
CA ASP D 251 16.99 31.68 14.85
C ASP D 251 17.61 31.35 16.20
N ALA D 252 16.79 30.87 17.12
CA ALA D 252 17.20 30.73 18.52
C ALA D 252 16.83 29.35 19.07
N PRO D 253 17.59 28.34 18.67
CA PRO D 253 17.31 26.96 19.08
C PRO D 253 17.42 26.77 20.59
N GLU D 254 18.08 27.72 21.25
CA GLU D 254 18.45 27.56 22.65
C GLU D 254 17.41 28.18 23.57
N ASP D 255 16.40 28.81 22.98
CA ASP D 255 15.30 29.38 23.75
C ASP D 255 14.10 28.45 23.77
N ILE D 256 14.20 27.34 23.04
CA ILE D 256 13.10 26.39 22.93
C ILE D 256 13.16 25.40 24.08
N GLU D 257 12.04 25.18 24.75
CA GLU D 257 11.92 24.07 25.69
C GLU D 257 11.59 22.78 24.95
N TYR D 258 12.45 21.78 25.12
CA TYR D 258 12.25 20.51 24.45
C TYR D 258 11.58 19.50 25.37
N TYR D 259 10.46 18.97 24.93
CA TYR D 259 9.79 17.97 25.73
C TYR D 259 9.83 16.66 25.00
N MSE D 260 10.57 15.69 25.54
CA MSE D 260 10.74 14.45 24.82
C MSE D 260 10.51 13.16 25.61
O MSE D 260 10.89 13.06 26.77
CB MSE D 260 12.11 14.43 24.20
CG MSE D 260 12.74 13.08 24.20
SE MSE D 260 14.51 13.23 23.44
CE MSE D 260 14.07 12.57 21.66
N CYS D 261 9.89 12.20 24.96
CA CYS D 261 9.67 10.87 25.51
C CYS D 261 9.62 9.79 24.41
N GLY D 262 10.50 8.78 24.55
CA GLY D 262 10.62 7.72 23.57
C GLY D 262 11.76 6.76 23.88
N PRO D 263 11.97 5.78 22.99
CA PRO D 263 12.97 4.72 23.16
C PRO D 263 14.37 5.28 23.36
N GLY D 264 15.21 4.54 24.06
CA GLY D 264 16.55 4.99 24.40
C GLY D 264 17.43 5.55 23.30
N PRO D 265 17.69 4.76 22.24
CA PRO D 265 18.47 5.28 21.11
C PRO D 265 17.87 6.54 20.47
N MSE D 266 16.55 6.68 20.45
CA MSE D 266 15.94 7.88 19.90
C MSE D 266 16.27 9.10 20.75
O MSE D 266 16.62 10.17 20.22
CB MSE D 266 14.42 7.69 19.77
CG MSE D 266 13.71 8.87 19.10
SE MSE D 266 12.03 9.39 19.96
CE MSE D 266 12.64 9.64 21.80
N ALA D 267 16.15 8.94 22.08
CA ALA D 267 16.51 9.97 23.06
C ALA D 267 17.99 10.37 23.00
N ASN D 268 18.86 9.38 22.87
CA ASN D 268 20.28 9.68 22.80
C ASN D 268 20.74 10.34 21.50
N ALA D 269 20.29 9.82 20.37
CA ALA D 269 20.54 10.47 19.10
C ALA D 269 20.13 11.94 19.20
N VAL D 270 19.03 12.21 19.92
CA VAL D 270 18.55 13.58 20.09
C VAL D 270 19.49 14.40 20.95
N LYS D 271 19.88 13.87 22.10
CA LYS D 271 20.85 14.56 22.94
C LYS D 271 22.08 14.99 22.14
N GLY D 272 22.62 14.08 21.35
CA GLY D 272 23.81 14.35 20.57
C GLY D 272 23.60 15.42 19.50
N MSE D 273 22.43 15.40 18.87
CA MSE D 273 22.09 16.45 17.93
C MSE D 273 21.96 17.79 18.66
O MSE D 273 22.46 18.81 18.19
CB MSE D 273 20.79 16.08 17.21
CG MSE D 273 20.34 17.06 16.13
SE MSE D 273 19.04 18.39 16.76
CE MSE D 273 17.64 17.16 17.36
N LEU D 274 21.31 17.78 19.82
CA LEU D 274 21.11 19.00 20.59
C LEU D 274 22.41 19.57 21.16
N GLU D 275 23.36 18.70 21.48
CA GLU D 275 24.64 19.16 22.00
C GLU D 275 25.36 19.96 20.92
N ASN D 276 25.46 19.37 19.74
CA ASN D 276 26.12 20.02 18.64
C ASN D 276 25.43 21.33 18.26
N LEU D 277 24.12 21.38 18.42
CA LEU D 277 23.38 22.62 18.16
C LEU D 277 23.71 23.70 19.18
N GLY D 278 24.21 23.28 20.33
CA GLY D 278 24.52 24.18 21.43
C GLY D 278 23.33 24.60 22.27
N VAL D 279 22.33 23.74 22.42
CA VAL D 279 21.24 24.03 23.34
C VAL D 279 21.64 23.45 24.66
N PRO D 280 21.51 24.25 25.73
CA PRO D 280 21.88 23.90 27.11
C PRO D 280 21.05 22.72 27.59
N ARG D 281 21.66 21.83 28.36
CA ARG D 281 20.95 20.65 28.76
C ARG D 281 19.73 20.93 29.64
N ASN D 282 19.65 22.14 30.19
CA ASN D 282 18.58 22.48 31.11
C ASN D 282 17.31 22.82 30.37
N MSE D 283 17.38 22.74 29.04
CA MSE D 283 16.25 23.06 28.19
C MSE D 283 15.57 21.79 27.67
O MSE D 283 14.67 21.86 26.84
CB MSE D 283 16.69 23.92 26.99
CG MSE D 283 17.27 25.27 27.40
SE MSE D 283 15.93 26.46 28.19
CE MSE D 283 14.83 26.82 26.60
N LEU D 284 16.01 20.66 28.18
CA LEU D 284 15.51 19.37 27.73
C LEU D 284 14.85 18.61 28.87
N PHE D 285 13.55 18.37 28.74
CA PHE D 285 12.80 17.67 29.75
C PHE D 285 12.41 16.32 29.23
N PHE D 286 13.17 15.30 29.59
CA PHE D 286 13.01 13.98 29.02
C PHE D 286 12.34 13.07 30.02
N ASP D 287 11.21 12.49 29.63
CA ASP D 287 10.56 11.46 30.44
C ASP D 287 11.05 10.07 30.07
N ASP D 288 11.88 9.51 30.95
CA ASP D 288 12.54 8.23 30.71
C ASP D 288 11.65 7.05 31.13
N PHE D 289 11.26 6.23 30.15
CA PHE D 289 10.51 4.99 30.42
C PHE D 289 11.48 3.89 30.85
S SO4 E . -15.61 7.53 -3.93
O1 SO4 E . -16.66 7.16 -4.88
O2 SO4 E . -16.06 7.08 -2.62
O3 SO4 E . -14.37 6.85 -4.25
O4 SO4 E . -15.40 8.98 -3.90
S SO4 F . -17.22 -2.10 -4.28
O1 SO4 F . -16.15 -1.87 -5.25
O2 SO4 F . -17.47 -3.53 -4.17
O3 SO4 F . -16.82 -1.59 -2.97
O4 SO4 F . -18.42 -1.42 -4.75
S SO4 G . -10.06 8.34 -1.96
O1 SO4 G . -9.12 8.07 -3.06
O2 SO4 G . -11.42 8.17 -2.47
O3 SO4 G . -9.73 7.43 -0.86
O4 SO4 G . -9.92 9.72 -1.53
PA FAD H . -12.08 6.85 -30.48
O1A FAD H . -13.01 5.89 -31.21
O2A FAD H . -12.05 8.27 -31.05
O5B FAD H . -10.57 6.25 -30.43
C5B FAD H . -10.28 5.05 -29.73
C4B FAD H . -8.79 4.95 -29.44
O4B FAD H . -8.06 4.95 -30.66
C3B FAD H . -8.28 6.11 -28.61
O3B FAD H . -7.52 5.61 -27.54
C2B FAD H . -7.38 6.91 -29.54
O2B FAD H . -6.26 7.39 -28.83
C1B FAD H . -6.98 5.87 -30.58
N9A FAD H . -6.63 6.45 -31.91
C8A FAD H . -7.34 7.36 -32.67
N7A FAD H . -6.67 7.59 -33.82
C5A FAD H . -5.53 6.84 -33.82
C6A FAD H . -4.46 6.69 -34.73
N6A FAD H . -4.42 7.43 -35.83
N1A FAD H . -3.42 5.83 -34.44
C2A FAD H . -3.41 5.12 -33.25
N3A FAD H . -4.45 5.26 -32.35
C4A FAD H . -5.49 6.12 -32.62
N1 FAD H . -16.62 0.83 -24.17
C2 FAD H . -16.75 1.05 -22.82
O2 FAD H . -15.90 1.71 -22.26
N3 FAD H . -17.82 0.50 -22.13
C4 FAD H . -18.79 -0.26 -22.79
O4 FAD H . -19.78 -0.76 -22.22
C4X FAD H . -18.65 -0.45 -24.15
N5 FAD H . -19.60 -1.20 -24.81
C5X FAD H . -19.45 -1.41 -26.17
C6 FAD H . -20.41 -2.17 -26.83
C7 FAD H . -20.31 -2.40 -28.19
C7M FAD H . -21.38 -3.23 -28.86
C8 FAD H . -19.23 -1.85 -28.89
C8M FAD H . -19.09 -2.09 -30.36
C9 FAD H . -18.28 -1.10 -28.23
C9A FAD H . -18.38 -0.86 -26.86
N10 FAD H . -17.43 -0.11 -26.20
C10 FAD H . -17.57 0.09 -24.84
C1' FAD H . -16.36 0.67 -26.91
C2' FAD H . -16.87 2.08 -27.12
O2' FAD H . -18.02 2.04 -27.94
C3' FAD H . -15.83 2.98 -27.78
O3' FAD H . -15.17 2.31 -28.84
C4' FAD H . -14.84 3.47 -26.73
O4' FAD H . -15.54 4.35 -25.90
C5' FAD H . -13.69 4.24 -27.37
O5' FAD H . -14.24 5.11 -28.34
P FAD H . -13.87 6.67 -28.30
O1P FAD H . -14.83 7.46 -29.17
O2P FAD H . -13.86 7.16 -26.87
O3P FAD H . -12.39 6.75 -28.90
S SO4 I . 8.46 -40.98 -7.41
O1 SO4 I . 9.27 -42.10 -7.88
O2 SO4 I . 7.41 -41.45 -6.52
O3 SO4 I . 9.31 -40.05 -6.68
O4 SO4 I . 7.87 -40.23 -8.52
S SO4 J . 12.20 -37.06 -10.33
O1 SO4 J . 12.19 -38.50 -10.61
O2 SO4 J . 12.41 -36.83 -8.90
O3 SO4 J . 13.30 -36.45 -11.07
O4 SO4 J . 10.95 -36.45 -10.78
PA FAD K . 13.86 -35.77 18.14
O1A FAD K . 12.79 -35.68 19.20
O2A FAD K . 14.97 -36.78 18.46
O5B FAD K . 14.49 -34.31 17.89
C5B FAD K . 13.66 -33.17 17.90
C4B FAD K . 14.36 -32.05 17.14
O4B FAD K . 15.13 -31.25 18.02
C3B FAD K . 15.31 -32.66 16.11
O3B FAD K . 15.24 -31.97 14.89
C2B FAD K . 16.68 -32.51 16.75
O2B FAD K . 17.68 -32.34 15.76
C1B FAD K . 16.50 -31.30 17.66
N9A FAD K . 17.36 -31.40 18.87
C8A FAD K . 17.83 -32.55 19.46
N7A FAD K . 18.59 -32.21 20.52
C5A FAD K . 18.60 -30.86 20.62
C6A FAD K . 19.23 -30.00 21.53
N6A FAD K . 20.18 -30.48 22.34
N1A FAD K . 19.07 -28.62 21.37
C2A FAD K . 18.30 -28.11 20.34
N3A FAD K . 17.69 -28.98 19.45
C4A FAD K . 17.84 -30.32 19.59
N1 FAD K . 5.64 -36.27 13.09
C2 FAD K . 5.64 -36.53 11.74
O2 FAD K . 6.64 -36.24 11.08
N3 FAD K . 4.53 -37.13 11.18
C4 FAD K . 3.42 -37.46 11.94
O4 FAD K . 2.43 -37.99 11.43
C4X FAD K . 3.43 -37.20 13.29
N5 FAD K . 2.35 -37.51 14.07
C5X FAD K . 2.38 -37.22 15.43
C6 FAD K . 1.29 -37.54 16.25
C7 FAD K . 1.32 -37.26 17.60
C7M FAD K . 0.15 -37.60 18.46
C8 FAD K . 2.45 -36.65 18.17
C8M FAD K . 2.51 -36.34 19.64
C9 FAD K . 3.54 -36.34 17.36
C9A FAD K . 3.50 -36.63 15.99
N10 FAD K . 4.60 -36.33 15.19
C10 FAD K . 4.54 -36.60 13.86
C1' FAD K . 5.95 -36.05 15.80
C2' FAD K . 6.73 -37.33 16.15
O2' FAD K . 6.18 -37.98 17.27
C3' FAD K . 8.20 -36.98 16.42
O3' FAD K . 8.29 -36.02 17.45
C4' FAD K . 8.92 -36.46 15.18
O4' FAD K . 9.08 -37.48 14.22
C5' FAD K . 10.29 -35.98 15.57
O5' FAD K . 10.77 -36.88 16.54
P FAD K . 12.29 -37.37 16.42
O1P FAD K . 12.59 -38.42 17.47
O2P FAD K . 12.57 -37.86 15.02
O3P FAD K . 13.13 -36.04 16.72
S SO4 L . 29.22 29.69 -7.92
O1 SO4 L . 28.27 30.41 -8.77
O2 SO4 L . 28.72 28.37 -7.60
O3 SO4 L . 30.52 29.55 -8.58
O4 SO4 L . 29.33 30.49 -6.70
S SO4 M . 31.17 24.29 -8.27
O1 SO4 M . 30.63 23.67 -9.48
O2 SO4 M . 31.38 23.25 -7.27
O3 SO4 M . 32.43 24.97 -8.60
O4 SO4 M . 30.21 25.29 -7.78
S SO4 N . 20.51 29.39 -1.75
O1 SO4 N . 21.40 29.51 -2.91
O2 SO4 N . 19.52 28.36 -2.07
O3 SO4 N . 21.27 28.96 -0.57
O4 SO4 N . 19.90 30.68 -1.48
S SO4 O . 19.41 36.41 9.20
O1 SO4 O . 18.40 35.53 8.62
O2 SO4 O . 19.15 36.57 10.62
O3 SO4 O . 20.70 35.78 8.99
O4 SO4 O . 19.34 37.73 8.53
PA FAD P . 12.15 28.05 -28.92
O1A FAD P . 10.82 28.77 -28.85
O2A FAD P . 13.00 28.46 -30.12
O5B FAD P . 11.88 26.45 -28.98
C5B FAD P . 10.97 25.84 -28.09
C4B FAD P . 11.36 24.37 -27.89
O4B FAD P . 10.93 23.58 -28.98
C3B FAD P . 12.86 24.18 -27.80
O3B FAD P . 13.12 23.16 -26.86
C2B FAD P . 13.26 23.74 -29.19
O2B FAD P . 14.41 22.93 -29.18
C1B FAD P . 12.05 22.92 -29.57
N9A FAD P . 11.87 22.83 -31.02
C8A FAD P . 12.28 23.72 -31.98
N7A FAD P . 11.87 23.23 -33.19
C5A FAD P . 11.20 22.06 -33.00
C6A FAD P . 10.58 21.15 -33.86
N6A FAD P . 10.77 21.23 -35.20
N1A FAD P . 9.97 20.02 -33.32
C2A FAD P . 9.97 19.78 -31.96
N3A FAD P . 10.60 20.67 -31.11
C4A FAD P . 11.19 21.79 -31.62
N1 FAD P . 11.17 31.11 -19.78
C2 FAD P . 12.19 31.06 -18.86
O2 FAD P . 13.07 30.24 -19.05
N3 FAD P . 12.20 31.91 -17.78
C4 FAD P . 11.17 32.84 -17.59
O4 FAD P . 11.20 33.62 -16.62
C4X FAD P . 10.15 32.89 -18.53
N5 FAD P . 9.11 33.78 -18.40
C5X FAD P . 8.10 33.81 -19.34
C6 FAD P . 7.06 34.73 -19.19
C7 FAD P . 6.04 34.76 -20.14
C7M FAD P . 4.91 35.75 -19.98
C8 FAD P . 6.06 33.89 -21.23
C8M FAD P . 4.95 33.93 -22.23
C9 FAD P . 7.10 32.98 -21.38
C9A FAD P . 8.11 32.94 -20.42
N10 FAD P . 9.15 32.04 -20.56
C10 FAD P . 10.16 32.02 -19.63
C1' FAD P . 9.35 31.27 -21.83
C2' FAD P . 10.30 32.00 -22.76
O2' FAD P . 9.63 33.13 -23.26
C3' FAD P . 10.77 31.13 -23.92
O3' FAD P . 9.66 30.58 -24.60
C4' FAD P . 11.71 29.99 -23.51
O4' FAD P . 12.91 30.57 -23.00
C5' FAD P . 12.03 29.07 -24.68
O5' FAD P . 12.20 29.87 -25.82
P FAD P . 13.37 29.64 -26.89
O1P FAD P . 13.40 30.73 -27.93
O2P FAD P . 14.72 29.53 -26.22
O3P FAD P . 12.90 28.23 -27.50
S SO4 Q . -10.33 -0.38 15.13
O1 SO4 Q . -11.13 -1.60 15.12
O2 SO4 Q . -10.10 0.06 16.51
O3 SO4 Q . -9.06 -0.65 14.48
O4 SO4 Q . -11.00 0.69 14.40
S SO4 R . -6.10 8.01 13.87
O1 SO4 R . -6.56 6.89 13.05
O2 SO4 R . -6.38 7.69 15.27
O3 SO4 R . -4.66 8.18 13.69
O4 SO4 R . -6.78 9.24 13.49
PA FAD S . 9.90 -6.71 31.84
O1A FAD S . 10.24 -5.73 32.95
O2A FAD S . 9.41 -8.05 32.36
O5B FAD S . 11.15 -6.96 30.85
C5B FAD S . 11.45 -5.97 29.88
C4B FAD S . 12.16 -6.63 28.71
O4B FAD S . 13.30 -7.32 29.19
C3B FAD S . 11.27 -7.65 28.01
O3B FAD S . 11.15 -7.31 26.64
C2B FAD S . 12.00 -8.98 28.16
O2B FAD S . 11.95 -9.69 26.95
C1B FAD S . 13.43 -8.53 28.48
N9A FAD S . 14.22 -9.52 29.24
C8A FAD S . 13.89 -10.19 30.39
N7A FAD S . 14.93 -10.99 30.73
C5A FAD S . 15.94 -10.83 29.83
C6A FAD S . 17.21 -11.37 29.70
N6A FAD S . 17.55 -12.45 30.41
N1A FAD S . 18.03 -11.00 28.64
C2A FAD S . 17.58 -10.08 27.70
N3A FAD S . 16.32 -9.53 27.84
C4A FAD S . 15.50 -9.90 28.88
N1 FAD S . 5.63 1.74 29.14
C2 FAD S . 4.61 1.83 28.24
O2 FAD S . 4.46 0.90 27.44
N3 FAD S . 3.77 2.93 28.23
C4 FAD S . 3.93 3.95 29.13
O4 FAD S . 3.18 4.93 29.14
C4X FAD S . 4.98 3.86 30.05
N5 FAD S . 5.19 4.86 30.98
C5X FAD S . 6.22 4.75 31.87
C6 FAD S . 6.43 5.78 32.79
C7 FAD S . 7.46 5.71 33.72
C7M FAD S . 7.67 6.82 34.72
C8 FAD S . 8.28 4.59 33.72
C8M FAD S . 9.40 4.49 34.70
C9 FAD S . 8.09 3.58 32.79
C9A FAD S . 7.06 3.64 31.86
N10 FAD S . 6.85 2.63 30.94
C10 FAD S . 5.82 2.75 30.04
C1' FAD S . 7.64 1.35 30.94
C2' FAD S . 6.97 0.30 31.83
O2' FAD S . 7.01 0.72 33.17
C3' FAD S . 7.61 -1.08 31.71
O3' FAD S . 8.97 -1.08 32.08
C4' FAD S . 7.50 -1.66 30.31
O4' FAD S . 6.14 -1.78 30.01
C5' FAD S . 8.17 -3.03 30.27
O5' FAD S . 7.79 -3.75 31.42
P FAD S . 7.49 -5.34 31.37
O1P FAD S . 7.13 -5.89 32.73
O2P FAD S . 6.42 -5.70 30.39
O3P FAD S . 8.87 -5.97 30.85
#